data_7U6J
#
_entry.id   7U6J
#
_cell.length_a   70.241
_cell.length_b   136.079
_cell.length_c   116.240
_cell.angle_alpha   90.000
_cell.angle_beta   100.020
_cell.angle_gamma   90.000
#
_symmetry.space_group_name_H-M   'P 1 21 1'
#
loop_
_entity.id
_entity.type
_entity.pdbx_description
1 polymer 'Halogenase B'
2 non-polymer 'SUCCINIC ACID'
3 non-polymer LYSINE
4 water water
#
_entity_poly.entity_id   1
_entity_poly.type   'polypeptide(L)'
_entity_poly.pdbx_seq_one_letter_code
;MTENSITAANVEELIAKNIAERFADDHEVLGLSQHFRREGYVKLPGLVSPEVFDAVAAETHQLIDTHQKRIDIRLKETGD
SPRYMSTVGQKAIATDGSLIPAVYESTALKGFLSRLAKEEVMGCPWDEEKYIITRQHQKGDTHGWHWGDFSFTVIWLIEA
PSLEYGGMLQCIPHTDWNKDDPRVEDYLQKHPIRSYGHAKGDLYLLRSDTTLHRTVPLNADRTRIILNTCWASRADQQKA
TTHETMNAMFD
;
_entity_poly.pdbx_strand_id   A,B,C,D,E,F,G,H
#
loop_
_chem_comp.id
_chem_comp.type
_chem_comp.name
_chem_comp.formula
SIN non-polymer 'SUCCINIC ACID' 'C4 H6 O4'
#
# COMPACT_ATOMS: atom_id res chain seq x y z
N SER A 5 7.54 -4.76 -9.66
CA SER A 5 7.20 -6.01 -10.36
C SER A 5 7.79 -6.02 -11.76
N ILE A 6 7.53 -4.97 -12.53
CA ILE A 6 8.17 -4.80 -13.84
C ILE A 6 9.46 -4.02 -13.64
N THR A 7 10.56 -4.57 -14.13
CA THR A 7 11.90 -4.04 -13.89
C THR A 7 12.67 -4.05 -15.19
N ALA A 8 13.83 -3.37 -15.17
CA ALA A 8 14.72 -3.40 -16.32
C ALA A 8 15.13 -4.82 -16.71
N ALA A 9 15.08 -5.77 -15.76
CA ALA A 9 15.54 -7.12 -16.04
C ALA A 9 14.46 -8.01 -16.65
N ASN A 10 13.17 -7.68 -16.49
CA ASN A 10 12.13 -8.51 -17.10
C ASN A 10 11.27 -7.77 -18.12
N VAL A 11 11.54 -6.49 -18.39
CA VAL A 11 10.61 -5.74 -19.24
C VAL A 11 10.77 -6.14 -20.71
N GLU A 12 11.97 -6.56 -21.12
CA GLU A 12 12.18 -6.89 -22.53
C GLU A 12 11.32 -8.06 -22.95
N GLU A 13 11.24 -9.10 -22.12
CA GLU A 13 10.42 -10.26 -22.45
C GLU A 13 8.94 -9.89 -22.52
N LEU A 14 8.49 -9.01 -21.63
CA LEU A 14 7.10 -8.57 -21.67
C LEU A 14 6.81 -7.75 -22.93
N ILE A 15 7.76 -6.91 -23.34
CA ILE A 15 7.56 -6.13 -24.57
C ILE A 15 7.47 -7.05 -25.78
N ALA A 16 8.34 -8.07 -25.85
CA ALA A 16 8.32 -8.99 -26.99
C ALA A 16 7.04 -9.83 -27.01
N LYS A 17 6.60 -10.33 -25.86
CA LYS A 17 5.37 -11.11 -25.81
C LYS A 17 4.16 -10.28 -26.24
N ASN A 18 4.08 -9.03 -25.79
CA ASN A 18 2.95 -8.20 -26.21
C ASN A 18 2.97 -7.93 -27.71
N ILE A 19 4.14 -7.62 -28.26
CA ILE A 19 4.21 -7.35 -29.70
C ILE A 19 3.80 -8.59 -30.50
N ALA A 20 4.28 -9.77 -30.09
CA ALA A 20 3.90 -11.00 -30.79
C ALA A 20 2.39 -11.23 -30.82
N GLU A 21 1.68 -10.87 -29.73
CA GLU A 21 0.24 -11.04 -29.70
C GLU A 21 -0.49 -9.87 -30.37
N ARG A 22 -0.13 -8.64 -30.01
CA ARG A 22 -0.90 -7.48 -30.42
C ARG A 22 -0.83 -7.27 -31.92
N PHE A 23 0.31 -7.54 -32.54
CA PHE A 23 0.53 -7.25 -33.95
C PHE A 23 0.64 -8.50 -34.81
N ALA A 24 -0.12 -9.55 -34.45
CA ALA A 24 -0.06 -10.83 -35.16
C ALA A 24 -0.62 -10.78 -36.56
N ASP A 25 -1.52 -9.84 -36.85
CA ASP A 25 -2.16 -9.74 -38.16
C ASP A 25 -1.25 -8.95 -39.10
N ASP A 26 -0.62 -9.65 -40.07
CA ASP A 26 0.29 -8.98 -41.01
C ASP A 26 -0.41 -7.87 -41.79
N HIS A 27 -1.69 -8.07 -42.15
CA HIS A 27 -2.36 -7.05 -42.96
C HIS A 27 -2.63 -5.80 -42.14
N GLU A 28 -2.95 -5.93 -40.85
CA GLU A 28 -3.03 -4.75 -40.00
C GLU A 28 -1.70 -4.02 -39.91
N VAL A 29 -0.60 -4.76 -39.74
CA VAL A 29 0.70 -4.11 -39.64
C VAL A 29 1.03 -3.37 -40.94
N LEU A 30 0.73 -3.98 -42.08
CA LEU A 30 0.92 -3.30 -43.36
C LEU A 30 0.16 -1.98 -43.40
N GLY A 31 -1.10 -1.98 -42.95
CA GLY A 31 -1.88 -0.76 -42.93
C GLY A 31 -1.32 0.29 -42.00
N LEU A 32 -0.81 -0.13 -40.84
CA LEU A 32 -0.15 0.80 -39.93
C LEU A 32 1.07 1.43 -40.57
N SER A 33 1.90 0.62 -41.25
CA SER A 33 3.06 1.14 -41.97
C SER A 33 2.64 2.16 -43.02
N GLN A 34 1.59 1.85 -43.79
CA GLN A 34 1.21 2.76 -44.86
C GLN A 34 0.64 4.06 -44.29
N HIS A 35 -0.10 3.97 -43.19
CA HIS A 35 -0.58 5.18 -42.53
C HIS A 35 0.60 6.02 -42.03
N PHE A 36 1.57 5.37 -41.39
CA PHE A 36 2.75 6.08 -40.90
C PHE A 36 3.50 6.79 -42.01
N ARG A 37 3.64 6.14 -43.17
CA ARG A 37 4.36 6.76 -44.27
C ARG A 37 3.55 7.87 -44.94
N ARG A 38 2.25 7.65 -45.16
CA ARG A 38 1.43 8.65 -45.82
C ARG A 38 1.25 9.90 -44.96
N GLU A 39 0.96 9.71 -43.68
CA GLU A 39 0.57 10.80 -42.82
C GLU A 39 1.67 11.29 -41.89
N GLY A 40 2.83 10.60 -41.88
CA GLY A 40 3.88 10.91 -40.92
C GLY A 40 3.53 10.57 -39.49
N TYR A 41 2.48 9.79 -39.28
CA TYR A 41 1.92 9.58 -37.96
C TYR A 41 1.13 8.28 -38.03
N VAL A 42 1.18 7.51 -36.95
CA VAL A 42 0.25 6.39 -36.82
C VAL A 42 0.01 6.14 -35.33
N LYS A 43 -1.26 5.99 -34.96
CA LYS A 43 -1.62 5.64 -33.60
C LYS A 43 -1.35 4.16 -33.34
N LEU A 44 -0.73 3.86 -32.20
CA LEU A 44 -0.34 2.49 -31.87
C LEU A 44 -0.86 2.13 -30.49
N PRO A 45 -2.18 2.03 -30.32
CA PRO A 45 -2.72 1.58 -29.04
C PRO A 45 -2.24 0.16 -28.73
N GLY A 46 -1.85 -0.07 -27.48
CA GLY A 46 -1.35 -1.39 -27.15
C GLY A 46 0.06 -1.68 -27.63
N LEU A 47 0.83 -0.68 -28.03
CA LEU A 47 2.21 -0.91 -28.45
C LEU A 47 3.01 -1.60 -27.37
N VAL A 48 2.81 -1.19 -26.11
CA VAL A 48 3.22 -1.96 -24.95
C VAL A 48 1.97 -2.31 -24.18
N SER A 49 2.07 -3.34 -23.34
CA SER A 49 0.92 -3.77 -22.55
C SER A 49 0.52 -2.72 -21.52
N PRO A 50 -0.71 -2.77 -21.00
CA PRO A 50 -1.09 -1.82 -19.94
C PRO A 50 -0.18 -1.88 -18.72
N GLU A 51 0.32 -3.08 -18.37
CA GLU A 51 1.19 -3.21 -17.21
C GLU A 51 2.52 -2.51 -17.44
N VAL A 52 3.11 -2.68 -18.62
CA VAL A 52 4.36 -1.99 -18.93
C VAL A 52 4.13 -0.48 -18.96
N PHE A 53 3.05 -0.05 -19.60
CA PHE A 53 2.73 1.38 -19.62
C PHE A 53 2.65 1.96 -18.21
N ASP A 54 1.89 1.30 -17.32
CA ASP A 54 1.72 1.84 -15.97
C ASP A 54 3.05 1.93 -15.24
N ALA A 55 3.90 0.91 -15.38
CA ALA A 55 5.23 0.96 -14.79
C ALA A 55 6.03 2.13 -15.35
N VAL A 56 5.94 2.38 -16.65
CA VAL A 56 6.67 3.50 -17.23
C VAL A 56 6.09 4.82 -16.73
N ALA A 57 4.76 4.90 -16.60
CA ALA A 57 4.12 6.12 -16.09
C ALA A 57 4.54 6.42 -14.67
N ALA A 58 4.60 5.40 -13.81
CA ALA A 58 5.01 5.59 -12.43
C ALA A 58 6.42 6.19 -12.35
N GLU A 59 7.35 5.63 -13.13
CA GLU A 59 8.69 6.21 -13.22
C GLU A 59 8.67 7.65 -13.72
N THR A 60 7.82 7.94 -14.73
CA THR A 60 7.74 9.29 -15.27
C THR A 60 7.32 10.30 -14.21
N HIS A 61 6.29 9.96 -13.43
CA HIS A 61 5.81 10.86 -12.37
C HIS A 61 6.89 11.10 -11.33
N GLN A 62 7.66 10.08 -10.99
CA GLN A 62 8.76 10.22 -10.04
C GLN A 62 9.81 11.19 -10.56
N LEU A 63 10.18 11.05 -11.84
CA LEU A 63 11.18 11.91 -12.46
C LEU A 63 10.72 13.36 -12.52
N ILE A 64 9.45 13.59 -12.82
CA ILE A 64 8.90 14.93 -12.86
C ILE A 64 9.02 15.59 -11.49
N ASP A 65 8.63 14.87 -10.44
CA ASP A 65 8.64 15.47 -9.11
C ASP A 65 10.06 15.88 -8.71
N THR A 66 11.04 15.04 -9.03
CA THR A 66 12.42 15.35 -8.64
C THR A 66 13.02 16.45 -9.49
N HIS A 67 12.76 16.47 -10.81
CA HIS A 67 13.61 17.17 -11.74
C HIS A 67 12.96 18.24 -12.62
N GLN A 68 11.63 18.37 -12.62
CA GLN A 68 11.00 19.19 -13.66
C GLN A 68 11.43 20.63 -13.57
N LYS A 69 11.56 21.27 -14.74
CA LYS A 69 11.99 22.66 -14.86
C LYS A 69 10.98 23.41 -15.72
N ARG A 70 10.47 24.52 -15.19
CA ARG A 70 9.50 25.33 -15.93
C ARG A 70 10.21 26.10 -17.05
N ILE A 71 9.63 26.08 -18.24
CA ILE A 71 10.14 26.87 -19.36
C ILE A 71 8.99 27.63 -19.99
N ASP A 72 9.30 28.84 -20.47
CA ASP A 72 8.36 29.77 -21.08
C ASP A 72 9.18 30.53 -22.13
N ILE A 73 9.45 29.85 -23.24
CA ILE A 73 10.37 30.34 -24.26
C ILE A 73 9.70 30.27 -25.63
N ARG A 74 10.35 30.92 -26.61
CA ARG A 74 9.99 30.89 -28.02
C ARG A 74 11.28 30.72 -28.81
N LEU A 75 11.25 29.89 -29.85
CA LEU A 75 12.46 29.43 -30.53
C LEU A 75 12.50 29.96 -31.95
N LYS A 76 13.50 30.78 -32.26
CA LYS A 76 13.57 31.33 -33.61
C LYS A 76 13.73 30.24 -34.67
N GLU A 77 14.35 29.12 -34.34
CA GLU A 77 14.56 28.08 -35.35
C GLU A 77 13.26 27.40 -35.80
N THR A 78 12.17 27.58 -35.06
CA THR A 78 10.85 27.13 -35.50
C THR A 78 9.89 28.31 -35.62
N GLY A 79 10.38 29.45 -36.10
CA GLY A 79 9.51 30.56 -36.36
C GLY A 79 9.03 31.31 -35.14
N ASP A 80 9.77 31.21 -34.03
CA ASP A 80 9.41 31.82 -32.74
C ASP A 80 8.16 31.16 -32.14
N SER A 81 7.92 29.89 -32.43
CA SER A 81 6.80 29.21 -31.81
C SER A 81 7.10 28.95 -30.34
N PRO A 82 6.07 28.87 -29.49
CA PRO A 82 6.31 28.77 -28.05
C PRO A 82 6.57 27.35 -27.58
N ARG A 83 7.33 27.26 -26.49
CA ARG A 83 7.40 26.08 -25.62
C ARG A 83 7.04 26.58 -24.23
N TYR A 84 5.78 26.38 -23.83
CA TYR A 84 5.31 26.73 -22.49
C TYR A 84 4.90 25.43 -21.82
N MET A 85 5.64 25.02 -20.79
CA MET A 85 5.55 23.68 -20.25
C MET A 85 6.61 23.55 -19.17
N SER A 86 6.60 22.42 -18.47
CA SER A 86 7.70 21.99 -17.64
C SER A 86 8.30 20.73 -18.25
N THR A 87 9.61 20.54 -18.08
CA THR A 87 10.34 19.49 -18.79
C THR A 87 11.28 18.76 -17.85
N VAL A 88 11.58 17.51 -18.20
CA VAL A 88 12.66 16.73 -17.59
C VAL A 88 13.58 16.29 -18.72
N GLY A 89 14.88 16.54 -18.56
CA GLY A 89 15.83 16.26 -19.61
C GLY A 89 16.32 14.82 -19.61
N GLN A 90 17.02 14.46 -20.68
CA GLN A 90 17.47 13.08 -20.85
C GLN A 90 18.50 12.70 -19.79
N LYS A 91 19.36 13.64 -19.40
CA LYS A 91 20.40 13.31 -18.43
C LYS A 91 19.80 12.85 -17.12
N ALA A 92 18.74 13.53 -16.65
CA ALA A 92 18.12 13.16 -15.39
C ALA A 92 17.44 11.81 -15.48
N ILE A 93 16.77 11.53 -16.61
CA ILE A 93 16.12 10.23 -16.78
C ILE A 93 17.16 9.11 -16.79
N ALA A 94 18.29 9.33 -17.48
CA ALA A 94 19.34 8.32 -17.52
C ALA A 94 19.95 8.12 -16.14
N THR A 95 20.09 9.19 -15.37
CA THR A 95 20.69 9.11 -14.05
C THR A 95 19.77 8.38 -13.06
N ASP A 96 18.49 8.79 -13.01
CA ASP A 96 17.53 8.34 -12.00
C ASP A 96 16.71 7.13 -12.40
N GLY A 97 16.40 6.99 -13.69
CA GLY A 97 15.46 5.99 -14.14
C GLY A 97 16.11 4.63 -14.28
N SER A 98 15.31 3.67 -14.73
CA SER A 98 15.82 2.33 -14.99
C SER A 98 14.96 1.69 -16.06
N LEU A 99 13.64 1.78 -15.87
CA LEU A 99 12.71 1.24 -16.84
C LEU A 99 12.79 1.97 -18.17
N ILE A 100 12.83 3.30 -18.13
CA ILE A 100 12.84 4.07 -19.38
C ILE A 100 14.10 3.82 -20.20
N PRO A 101 15.30 3.83 -19.63
CA PRO A 101 16.47 3.44 -20.44
C PRO A 101 16.39 2.02 -20.96
N ALA A 102 15.80 1.10 -20.21
CA ALA A 102 15.68 -0.29 -20.68
C ALA A 102 14.70 -0.41 -21.84
N VAL A 103 13.56 0.28 -21.76
CA VAL A 103 12.61 0.29 -22.87
C VAL A 103 13.26 0.89 -24.11
N TYR A 104 14.02 1.97 -23.93
CA TYR A 104 14.65 2.61 -25.08
C TYR A 104 15.60 1.68 -25.82
N GLU A 105 16.23 0.74 -25.10
CA GLU A 105 17.16 -0.21 -25.70
C GLU A 105 16.45 -1.48 -26.19
N SER A 106 15.12 -1.51 -26.21
CA SER A 106 14.40 -2.74 -26.48
C SER A 106 14.59 -3.18 -27.93
N THR A 107 15.21 -4.36 -28.09
CA THR A 107 15.35 -4.97 -29.40
C THR A 107 13.99 -5.23 -30.05
N ALA A 108 13.04 -5.75 -29.27
CA ALA A 108 11.73 -6.09 -29.81
C ALA A 108 10.95 -4.84 -30.23
N LEU A 109 10.98 -3.79 -29.40
CA LEU A 109 10.28 -2.55 -29.76
C LEU A 109 10.89 -1.92 -31.00
N LYS A 110 12.21 -1.81 -31.04
CA LYS A 110 12.86 -1.23 -32.21
C LYS A 110 12.64 -2.09 -33.45
N GLY A 111 12.57 -3.42 -33.29
CA GLY A 111 12.32 -4.28 -34.43
C GLY A 111 10.91 -4.13 -34.98
N PHE A 112 9.93 -3.93 -34.11
CA PHE A 112 8.59 -3.69 -34.63
C PHE A 112 8.50 -2.33 -35.30
N LEU A 113 9.11 -1.30 -34.71
CA LEU A 113 9.09 0.01 -35.36
C LEU A 113 9.82 -0.06 -36.69
N SER A 114 10.84 -0.90 -36.81
CA SER A 114 11.52 -1.08 -38.10
C SER A 114 10.58 -1.65 -39.15
N ARG A 115 9.68 -2.56 -38.75
CA ARG A 115 8.67 -3.07 -39.68
C ARG A 115 7.81 -1.96 -40.25
N LEU A 116 7.35 -1.06 -39.37
CA LEU A 116 6.51 0.06 -39.80
C LEU A 116 7.28 1.03 -40.69
N ALA A 117 8.51 1.37 -40.30
CA ALA A 117 9.32 2.33 -41.04
C ALA A 117 9.91 1.72 -42.31
N LYS A 118 9.98 0.39 -42.41
CA LYS A 118 10.62 -0.31 -43.51
C LYS A 118 12.10 0.03 -43.62
N GLU A 119 12.74 0.26 -42.47
CA GLU A 119 14.16 0.54 -42.40
C GLU A 119 14.57 0.40 -40.93
N GLU A 120 15.87 0.36 -40.69
CA GLU A 120 16.36 0.12 -39.33
C GLU A 120 16.04 1.32 -38.45
N VAL A 121 15.35 1.05 -37.35
CA VAL A 121 15.10 2.04 -36.31
C VAL A 121 16.14 1.79 -35.23
N MET A 122 16.98 2.78 -34.96
CA MET A 122 18.12 2.55 -34.09
C MET A 122 18.30 3.68 -33.10
N GLY A 123 19.24 3.49 -32.18
CA GLY A 123 19.50 4.48 -31.15
C GLY A 123 19.88 5.83 -31.74
N CYS A 124 19.45 6.88 -31.06
CA CYS A 124 19.78 8.22 -31.49
C CYS A 124 21.27 8.48 -31.28
N PRO A 125 21.96 9.13 -32.23
CA PRO A 125 23.40 9.33 -32.06
C PRO A 125 23.75 10.38 -31.01
N TRP A 126 22.83 11.28 -30.71
CA TRP A 126 23.00 12.29 -29.67
C TRP A 126 22.23 11.80 -28.45
N ASP A 127 22.96 11.46 -27.39
CA ASP A 127 22.36 10.83 -26.21
C ASP A 127 21.25 11.67 -25.62
N GLU A 128 21.44 12.99 -25.61
CA GLU A 128 20.53 13.87 -24.89
C GLU A 128 19.15 13.98 -25.52
N GLU A 129 18.92 13.39 -26.70
CA GLU A 129 17.60 13.36 -27.30
C GLU A 129 16.90 12.00 -27.16
N LYS A 130 17.55 11.00 -26.58
CA LYS A 130 16.98 9.65 -26.60
C LYS A 130 15.61 9.60 -25.93
N TYR A 131 15.43 10.33 -24.83
CA TYR A 131 14.13 10.35 -24.16
C TYR A 131 14.02 11.59 -23.30
N ILE A 132 12.85 12.23 -23.34
CA ILE A 132 12.58 13.42 -22.53
C ILE A 132 11.14 13.33 -22.05
N ILE A 133 10.80 14.16 -21.06
CA ILE A 133 9.44 14.25 -20.54
C ILE A 133 8.99 15.70 -20.64
N THR A 134 7.74 15.92 -21.04
CA THR A 134 7.13 17.23 -20.91
C THR A 134 5.85 17.14 -20.11
N ARG A 135 5.61 18.18 -19.32
CA ARG A 135 4.39 18.31 -18.51
C ARG A 135 3.78 19.66 -18.84
N GLN A 136 2.60 19.65 -19.44
CA GLN A 136 1.81 20.85 -19.63
C GLN A 136 0.77 20.89 -18.52
N HIS A 137 0.62 22.06 -17.88
CA HIS A 137 -0.16 22.09 -16.64
C HIS A 137 -0.81 23.45 -16.37
N GLN A 138 -0.50 24.47 -17.15
CA GLN A 138 -1.14 25.78 -17.01
C GLN A 138 -1.92 26.13 -18.27
N LYS A 139 -2.99 26.90 -18.11
CA LYS A 139 -3.69 27.43 -19.27
C LYS A 139 -2.69 28.12 -20.19
N GLY A 140 -2.80 27.84 -21.49
CA GLY A 140 -1.86 28.35 -22.48
C GLY A 140 -0.66 27.46 -22.77
N ASP A 141 -0.41 26.43 -21.97
CA ASP A 141 0.75 25.57 -22.20
C ASP A 141 0.60 24.85 -23.53
N THR A 142 1.73 24.65 -24.22
CA THR A 142 1.72 24.11 -25.58
C THR A 142 3.13 23.69 -25.97
N HIS A 143 3.21 22.68 -26.82
CA HIS A 143 4.42 22.39 -27.56
C HIS A 143 4.20 22.95 -28.97
N GLY A 144 4.68 24.15 -29.22
CA GLY A 144 4.37 24.86 -30.45
C GLY A 144 4.95 24.21 -31.69
N TRP A 145 4.59 24.76 -32.85
CA TRP A 145 4.98 24.18 -34.14
C TRP A 145 6.48 23.92 -34.19
N HIS A 146 6.85 22.73 -34.65
CA HIS A 146 8.26 22.37 -34.66
C HIS A 146 8.46 21.11 -35.50
N TRP A 147 9.71 20.78 -35.71
CA TRP A 147 10.16 19.49 -36.21
C TRP A 147 11.12 18.93 -35.19
N GLY A 148 11.41 17.63 -35.31
CA GLY A 148 12.46 17.01 -34.54
C GLY A 148 13.73 16.90 -35.36
N ASP A 149 14.86 16.78 -34.67
CA ASP A 149 16.13 16.56 -35.34
C ASP A 149 16.29 15.13 -35.85
N PHE A 150 15.49 14.18 -35.35
CA PHE A 150 15.65 12.78 -35.72
C PHE A 150 14.30 12.20 -36.14
N SER A 151 14.33 10.96 -36.64
CA SER A 151 13.30 10.48 -37.55
C SER A 151 12.10 9.83 -36.88
N PHE A 152 12.28 9.15 -35.75
CA PHE A 152 11.32 8.15 -35.26
C PHE A 152 10.97 8.43 -33.80
N THR A 153 9.87 9.15 -33.56
CA THR A 153 9.46 9.53 -32.22
C THR A 153 8.22 8.74 -31.80
N VAL A 154 8.28 8.11 -30.63
CA VAL A 154 7.09 7.49 -30.03
C VAL A 154 6.71 8.31 -28.80
N ILE A 155 5.46 8.75 -28.77
CA ILE A 155 4.93 9.57 -27.68
C ILE A 155 4.05 8.70 -26.82
N TRP A 156 4.26 8.78 -25.50
CA TRP A 156 3.52 8.02 -24.50
C TRP A 156 2.63 9.00 -23.75
N LEU A 157 1.32 8.77 -23.79
CA LEU A 157 0.37 9.70 -23.15
C LEU A 157 0.26 9.31 -21.69
N ILE A 158 1.12 9.89 -20.85
CA ILE A 158 1.14 9.53 -19.45
C ILE A 158 -0.09 10.09 -18.72
N GLU A 159 -0.46 11.34 -19.02
CA GLU A 159 -1.68 11.95 -18.50
C GLU A 159 -2.25 12.85 -19.57
N ALA A 160 -3.58 12.96 -19.63
CA ALA A 160 -4.13 13.88 -20.61
C ALA A 160 -5.54 14.29 -20.22
N PRO A 161 -5.91 15.55 -20.41
CA PRO A 161 -7.28 15.98 -20.11
C PRO A 161 -8.20 15.65 -21.28
N SER A 162 -9.50 15.83 -21.04
CA SER A 162 -10.45 15.74 -22.15
C SER A 162 -10.01 16.70 -23.25
N LEU A 163 -10.28 16.32 -24.50
CA LEU A 163 -9.73 17.05 -25.65
C LEU A 163 -10.31 18.46 -25.79
N GLU A 164 -11.51 18.73 -25.27
CA GLU A 164 -11.98 20.10 -25.33
C GLU A 164 -11.10 21.04 -24.50
N TYR A 165 -10.19 20.52 -23.68
CA TYR A 165 -9.32 21.39 -22.91
C TYR A 165 -7.98 21.65 -23.60
N GLY A 166 -7.81 21.15 -24.83
CA GLY A 166 -6.56 21.29 -25.56
C GLY A 166 -5.77 19.98 -25.57
N GLY A 167 -4.58 20.06 -26.14
CA GLY A 167 -3.66 18.94 -26.20
C GLY A 167 -3.71 18.11 -27.47
N MET A 168 -4.69 18.34 -28.34
CA MET A 168 -4.73 17.67 -29.64
C MET A 168 -3.41 17.86 -30.40
N LEU A 169 -2.96 16.79 -31.05
CA LEU A 169 -1.80 16.83 -31.92
C LEU A 169 -2.20 17.27 -33.32
N GLN A 170 -1.36 18.09 -33.95
CA GLN A 170 -1.58 18.50 -35.34
C GLN A 170 -0.32 18.28 -36.16
N CYS A 171 -0.50 17.86 -37.43
CA CYS A 171 0.62 17.37 -38.24
C CYS A 171 0.50 17.83 -39.68
N ILE A 172 1.65 18.08 -40.30
CA ILE A 172 1.77 18.24 -41.75
C ILE A 172 2.97 17.40 -42.20
N PRO A 173 2.76 16.28 -42.87
CA PRO A 173 3.87 15.41 -43.26
C PRO A 173 4.54 15.88 -44.54
N HIS A 174 5.66 15.24 -44.85
CA HIS A 174 6.44 15.49 -46.08
C HIS A 174 6.87 16.95 -46.18
N THR A 175 7.34 17.50 -45.07
CA THR A 175 7.97 18.82 -45.02
C THR A 175 9.41 18.65 -44.53
N ASP A 176 10.07 19.75 -44.24
CA ASP A 176 11.48 19.70 -43.86
C ASP A 176 11.78 20.88 -42.93
N TRP A 177 12.79 20.71 -42.09
CA TRP A 177 13.16 21.72 -41.11
C TRP A 177 14.38 22.48 -41.61
N ASN A 178 14.18 23.73 -42.01
CA ASN A 178 15.27 24.66 -42.33
C ASN A 178 15.38 25.63 -41.16
N LYS A 179 16.41 25.44 -40.33
CA LYS A 179 16.53 26.21 -39.10
C LYS A 179 16.81 27.68 -39.35
N ASP A 180 17.39 28.02 -40.50
CA ASP A 180 17.69 29.41 -40.81
C ASP A 180 16.47 30.14 -41.36
N ASP A 181 15.51 29.40 -41.94
CA ASP A 181 14.33 30.00 -42.57
C ASP A 181 13.21 28.95 -42.56
N PRO A 182 12.62 28.71 -41.38
CA PRO A 182 11.72 27.55 -41.26
C PRO A 182 10.41 27.68 -42.02
N ARG A 183 9.92 28.91 -42.26
CA ARG A 183 8.73 29.13 -43.10
C ARG A 183 7.52 28.30 -42.63
N VAL A 184 7.22 28.38 -41.34
CA VAL A 184 6.13 27.57 -40.79
C VAL A 184 4.79 27.93 -41.44
N GLU A 185 4.46 29.24 -41.46
CA GLU A 185 3.18 29.66 -42.03
C GLU A 185 3.05 29.29 -43.51
N ASP A 186 4.16 29.30 -44.24
CA ASP A 186 4.08 28.92 -45.66
C ASP A 186 3.68 27.46 -45.78
N TYR A 187 4.21 26.59 -44.91
CA TYR A 187 3.81 25.19 -44.92
C TYR A 187 2.35 25.01 -44.55
N LEU A 188 1.84 25.76 -43.57
CA LEU A 188 0.43 25.64 -43.22
C LEU A 188 -0.46 25.99 -44.39
N GLN A 189 -0.05 26.97 -45.20
CA GLN A 189 -0.85 27.39 -46.34
C GLN A 189 -0.78 26.40 -47.49
N LYS A 190 0.33 25.68 -47.60
CA LYS A 190 0.53 24.81 -48.77
C LYS A 190 -0.15 23.46 -48.62
N HIS A 191 -0.38 23.00 -47.39
CA HIS A 191 -0.82 21.64 -47.16
C HIS A 191 -1.89 21.61 -46.08
N PRO A 192 -2.74 20.59 -46.08
CA PRO A 192 -3.73 20.47 -45.00
C PRO A 192 -3.09 20.01 -43.71
N ILE A 193 -3.71 20.38 -42.60
CA ILE A 193 -3.31 19.93 -41.27
C ILE A 193 -4.23 18.77 -40.89
N ARG A 194 -3.63 17.68 -40.41
CA ARG A 194 -4.40 16.61 -39.78
C ARG A 194 -4.27 16.74 -38.27
N SER A 195 -5.40 16.58 -37.58
CA SER A 195 -5.45 16.69 -36.13
C SER A 195 -5.78 15.33 -35.52
N TYR A 196 -5.08 14.96 -34.45
CA TYR A 196 -5.26 13.65 -33.82
C TYR A 196 -5.42 13.83 -32.32
N GLY A 197 -6.47 13.22 -31.76
CA GLY A 197 -6.68 13.21 -30.32
C GLY A 197 -6.14 11.96 -29.65
N HIS A 198 -5.69 12.11 -28.40
CA HIS A 198 -5.15 10.99 -27.64
C HIS A 198 -5.66 11.04 -26.21
N ALA A 199 -5.83 9.87 -25.62
CA ALA A 199 -6.19 9.76 -24.21
C ALA A 199 -5.05 9.12 -23.44
N LYS A 200 -5.12 9.24 -22.11
CA LYS A 200 -4.18 8.57 -21.22
C LYS A 200 -4.05 7.09 -21.59
N GLY A 201 -2.81 6.61 -21.60
CA GLY A 201 -2.54 5.24 -21.98
C GLY A 201 -2.22 5.03 -23.44
N ASP A 202 -2.49 6.02 -24.30
CA ASP A 202 -2.22 5.90 -25.73
C ASP A 202 -0.73 6.02 -26.03
N LEU A 203 -0.33 5.46 -27.17
CA LEU A 203 1.01 5.64 -27.73
C LEU A 203 0.85 5.96 -29.22
N TYR A 204 1.74 6.78 -29.74
CA TYR A 204 1.72 6.98 -31.19
C TYR A 204 3.14 7.19 -31.69
N LEU A 205 3.31 6.93 -33.00
CA LEU A 205 4.60 7.04 -33.67
C LEU A 205 4.53 8.17 -34.68
N LEU A 206 5.61 8.95 -34.73
CA LEU A 206 5.63 10.18 -35.50
C LEU A 206 6.96 10.30 -36.24
N ARG A 207 6.90 10.58 -37.52
CA ARG A 207 8.09 10.81 -38.33
C ARG A 207 8.50 12.27 -38.09
N SER A 208 9.27 12.49 -37.03
CA SER A 208 9.41 13.83 -36.47
C SER A 208 10.28 14.75 -37.30
N ASP A 209 11.14 14.22 -38.16
CA ASP A 209 12.02 15.08 -38.96
C ASP A 209 11.31 15.68 -40.16
N THR A 210 10.32 14.99 -40.72
CA THR A 210 9.60 15.51 -41.89
C THR A 210 8.14 15.83 -41.62
N THR A 211 7.67 15.70 -40.39
CA THR A 211 6.30 16.06 -40.04
C THR A 211 6.35 17.29 -39.15
N LEU A 212 5.86 18.40 -39.67
CA LEU A 212 5.67 19.61 -38.88
C LEU A 212 4.54 19.38 -37.91
N HIS A 213 4.77 19.61 -36.62
CA HIS A 213 3.75 19.21 -35.65
C HIS A 213 3.75 20.10 -34.41
N ARG A 214 2.65 20.01 -33.66
CA ARG A 214 2.47 20.79 -32.43
C ARG A 214 1.37 20.15 -31.60
N THR A 215 1.20 20.65 -30.38
CA THR A 215 0.02 20.34 -29.58
C THR A 215 -0.83 21.61 -29.42
N VAL A 216 -2.14 21.45 -29.52
CA VAL A 216 -3.06 22.59 -29.36
C VAL A 216 -3.01 23.08 -27.92
N PRO A 217 -2.85 24.38 -27.69
CA PRO A 217 -2.65 24.88 -26.32
C PRO A 217 -3.78 24.50 -25.38
N LEU A 218 -3.43 24.27 -24.12
CA LEU A 218 -4.44 24.09 -23.09
C LEU A 218 -5.23 25.39 -22.90
N ASN A 219 -6.55 25.24 -22.82
CA ASN A 219 -7.43 26.38 -22.58
C ASN A 219 -7.95 26.40 -21.15
N ALA A 220 -7.39 25.58 -20.27
CA ALA A 220 -7.71 25.57 -18.85
C ALA A 220 -6.52 25.00 -18.10
N ASP A 221 -6.53 25.15 -16.78
CA ASP A 221 -5.51 24.54 -15.94
C ASP A 221 -5.77 23.03 -15.83
N ARG A 222 -5.12 22.25 -16.69
CA ARG A 222 -5.23 20.80 -16.74
C ARG A 222 -3.83 20.23 -16.97
N THR A 223 -3.69 18.93 -16.76
CA THR A 223 -2.37 18.29 -16.80
C THR A 223 -2.27 17.35 -18.00
N ARG A 224 -1.27 17.58 -18.86
CA ARG A 224 -0.96 16.66 -19.95
C ARG A 224 0.52 16.33 -19.89
N ILE A 225 0.85 15.04 -19.74
CA ILE A 225 2.23 14.61 -19.56
C ILE A 225 2.55 13.56 -20.62
N ILE A 226 3.65 13.76 -21.35
CA ILE A 226 4.10 12.75 -22.29
C ILE A 226 5.55 12.38 -21.98
N LEU A 227 5.87 11.13 -22.30
CA LEU A 227 7.24 10.69 -22.47
C LEU A 227 7.50 10.63 -23.96
N ASN A 228 8.64 11.15 -24.39
CA ASN A 228 9.09 11.13 -25.77
C ASN A 228 10.32 10.23 -25.85
N THR A 229 10.17 9.03 -26.43
CA THR A 229 11.32 8.18 -26.74
C THR A 229 11.61 8.31 -28.23
N CYS A 230 12.79 8.81 -28.56
CA CYS A 230 13.12 9.24 -29.93
C CYS A 230 14.25 8.38 -30.47
N TRP A 231 13.96 7.63 -31.54
CA TRP A 231 14.93 6.81 -32.23
C TRP A 231 15.28 7.43 -33.58
N ALA A 232 16.24 6.82 -34.26
CA ALA A 232 16.84 7.47 -35.42
C ALA A 232 17.10 6.46 -36.52
N SER A 233 17.33 6.99 -37.71
CA SER A 233 17.60 6.21 -38.91
C SER A 233 19.10 6.09 -39.15
N ARG A 234 19.46 5.29 -40.15
CA ARG A 234 20.85 5.18 -40.53
C ARG A 234 21.41 6.53 -40.98
N ALA A 235 20.67 7.24 -41.83
CA ALA A 235 21.10 8.55 -42.30
C ALA A 235 21.21 9.56 -41.17
N ASP A 236 20.37 9.44 -40.13
CA ASP A 236 20.47 10.32 -38.98
C ASP A 236 21.83 10.18 -38.30
N GLN A 237 22.45 9.00 -38.38
CA GLN A 237 23.69 8.77 -37.64
C GLN A 237 24.82 9.64 -38.16
N GLN A 238 24.82 10.00 -39.44
CA GLN A 238 25.97 10.70 -39.99
C GLN A 238 25.68 12.14 -40.38
N LYS A 239 24.43 12.59 -40.33
CA LYS A 239 24.14 13.97 -40.69
C LYS A 239 24.60 14.92 -39.58
N ALA A 240 25.05 16.10 -40.00
CA ALA A 240 25.45 17.12 -39.04
C ALA A 240 24.20 17.73 -38.41
N THR A 241 24.12 17.72 -37.08
CA THR A 241 22.95 18.16 -36.34
C THR A 241 23.34 19.20 -35.32
N THR A 242 22.63 20.31 -35.28
CA THR A 242 22.73 21.26 -34.19
C THR A 242 21.58 21.03 -33.21
N HIS A 243 21.81 21.38 -31.93
CA HIS A 243 20.92 20.95 -30.85
C HIS A 243 20.35 22.12 -30.06
N GLU A 244 20.20 23.28 -30.71
CA GLU A 244 19.84 24.50 -29.98
C GLU A 244 18.46 24.40 -29.34
N THR A 245 17.46 23.83 -30.04
CA THR A 245 16.13 23.75 -29.43
C THR A 245 16.14 22.80 -28.24
N MET A 246 16.92 21.74 -28.35
CA MET A 246 17.07 20.76 -27.28
C MET A 246 17.78 21.39 -26.07
N ASN A 247 18.85 22.14 -26.34
CA ASN A 247 19.56 22.80 -25.23
C ASN A 247 18.69 23.87 -24.57
N ALA A 248 17.81 24.51 -25.34
CA ALA A 248 16.96 25.55 -24.76
C ALA A 248 15.88 24.95 -23.86
N MET A 249 15.34 23.79 -24.20
CA MET A 249 14.20 23.32 -23.41
C MET A 249 14.51 22.35 -22.27
N PHE A 250 15.69 21.73 -22.21
CA PHE A 250 15.95 20.72 -21.19
C PHE A 250 17.28 20.99 -20.50
N ASP A 251 17.33 20.68 -19.21
CA ASP A 251 18.59 20.64 -18.47
C ASP A 251 19.38 19.42 -18.90
N ASN B 4 38.83 17.39 -17.24
CA ASN B 4 37.39 17.58 -17.10
C ASN B 4 36.75 16.39 -16.36
N SER B 5 37.16 15.17 -16.69
CA SER B 5 36.67 14.01 -15.98
C SER B 5 37.32 13.91 -14.60
N ILE B 6 36.52 13.60 -13.59
CA ILE B 6 36.96 13.57 -12.21
C ILE B 6 37.12 12.12 -11.80
N THR B 7 38.33 11.76 -11.35
CA THR B 7 38.73 10.38 -11.10
C THR B 7 39.33 10.25 -9.72
N ALA B 8 39.55 9.00 -9.31
CA ALA B 8 40.24 8.75 -8.05
C ALA B 8 41.65 9.31 -8.08
N ALA B 9 42.26 9.40 -9.26
CA ALA B 9 43.64 9.88 -9.35
C ALA B 9 43.75 11.39 -9.24
N ASN B 10 42.71 12.15 -9.56
CA ASN B 10 42.82 13.60 -9.57
C ASN B 10 41.89 14.31 -8.60
N VAL B 11 41.02 13.58 -7.89
CA VAL B 11 40.05 14.26 -7.03
C VAL B 11 40.71 14.88 -5.81
N GLU B 12 41.83 14.32 -5.33
CA GLU B 12 42.43 14.85 -4.11
C GLU B 12 43.04 16.23 -4.33
N GLU B 13 43.69 16.46 -5.47
CA GLU B 13 44.18 17.79 -5.78
C GLU B 13 43.04 18.78 -5.91
N LEU B 14 41.89 18.34 -6.44
CA LEU B 14 40.74 19.23 -6.55
C LEU B 14 40.16 19.53 -5.17
N ILE B 15 40.14 18.54 -4.28
CA ILE B 15 39.62 18.78 -2.93
C ILE B 15 40.52 19.77 -2.19
N ALA B 16 41.83 19.58 -2.29
CA ALA B 16 42.78 20.46 -1.59
C ALA B 16 42.70 21.88 -2.11
N LYS B 17 42.70 22.04 -3.44
CA LYS B 17 42.62 23.37 -4.03
C LYS B 17 41.36 24.10 -3.59
N ASN B 18 40.22 23.40 -3.60
CA ASN B 18 38.98 24.06 -3.22
C ASN B 18 38.99 24.46 -1.75
N ILE B 19 39.55 23.62 -0.88
CA ILE B 19 39.59 23.99 0.54
C ILE B 19 40.51 25.18 0.74
N ALA B 20 41.62 25.24 0.01
CA ALA B 20 42.50 26.41 0.08
C ALA B 20 41.80 27.68 -0.41
N GLU B 21 40.91 27.55 -1.39
CA GLU B 21 40.21 28.71 -1.93
C GLU B 21 39.06 29.13 -1.04
N ARG B 22 38.22 28.18 -0.66
CA ARG B 22 36.94 28.52 -0.03
C ARG B 22 37.06 28.82 1.46
N PHE B 23 38.10 28.31 2.14
CA PHE B 23 38.25 28.49 3.58
C PHE B 23 39.53 29.22 3.92
N ALA B 24 39.84 30.26 3.16
CA ALA B 24 41.07 31.03 3.39
C ALA B 24 40.96 31.97 4.58
N ASP B 25 39.75 32.38 4.96
CA ASP B 25 39.57 33.38 6.01
C ASP B 25 39.58 32.70 7.38
N ASP B 26 40.60 32.99 8.18
CA ASP B 26 40.77 32.30 9.46
C ASP B 26 39.59 32.58 10.40
N HIS B 27 39.11 33.82 10.44
CA HIS B 27 38.03 34.17 11.35
C HIS B 27 36.74 33.44 10.99
N GLU B 28 36.48 33.26 9.70
CA GLU B 28 35.29 32.53 9.28
C GLU B 28 35.38 31.06 9.69
N VAL B 29 36.56 30.46 9.56
CA VAL B 29 36.74 29.07 9.96
C VAL B 29 36.59 28.93 11.48
N LEU B 30 37.12 29.89 12.24
CA LEU B 30 36.91 29.89 13.68
C LEU B 30 35.41 29.89 14.00
N GLY B 31 34.65 30.72 13.30
CA GLY B 31 33.20 30.76 13.52
C GLY B 31 32.55 29.44 13.21
N LEU B 32 32.98 28.77 12.14
CA LEU B 32 32.41 27.48 11.78
C LEU B 32 32.75 26.43 12.84
N SER B 33 33.96 26.47 13.38
CA SER B 33 34.36 25.54 14.43
C SER B 33 33.51 25.73 15.68
N GLN B 34 33.35 26.99 16.11
CA GLN B 34 32.53 27.26 17.29
C GLN B 34 31.08 26.87 17.07
N HIS B 35 30.56 27.06 15.85
CA HIS B 35 29.19 26.63 15.56
C HIS B 35 29.06 25.12 15.67
N PHE B 36 30.03 24.40 15.13
CA PHE B 36 30.01 22.94 15.20
C PHE B 36 30.02 22.46 16.63
N ARG B 37 30.84 23.08 17.49
CA ARG B 37 30.95 22.62 18.87
C ARG B 37 29.71 23.00 19.68
N ARG B 38 29.23 24.22 19.50
CA ARG B 38 28.05 24.66 20.27
C ARG B 38 26.81 23.88 19.85
N GLU B 39 26.61 23.70 18.55
CA GLU B 39 25.35 23.20 18.02
C GLU B 39 25.42 21.72 17.65
N GLY B 40 26.62 21.13 17.67
CA GLY B 40 26.79 19.76 17.19
C GLY B 40 26.64 19.62 15.70
N TYR B 41 26.64 20.73 14.97
CA TYR B 41 26.25 20.77 13.56
C TYR B 41 26.82 22.04 12.96
N VAL B 42 27.35 21.93 11.74
CA VAL B 42 27.67 23.15 10.99
C VAL B 42 27.49 22.88 9.51
N LYS B 43 26.78 23.78 8.84
CA LYS B 43 26.60 23.73 7.40
C LYS B 43 27.87 24.20 6.73
N LEU B 44 28.34 23.46 5.73
CA LEU B 44 29.63 23.76 5.10
C LEU B 44 29.44 23.91 3.60
N PRO B 45 28.87 25.03 3.15
CA PRO B 45 28.74 25.26 1.71
C PRO B 45 30.11 25.28 1.05
N GLY B 46 30.24 24.51 -0.03
CA GLY B 46 31.49 24.47 -0.74
C GLY B 46 32.60 23.70 -0.07
N LEU B 47 32.27 22.80 0.87
CA LEU B 47 33.27 21.90 1.43
C LEU B 47 34.00 21.16 0.33
N VAL B 48 33.28 20.79 -0.73
CA VAL B 48 33.88 20.39 -1.99
C VAL B 48 33.29 21.26 -3.08
N SER B 49 33.99 21.34 -4.21
CA SER B 49 33.54 22.14 -5.33
C SER B 49 32.30 21.52 -5.97
N PRO B 50 31.50 22.32 -6.69
CA PRO B 50 30.35 21.73 -7.41
C PRO B 50 30.73 20.63 -8.38
N GLU B 51 31.86 20.76 -9.08
CA GLU B 51 32.27 19.69 -9.99
C GLU B 51 32.54 18.39 -9.24
N VAL B 52 33.22 18.47 -8.11
CA VAL B 52 33.49 17.27 -7.32
C VAL B 52 32.18 16.71 -6.77
N PHE B 53 31.32 17.58 -6.22
CA PHE B 53 30.02 17.13 -5.73
C PHE B 53 29.23 16.41 -6.82
N ASP B 54 29.20 16.98 -8.03
CA ASP B 54 28.39 16.38 -9.09
C ASP B 54 28.92 15.01 -9.50
N ALA B 55 30.26 14.84 -9.49
CA ALA B 55 30.83 13.53 -9.79
C ALA B 55 30.48 12.52 -8.69
N VAL B 56 30.51 12.95 -7.43
CA VAL B 56 30.10 12.06 -6.35
C VAL B 56 28.60 11.75 -6.46
N ALA B 57 27.80 12.75 -6.83
CA ALA B 57 26.38 12.52 -6.99
C ALA B 57 26.10 11.47 -8.06
N ALA B 58 26.79 11.58 -9.21
CA ALA B 58 26.62 10.60 -10.28
C ALA B 58 26.94 9.19 -9.80
N GLU B 59 28.06 9.04 -9.09
CA GLU B 59 28.43 7.73 -8.57
C GLU B 59 27.39 7.21 -7.60
N THR B 60 26.88 8.09 -6.72
CA THR B 60 25.84 7.71 -5.78
C THR B 60 24.60 7.18 -6.51
N HIS B 61 24.18 7.87 -7.56
CA HIS B 61 23.00 7.43 -8.30
C HIS B 61 23.23 6.07 -8.96
N GLN B 62 24.44 5.83 -9.48
CA GLN B 62 24.71 4.53 -10.10
C GLN B 62 24.64 3.40 -9.08
N LEU B 63 25.15 3.64 -7.86
CA LEU B 63 25.12 2.63 -6.80
C LEU B 63 23.71 2.37 -6.28
N ILE B 64 22.86 3.40 -6.26
CA ILE B 64 21.48 3.21 -5.83
C ILE B 64 20.74 2.29 -6.80
N ASP B 65 20.88 2.57 -8.11
CA ASP B 65 20.17 1.77 -9.10
C ASP B 65 20.55 0.29 -8.99
N THR B 66 21.82 0.01 -8.73
CA THR B 66 22.27 -1.38 -8.64
C THR B 66 21.94 -2.01 -7.29
N HIS B 67 22.15 -1.30 -6.17
CA HIS B 67 22.27 -1.99 -4.89
C HIS B 67 21.21 -1.69 -3.84
N GLN B 68 20.38 -0.67 -4.03
CA GLN B 68 19.52 -0.22 -2.95
C GLN B 68 18.56 -1.33 -2.50
N LYS B 69 18.23 -1.32 -1.21
CA LYS B 69 17.26 -2.26 -0.65
C LYS B 69 16.35 -1.51 0.30
N ARG B 70 15.09 -1.91 0.33
CA ARG B 70 14.06 -1.22 1.11
C ARG B 70 14.05 -1.73 2.54
N ILE B 71 13.92 -0.81 3.49
CA ILE B 71 13.73 -1.17 4.90
C ILE B 71 12.57 -0.38 5.47
N ASP B 72 11.79 -1.02 6.33
CA ASP B 72 10.71 -0.39 7.09
C ASP B 72 10.79 -0.97 8.49
N ILE B 73 11.64 -0.38 9.33
CA ILE B 73 11.91 -0.96 10.65
C ILE B 73 11.80 0.12 11.71
N ARG B 74 11.76 -0.33 12.96
CA ARG B 74 11.86 0.52 14.13
C ARG B 74 12.92 -0.08 15.05
N LEU B 75 13.81 0.76 15.55
CA LEU B 75 15.00 0.30 16.27
C LEU B 75 14.82 0.53 17.77
N LYS B 76 14.83 -0.56 18.53
CA LYS B 76 14.68 -0.45 19.99
C LYS B 76 15.78 0.40 20.61
N GLU B 77 16.99 0.31 20.07
CA GLU B 77 18.13 1.03 20.66
C GLU B 77 17.98 2.54 20.59
N THR B 78 17.10 3.05 19.72
CA THR B 78 16.82 4.48 19.64
C THR B 78 15.35 4.77 19.94
N GLY B 79 14.77 4.03 20.89
CA GLY B 79 13.41 4.30 21.34
C GLY B 79 12.31 3.89 20.39
N ASP B 80 12.55 2.86 19.59
CA ASP B 80 11.64 2.38 18.53
C ASP B 80 11.36 3.46 17.48
N SER B 81 12.30 4.39 17.29
CA SER B 81 12.14 5.36 16.21
C SER B 81 12.27 4.65 14.86
N PRO B 82 11.60 5.16 13.82
CA PRO B 82 11.54 4.44 12.54
C PRO B 82 12.74 4.68 11.63
N ARG B 83 13.01 3.69 10.78
CA ARG B 83 13.86 3.85 9.59
C ARG B 83 13.05 3.40 8.38
N TYR B 84 12.43 4.36 7.69
CA TYR B 84 11.60 4.10 6.53
C TYR B 84 12.32 4.73 5.33
N MET B 85 12.84 3.88 4.44
CA MET B 85 13.86 4.30 3.49
C MET B 85 14.41 3.13 2.68
N SER B 86 15.10 3.41 1.58
CA SER B 86 15.95 2.44 0.92
C SER B 86 17.40 2.83 1.15
N THR B 87 18.28 1.84 1.25
CA THR B 87 19.67 2.07 1.62
C THR B 87 20.62 1.34 0.68
N VAL B 88 21.84 1.87 0.59
CA VAL B 88 22.98 1.18 0.01
C VAL B 88 24.05 1.05 1.08
N GLY B 89 24.55 -0.17 1.30
CA GLY B 89 25.52 -0.40 2.35
C GLY B 89 26.96 -0.12 1.94
N GLN B 90 27.85 -0.15 2.94
CA GLN B 90 29.24 0.22 2.70
C GLN B 90 29.95 -0.79 1.80
N LYS B 91 29.66 -2.09 1.97
CA LYS B 91 30.35 -3.09 1.17
C LYS B 91 30.07 -2.90 -0.31
N ALA B 92 28.82 -2.61 -0.66
CA ALA B 92 28.48 -2.40 -2.07
C ALA B 92 29.22 -1.19 -2.64
N ILE B 93 29.34 -0.12 -1.85
CA ILE B 93 30.04 1.08 -2.32
C ILE B 93 31.53 0.82 -2.44
N ALA B 94 32.12 0.14 -1.46
CA ALA B 94 33.52 -0.23 -1.56
C ALA B 94 33.77 -1.09 -2.81
N THR B 95 32.84 -1.99 -3.13
CA THR B 95 33.05 -2.91 -4.24
C THR B 95 32.92 -2.21 -5.59
N ASP B 96 31.84 -1.45 -5.78
CA ASP B 96 31.50 -0.88 -7.08
C ASP B 96 31.81 0.60 -7.20
N GLY B 97 32.12 1.27 -6.10
CA GLY B 97 32.41 2.69 -6.15
C GLY B 97 33.85 2.96 -6.52
N SER B 98 34.16 4.24 -6.66
CA SER B 98 35.52 4.64 -6.98
C SER B 98 35.82 6.01 -6.39
N LEU B 99 34.97 6.99 -6.68
CA LEU B 99 35.19 8.33 -6.13
C LEU B 99 34.90 8.37 -4.64
N ILE B 100 33.89 7.65 -4.19
CA ILE B 100 33.50 7.73 -2.78
C ILE B 100 34.62 7.17 -1.90
N PRO B 101 35.15 5.97 -2.15
CA PRO B 101 36.28 5.53 -1.32
C PRO B 101 37.48 6.47 -1.38
N ALA B 102 37.74 7.09 -2.54
CA ALA B 102 38.86 8.02 -2.66
C ALA B 102 38.63 9.27 -1.83
N VAL B 103 37.43 9.86 -1.90
CA VAL B 103 37.15 11.05 -1.11
C VAL B 103 37.24 10.74 0.38
N TYR B 104 36.78 9.55 0.78
CA TYR B 104 36.87 9.16 2.19
C TYR B 104 38.30 9.15 2.71
N GLU B 105 39.27 8.86 1.84
CA GLU B 105 40.68 8.85 2.20
C GLU B 105 41.34 10.22 2.07
N SER B 106 40.58 11.27 1.75
CA SER B 106 41.18 12.57 1.46
C SER B 106 41.88 13.16 2.68
N THR B 107 43.21 13.30 2.58
CA THR B 107 43.97 13.97 3.64
C THR B 107 43.56 15.43 3.76
N ALA B 108 43.28 16.09 2.63
CA ALA B 108 42.90 17.50 2.69
C ALA B 108 41.55 17.68 3.38
N LEU B 109 40.59 16.80 3.07
CA LEU B 109 39.28 16.89 3.68
C LEU B 109 39.33 16.59 5.17
N LYS B 110 40.04 15.52 5.57
CA LYS B 110 40.14 15.22 7.00
C LYS B 110 40.94 16.29 7.74
N GLY B 111 41.92 16.89 7.07
CA GLY B 111 42.69 17.94 7.71
C GLY B 111 41.87 19.18 7.99
N PHE B 112 40.92 19.50 7.11
CA PHE B 112 40.03 20.63 7.35
C PHE B 112 39.01 20.32 8.43
N LEU B 113 38.44 19.12 8.42
CA LEU B 113 37.52 18.75 9.47
C LEU B 113 38.22 18.73 10.83
N SER B 114 39.49 18.33 10.86
CA SER B 114 40.26 18.38 12.10
C SER B 114 40.39 19.81 12.60
N ARG B 115 40.50 20.78 11.69
CA ARG B 115 40.52 22.18 12.08
C ARG B 115 39.23 22.57 12.79
N LEU B 116 38.09 22.14 12.26
CA LEU B 116 36.81 22.49 12.89
C LEU B 116 36.64 21.77 14.22
N ALA B 117 37.01 20.49 14.27
CA ALA B 117 36.81 19.68 15.46
C ALA B 117 37.83 19.95 16.55
N LYS B 118 38.96 20.59 16.21
CA LYS B 118 40.07 20.85 17.13
C LYS B 118 40.70 19.55 17.63
N GLU B 119 40.61 18.49 16.83
CA GLU B 119 41.23 17.20 17.13
C GLU B 119 41.28 16.43 15.82
N GLU B 120 42.05 15.34 15.82
CA GLU B 120 42.24 14.60 14.59
C GLU B 120 40.95 13.89 14.18
N VAL B 121 40.58 14.09 12.92
CA VAL B 121 39.47 13.39 12.29
C VAL B 121 40.08 12.29 11.44
N MET B 122 39.71 11.05 11.69
CA MET B 122 40.43 9.97 11.04
C MET B 122 39.43 8.93 10.56
N GLY B 123 39.95 7.88 9.91
CA GLY B 123 39.09 6.84 9.38
C GLY B 123 38.35 6.11 10.49
N CYS B 124 37.15 5.66 10.15
CA CYS B 124 36.33 4.91 11.09
C CYS B 124 36.95 3.53 11.31
N PRO B 125 37.12 3.08 12.56
CA PRO B 125 37.75 1.76 12.79
C PRO B 125 36.92 0.59 12.32
N TRP B 126 35.65 0.80 12.00
CA TRP B 126 34.77 -0.27 11.57
C TRP B 126 34.40 0.00 10.12
N ASP B 127 34.95 -0.81 9.21
CA ASP B 127 34.87 -0.49 7.78
C ASP B 127 33.42 -0.27 7.33
N GLU B 128 32.48 -1.03 7.87
CA GLU B 128 31.12 -0.98 7.35
C GLU B 128 30.40 0.33 7.65
N GLU B 129 30.95 1.23 8.45
CA GLU B 129 30.31 2.53 8.68
C GLU B 129 31.03 3.69 7.99
N LYS B 130 32.06 3.43 7.18
CA LYS B 130 32.79 4.52 6.54
C LYS B 130 31.88 5.35 5.66
N TYR B 131 31.00 4.72 4.89
CA TYR B 131 30.11 5.46 4.03
C TYR B 131 28.91 4.61 3.66
N ILE B 132 27.73 5.23 3.64
CA ILE B 132 26.49 4.58 3.25
C ILE B 132 25.66 5.60 2.46
N ILE B 133 24.59 5.11 1.85
CA ILE B 133 23.66 5.94 1.08
C ILE B 133 22.26 5.63 1.56
N THR B 134 21.45 6.67 1.79
CA THR B 134 20.04 6.46 2.04
C THR B 134 19.24 7.23 0.99
N ARG B 135 18.15 6.63 0.56
CA ARG B 135 17.24 7.23 -0.39
C ARG B 135 15.86 7.10 0.23
N GLN B 136 15.27 8.23 0.62
CA GLN B 136 13.90 8.29 1.04
C GLN B 136 13.03 8.62 -0.17
N HIS B 137 11.91 7.93 -0.32
CA HIS B 137 11.19 8.06 -1.59
C HIS B 137 9.69 7.81 -1.50
N GLN B 138 9.19 7.35 -0.36
CA GLN B 138 7.76 7.19 -0.15
C GLN B 138 7.28 8.11 0.97
N LYS B 139 6.01 8.53 0.85
CA LYS B 139 5.37 9.27 1.92
C LYS B 139 5.54 8.55 3.25
N GLY B 140 5.96 9.28 4.27
CA GLY B 140 6.25 8.72 5.57
C GLY B 140 7.72 8.42 5.81
N ASP B 141 8.53 8.37 4.75
CA ASP B 141 9.93 8.00 4.90
C ASP B 141 10.66 8.98 5.82
N THR B 142 11.63 8.46 6.56
CA THR B 142 12.29 9.27 7.58
C THR B 142 13.48 8.51 8.12
N HIS B 143 14.50 9.26 8.51
CA HIS B 143 15.57 8.72 9.34
C HIS B 143 15.26 9.20 10.77
N GLY B 144 14.63 8.34 11.56
CA GLY B 144 14.06 8.74 12.83
C GLY B 144 15.13 9.07 13.86
N TRP B 145 14.65 9.51 15.03
CA TRP B 145 15.55 9.99 16.08
C TRP B 145 16.63 8.96 16.38
N HIS B 146 17.89 9.39 16.30
CA HIS B 146 18.99 8.46 16.55
C HIS B 146 20.25 9.23 16.91
N TRP B 147 21.27 8.46 17.24
CA TRP B 147 22.65 8.89 17.39
C TRP B 147 23.49 8.00 16.49
N GLY B 148 24.74 8.41 16.25
CA GLY B 148 25.69 7.56 15.59
C GLY B 148 26.68 6.95 16.56
N ASP B 149 27.31 5.85 16.13
CA ASP B 149 28.36 5.22 16.92
C ASP B 149 29.69 5.94 16.84
N PHE B 150 29.87 6.86 15.89
CA PHE B 150 31.16 7.55 15.73
C PHE B 150 30.95 9.07 15.65
N SER B 151 32.07 9.80 15.67
CA SER B 151 32.07 11.20 16.08
C SER B 151 31.76 12.19 14.94
N PHE B 152 32.23 11.96 13.72
CA PHE B 152 32.32 13.01 12.70
C PHE B 152 31.65 12.58 11.39
N THR B 153 30.41 13.00 11.19
CA THR B 153 29.64 12.62 10.03
C THR B 153 29.46 13.81 9.11
N VAL B 154 29.80 13.64 7.83
CA VAL B 154 29.48 14.64 6.81
C VAL B 154 28.37 14.07 5.94
N ILE B 155 27.30 14.84 5.78
CA ILE B 155 26.15 14.44 4.97
C ILE B 155 26.21 15.22 3.67
N TRP B 156 26.03 14.51 2.55
CA TRP B 156 26.02 15.11 1.22
C TRP B 156 24.59 15.09 0.71
N LEU B 157 24.04 16.26 0.37
CA LEU B 157 22.66 16.33 -0.10
C LEU B 157 22.65 16.04 -1.59
N ILE B 158 22.46 14.77 -1.94
CA ILE B 158 22.52 14.39 -3.35
C ILE B 158 21.23 14.76 -4.07
N GLU B 159 20.10 14.64 -3.38
CA GLU B 159 18.79 15.00 -3.91
C GLU B 159 17.93 15.43 -2.74
N ALA B 160 17.04 16.40 -2.96
CA ALA B 160 16.14 16.79 -1.88
C ALA B 160 14.94 17.55 -2.41
N PRO B 161 13.75 17.28 -1.91
CA PRO B 161 12.59 18.10 -2.26
C PRO B 161 12.58 19.40 -1.48
N SER B 162 11.71 20.30 -1.91
CA SER B 162 11.42 21.50 -1.14
C SER B 162 11.03 21.10 0.28
N LEU B 163 11.43 21.91 1.25
CA LEU B 163 11.28 21.55 2.66
C LEU B 163 9.82 21.41 3.09
N GLU B 164 8.88 21.99 2.35
CA GLU B 164 7.48 21.78 2.74
C GLU B 164 7.03 20.35 2.54
N TYR B 165 7.83 19.52 1.86
CA TYR B 165 7.53 18.10 1.73
C TYR B 165 8.15 17.24 2.82
N GLY B 166 8.87 17.83 3.76
CA GLY B 166 9.60 17.09 4.78
C GLY B 166 11.09 17.13 4.48
N GLY B 167 11.85 16.37 5.28
CA GLY B 167 13.28 16.27 5.08
C GLY B 167 14.15 17.17 5.95
N MET B 168 13.58 18.16 6.63
CA MET B 168 14.29 18.96 7.62
C MET B 168 15.12 18.13 8.59
N LEU B 169 16.36 18.56 8.83
CA LEU B 169 17.15 17.96 9.90
C LEU B 169 16.82 18.60 11.24
N GLN B 170 16.70 17.80 12.27
CA GLN B 170 16.49 18.31 13.62
C GLN B 170 17.57 17.76 14.56
N CYS B 171 18.04 18.59 15.48
CA CYS B 171 19.22 18.27 16.29
C CYS B 171 19.02 18.68 17.75
N ILE B 172 19.54 17.86 18.65
CA ILE B 172 19.74 18.25 20.05
C ILE B 172 21.18 17.87 20.42
N PRO B 173 22.07 18.83 20.58
CA PRO B 173 23.47 18.50 20.85
C PRO B 173 23.71 18.25 22.34
N HIS B 174 24.91 17.75 22.61
CA HIS B 174 25.41 17.52 23.97
C HIS B 174 24.51 16.56 24.73
N THR B 175 24.11 15.50 24.04
CA THR B 175 23.41 14.37 24.62
C THR B 175 24.31 13.15 24.43
N ASP B 176 23.79 11.97 24.77
CA ASP B 176 24.56 10.74 24.62
C ASP B 176 23.61 9.60 24.28
N TRP B 177 24.17 8.53 23.72
CA TRP B 177 23.41 7.36 23.30
C TRP B 177 23.58 6.23 24.32
N ASN B 178 22.55 5.98 25.11
CA ASN B 178 22.48 4.78 25.96
C ASN B 178 21.59 3.78 25.25
N LYS B 179 22.19 2.74 24.68
CA LYS B 179 21.41 1.83 23.84
C LYS B 179 20.44 0.97 24.65
N ASP B 180 20.72 0.76 25.94
CA ASP B 180 19.82 0.02 26.82
C ASP B 180 18.68 0.87 27.36
N ASP B 181 18.76 2.19 27.20
CA ASP B 181 17.78 3.09 27.79
C ASP B 181 17.90 4.47 27.15
N PRO B 182 17.49 4.61 25.89
CA PRO B 182 17.81 5.84 25.14
C PRO B 182 17.09 7.07 25.65
N ARG B 183 15.86 6.94 26.16
CA ARG B 183 15.14 8.04 26.77
C ARG B 183 15.07 9.26 25.84
N VAL B 184 14.60 9.01 24.61
CA VAL B 184 14.56 10.05 23.60
C VAL B 184 13.58 11.16 23.96
N GLU B 185 12.38 10.80 24.44
CA GLU B 185 11.40 11.81 24.79
C GLU B 185 11.86 12.66 25.97
N ASP B 186 12.60 12.08 26.92
CA ASP B 186 13.20 12.90 27.97
C ASP B 186 14.13 13.95 27.39
N TYR B 187 14.96 13.58 26.42
CA TYR B 187 15.85 14.57 25.82
C TYR B 187 15.07 15.68 25.12
N LEU B 188 13.99 15.33 24.41
CA LEU B 188 13.21 16.35 23.73
C LEU B 188 12.64 17.37 24.72
N GLN B 189 12.18 16.91 25.87
CA GLN B 189 11.59 17.84 26.83
C GLN B 189 12.61 18.68 27.57
N LYS B 190 13.84 18.17 27.77
CA LYS B 190 14.84 18.93 28.51
C LYS B 190 15.49 20.02 27.68
N HIS B 191 15.55 19.87 26.37
CA HIS B 191 16.38 20.75 25.55
C HIS B 191 15.63 21.24 24.33
N PRO B 192 15.98 22.43 23.83
CA PRO B 192 15.40 22.91 22.57
C PRO B 192 15.87 22.05 21.41
N ILE B 193 15.04 21.98 20.38
CA ILE B 193 15.37 21.32 19.13
C ILE B 193 15.74 22.40 18.12
N ARG B 194 16.84 22.21 17.41
CA ARG B 194 17.20 23.10 16.31
C ARG B 194 16.93 22.41 14.98
N SER B 195 16.27 23.13 14.07
CA SER B 195 15.90 22.60 12.76
C SER B 195 16.75 23.26 11.67
N TYR B 196 17.27 22.45 10.75
CA TYR B 196 18.15 22.96 9.69
C TYR B 196 17.66 22.46 8.34
N GLY B 197 17.49 23.36 7.38
CA GLY B 197 17.07 23.00 6.04
C GLY B 197 18.24 22.82 5.10
N HIS B 198 18.08 21.91 4.13
CA HIS B 198 19.13 21.66 3.15
C HIS B 198 18.53 21.40 1.78
N ALA B 199 19.27 21.82 0.76
CA ALA B 199 18.93 21.61 -0.64
C ALA B 199 20.02 20.79 -1.30
N LYS B 200 19.70 20.25 -2.49
CA LYS B 200 20.67 19.57 -3.33
C LYS B 200 21.94 20.40 -3.46
N GLY B 201 23.09 19.74 -3.30
CA GLY B 201 24.38 20.40 -3.37
C GLY B 201 24.97 20.78 -2.02
N ASP B 202 24.15 20.78 -0.97
CA ASP B 202 24.60 21.11 0.38
C ASP B 202 25.43 19.98 0.97
N LEU B 203 26.34 20.36 1.86
CA LEU B 203 27.03 19.43 2.74
C LEU B 203 27.01 19.99 4.15
N TYR B 204 26.93 19.11 5.13
CA TYR B 204 27.01 19.55 6.51
C TYR B 204 27.76 18.53 7.37
N LEU B 205 28.35 19.04 8.45
CA LEU B 205 29.13 18.24 9.38
C LEU B 205 28.36 18.11 10.68
N LEU B 206 28.27 16.90 11.20
CA LEU B 206 27.43 16.64 12.36
C LEU B 206 28.21 15.82 13.37
N ARG B 207 28.17 16.23 14.64
CA ARG B 207 28.80 15.49 15.72
C ARG B 207 27.85 14.37 16.14
N SER B 208 27.94 13.24 15.42
CA SER B 208 26.83 12.29 15.43
C SER B 208 26.73 11.50 16.73
N ASP B 209 27.81 11.37 17.50
CA ASP B 209 27.70 10.58 18.72
C ASP B 209 27.01 11.31 19.86
N THR B 210 27.05 12.66 19.87
CA THR B 210 26.49 13.42 20.97
C THR B 210 25.34 14.33 20.52
N THR B 211 24.93 14.23 19.26
CA THR B 211 23.83 15.05 18.76
C THR B 211 22.70 14.12 18.37
N LEU B 212 21.63 14.14 19.16
CA LEU B 212 20.42 13.43 18.81
C LEU B 212 19.80 14.09 17.59
N HIS B 213 19.51 13.30 16.55
CA HIS B 213 19.08 13.92 15.30
C HIS B 213 18.17 13.00 14.50
N ARG B 214 17.41 13.63 13.60
CA ARG B 214 16.46 12.93 12.74
C ARG B 214 16.19 13.79 11.52
N THR B 215 15.50 13.22 10.53
CA THR B 215 14.94 14.00 9.44
C THR B 215 13.42 13.95 9.54
N VAL B 216 12.78 15.09 9.30
CA VAL B 216 11.31 15.14 9.38
C VAL B 216 10.70 14.23 8.31
N PRO B 217 9.74 13.37 8.64
CA PRO B 217 9.18 12.46 7.63
C PRO B 217 8.66 13.18 6.39
N LEU B 218 8.83 12.54 5.24
CA LEU B 218 8.26 13.03 4.01
C LEU B 218 6.74 12.96 4.09
N ASN B 219 6.06 14.02 3.64
CA ASN B 219 4.61 14.02 3.63
C ASN B 219 4.03 13.79 2.23
N ALA B 220 4.87 13.37 1.29
CA ALA B 220 4.43 13.03 -0.06
C ALA B 220 5.49 12.11 -0.66
N ASP B 221 5.14 11.44 -1.75
CA ASP B 221 6.08 10.60 -2.48
C ASP B 221 7.10 11.48 -3.19
N ARG B 222 8.18 11.83 -2.50
CA ARG B 222 9.23 12.70 -3.00
C ARG B 222 10.57 12.03 -2.69
N THR B 223 11.62 12.49 -3.36
CA THR B 223 12.91 11.81 -3.33
C THR B 223 13.93 12.66 -2.59
N ARG B 224 14.51 12.10 -1.53
CA ARG B 224 15.62 12.72 -0.80
C ARG B 224 16.73 11.70 -0.69
N ILE B 225 17.90 12.03 -1.22
CA ILE B 225 19.04 11.10 -1.24
C ILE B 225 20.23 11.77 -0.58
N ILE B 226 20.89 11.04 0.33
CA ILE B 226 22.12 11.54 0.95
C ILE B 226 23.19 10.47 0.88
N LEU B 227 24.43 10.94 0.80
CA LEU B 227 25.62 10.15 1.08
C LEU B 227 26.11 10.53 2.47
N ASN B 228 26.44 9.53 3.28
CA ASN B 228 26.93 9.71 4.65
C ASN B 228 28.37 9.22 4.66
N THR B 229 29.33 10.12 4.84
CA THR B 229 30.73 9.77 5.06
C THR B 229 31.05 10.04 6.53
N CYS B 230 31.43 8.99 7.23
CA CYS B 230 31.50 9.02 8.68
C CYS B 230 32.93 8.76 9.12
N TRP B 231 33.55 9.76 9.74
CA TRP B 231 34.89 9.62 10.27
C TRP B 231 34.80 9.53 11.79
N ALA B 232 35.95 9.43 12.44
CA ALA B 232 35.99 9.05 13.85
C ALA B 232 37.11 9.79 14.57
N SER B 233 37.03 9.78 15.89
CA SER B 233 38.08 10.35 16.73
C SER B 233 39.17 9.32 17.02
N ARG B 234 40.26 9.79 17.64
CA ARG B 234 41.24 8.90 18.24
C ARG B 234 40.59 7.95 19.25
N ALA B 235 39.78 8.50 20.15
CA ALA B 235 39.15 7.66 21.17
C ALA B 235 38.19 6.64 20.55
N ASP B 236 37.56 7.01 19.43
CA ASP B 236 36.69 6.05 18.73
C ASP B 236 37.45 4.81 18.29
N GLN B 237 38.75 4.94 18.01
CA GLN B 237 39.49 3.81 17.45
C GLN B 237 39.48 2.60 18.36
N GLN B 238 39.49 2.81 19.68
CA GLN B 238 39.65 1.68 20.58
C GLN B 238 38.42 1.36 21.41
N LYS B 239 37.38 2.18 21.33
CA LYS B 239 36.22 1.92 22.18
C LYS B 239 35.45 0.71 21.67
N ALA B 240 34.78 0.02 22.61
CA ALA B 240 33.97 -1.14 22.27
C ALA B 240 32.65 -0.67 21.69
N THR B 241 32.36 -1.09 20.47
CA THR B 241 31.21 -0.62 19.72
C THR B 241 30.38 -1.82 19.28
N THR B 242 29.08 -1.75 19.49
CA THR B 242 28.13 -2.71 18.93
C THR B 242 27.44 -2.08 17.73
N HIS B 243 27.05 -2.91 16.77
CA HIS B 243 26.69 -2.44 15.43
C HIS B 243 25.25 -2.80 15.04
N GLU B 244 24.38 -3.04 16.02
CA GLU B 244 23.05 -3.56 15.74
C GLU B 244 22.25 -2.67 14.78
N THR B 245 22.36 -1.33 14.92
CA THR B 245 21.57 -0.49 14.04
C THR B 245 22.10 -0.49 12.62
N MET B 246 23.43 -0.55 12.45
CA MET B 246 24.01 -0.65 11.10
C MET B 246 23.67 -1.98 10.43
N ASN B 247 23.77 -3.09 11.17
CA ASN B 247 23.40 -4.38 10.61
C ASN B 247 21.92 -4.43 10.22
N ALA B 248 21.05 -3.76 11.00
CA ALA B 248 19.63 -3.81 10.66
C ALA B 248 19.30 -2.99 9.43
N MET B 249 20.09 -1.95 9.16
CA MET B 249 19.75 -0.91 8.20
C MET B 249 20.39 -1.14 6.84
N PHE B 250 21.54 -1.80 6.80
CA PHE B 250 22.38 -1.88 5.60
C PHE B 250 22.84 -3.31 5.34
N ASP B 251 22.81 -3.70 4.08
CA ASP B 251 23.30 -5.01 3.64
C ASP B 251 24.83 -5.04 3.61
N SER C 5 -21.59 16.31 44.25
CA SER C 5 -21.89 16.33 42.83
C SER C 5 -21.64 17.72 42.22
N ILE C 6 -20.86 17.79 41.16
CA ILE C 6 -20.49 19.05 40.53
C ILE C 6 -21.51 19.39 39.47
N THR C 7 -22.12 20.57 39.57
CA THR C 7 -23.12 21.04 38.62
C THR C 7 -22.76 22.45 38.17
N ALA C 8 -23.48 22.91 37.14
CA ALA C 8 -23.29 24.27 36.67
C ALA C 8 -23.60 25.29 37.77
N ALA C 9 -24.47 24.93 38.71
CA ALA C 9 -24.86 25.88 39.75
C ALA C 9 -23.81 26.03 40.85
N ASN C 10 -22.99 25.01 41.10
CA ASN C 10 -22.03 25.06 42.19
C ASN C 10 -20.58 25.05 41.75
N VAL C 11 -20.30 24.91 40.45
CA VAL C 11 -18.92 24.74 40.02
C VAL C 11 -18.09 26.01 40.24
N GLU C 12 -18.71 27.19 40.14
CA GLU C 12 -17.94 28.43 40.21
C GLU C 12 -17.32 28.64 41.58
N GLU C 13 -18.03 28.26 42.64
CA GLU C 13 -17.46 28.43 43.98
C GLU C 13 -16.32 27.45 44.22
N LEU C 14 -16.40 26.25 43.63
CA LEU C 14 -15.28 25.32 43.73
C LEU C 14 -14.06 25.84 42.96
N ILE C 15 -14.29 26.51 41.84
CA ILE C 15 -13.18 27.04 41.05
C ILE C 15 -12.45 28.13 41.82
N ALA C 16 -13.22 29.06 42.41
CA ALA C 16 -12.61 30.14 43.17
C ALA C 16 -11.89 29.61 44.41
N LYS C 17 -12.48 28.62 45.07
CA LYS C 17 -11.88 28.06 46.28
C LYS C 17 -10.55 27.39 45.96
N ASN C 18 -10.52 26.57 44.90
CA ASN C 18 -9.28 25.90 44.53
C ASN C 18 -8.20 26.92 44.13
N ILE C 19 -8.59 28.01 43.48
CA ILE C 19 -7.61 28.97 42.99
C ILE C 19 -6.99 29.74 44.16
N ALA C 20 -7.81 30.16 45.13
CA ALA C 20 -7.26 30.80 46.31
C ALA C 20 -6.39 29.86 47.15
N GLU C 21 -6.57 28.54 47.01
CA GLU C 21 -5.75 27.60 47.78
C GLU C 21 -4.49 27.19 47.05
N ARG C 22 -4.54 27.05 45.73
CA ARG C 22 -3.42 26.51 44.98
C ARG C 22 -2.43 27.58 44.53
N PHE C 23 -2.87 28.82 44.39
CA PHE C 23 -2.02 29.89 43.86
C PHE C 23 -1.99 31.06 44.84
N ALA C 24 -1.78 30.75 46.11
CA ALA C 24 -1.66 31.77 47.13
C ALA C 24 -0.29 32.44 47.14
N ASP C 25 0.74 31.73 46.66
CA ASP C 25 2.11 32.25 46.64
C ASP C 25 2.24 33.25 45.50
N ASP C 26 2.37 34.54 45.83
CA ASP C 26 2.45 35.57 44.80
C ASP C 26 3.71 35.43 43.97
N HIS C 27 4.83 35.06 44.60
CA HIS C 27 6.07 34.90 43.86
C HIS C 27 5.99 33.74 42.88
N GLU C 28 5.27 32.68 43.23
CA GLU C 28 5.06 31.57 42.31
C GLU C 28 4.22 32.00 41.12
N VAL C 29 3.17 32.78 41.36
CA VAL C 29 2.33 33.24 40.25
C VAL C 29 3.14 34.15 39.34
N LEU C 30 4.04 34.96 39.92
CA LEU C 30 4.88 35.83 39.11
C LEU C 30 5.74 35.02 38.14
N GLY C 31 6.34 33.93 38.62
CA GLY C 31 7.13 33.07 37.75
C GLY C 31 6.30 32.42 36.65
N LEU C 32 5.07 31.99 36.98
CA LEU C 32 4.21 31.41 35.97
C LEU C 32 3.88 32.42 34.87
N SER C 33 3.59 33.67 35.27
CA SER C 33 3.34 34.71 34.29
C SER C 33 4.55 34.91 33.39
N GLN C 34 5.73 35.00 34.00
CA GLN C 34 6.95 35.20 33.20
C GLN C 34 7.19 34.01 32.28
N HIS C 35 6.94 32.79 32.76
CA HIS C 35 7.08 31.63 31.88
C HIS C 35 6.12 31.73 30.69
N PHE C 36 4.86 32.06 30.98
CA PHE C 36 3.85 32.22 29.94
C PHE C 36 4.30 33.23 28.87
N ARG C 37 4.81 34.38 29.29
CA ARG C 37 5.17 35.41 28.32
C ARG C 37 6.45 35.06 27.56
N ARG C 38 7.46 34.56 28.26
CA ARG C 38 8.70 34.19 27.58
C ARG C 38 8.46 33.05 26.59
N GLU C 39 7.76 32.01 27.02
CA GLU C 39 7.65 30.80 26.20
C GLU C 39 6.32 30.65 25.47
N GLY C 40 5.37 31.56 25.64
CA GLY C 40 4.06 31.40 25.03
C GLY C 40 3.26 30.26 25.62
N TYR C 41 3.71 29.69 26.74
CA TYR C 41 3.15 28.46 27.29
C TYR C 41 3.50 28.40 28.77
N VAL C 42 2.57 27.88 29.57
CA VAL C 42 2.87 27.58 30.98
C VAL C 42 1.97 26.44 31.44
N LYS C 43 2.59 25.42 32.06
CA LYS C 43 1.83 24.34 32.67
C LYS C 43 1.19 24.80 33.98
N LEU C 44 -0.07 24.43 34.21
CA LEU C 44 -0.82 24.92 35.38
C LEU C 44 -1.44 23.76 36.14
N PRO C 45 -0.63 22.93 36.81
CA PRO C 45 -1.19 21.86 37.63
C PRO C 45 -2.10 22.43 38.70
N GLY C 46 -3.27 21.82 38.85
CA GLY C 46 -4.25 22.28 39.81
C GLY C 46 -4.92 23.58 39.45
N LEU C 47 -4.96 23.94 38.17
CA LEU C 47 -5.73 25.11 37.75
C LEU C 47 -7.18 24.97 38.18
N VAL C 48 -7.74 23.77 38.07
CA VAL C 48 -8.95 23.37 38.78
C VAL C 48 -8.62 22.13 39.63
N SER C 49 -9.51 21.84 40.59
CA SER C 49 -9.32 20.69 41.47
C SER C 49 -9.52 19.39 40.70
N PRO C 50 -8.97 18.28 41.21
CA PRO C 50 -9.23 16.97 40.58
C PRO C 50 -10.71 16.63 40.43
N GLU C 51 -11.56 17.09 41.36
CA GLU C 51 -12.98 16.76 41.32
C GLU C 51 -13.71 17.56 40.25
N VAL C 52 -13.38 18.83 40.11
CA VAL C 52 -13.92 19.60 39.00
C VAL C 52 -13.40 19.03 37.67
N PHE C 53 -12.11 18.71 37.62
CA PHE C 53 -11.54 18.15 36.39
C PHE C 53 -12.24 16.86 36.00
N ASP C 54 -12.51 16.00 36.98
CA ASP C 54 -13.07 14.69 36.67
C ASP C 54 -14.49 14.84 36.12
N ALA C 55 -15.20 15.87 36.55
CA ALA C 55 -16.57 16.08 36.12
C ALA C 55 -16.62 16.65 34.71
N VAL C 56 -15.73 17.60 34.42
CA VAL C 56 -15.54 18.08 33.06
C VAL C 56 -15.16 16.92 32.15
N ALA C 57 -14.27 16.06 32.62
CA ALA C 57 -13.84 14.90 31.83
C ALA C 57 -15.00 13.97 31.51
N ALA C 58 -15.90 13.75 32.49
CA ALA C 58 -17.05 12.88 32.23
C ALA C 58 -17.98 13.51 31.20
N GLU C 59 -18.21 14.82 31.29
CA GLU C 59 -19.01 15.51 30.29
C GLU C 59 -18.38 15.43 28.90
N THR C 60 -17.06 15.63 28.83
CA THR C 60 -16.35 15.53 27.54
C THR C 60 -16.57 14.17 26.90
N HIS C 61 -16.45 13.10 27.68
CA HIS C 61 -16.61 11.76 27.14
C HIS C 61 -18.01 11.52 26.60
N GLN C 62 -19.01 12.06 27.30
CA GLN C 62 -20.38 11.94 26.81
C GLN C 62 -20.58 12.73 25.52
N LEU C 63 -19.98 13.91 25.41
CA LEU C 63 -20.14 14.68 24.19
C LEU C 63 -19.45 14.00 23.01
N ILE C 64 -18.31 13.37 23.28
CA ILE C 64 -17.58 12.64 22.23
C ILE C 64 -18.42 11.48 21.71
N ASP C 65 -19.01 10.71 22.61
CA ASP C 65 -19.82 9.55 22.21
C ASP C 65 -21.01 9.98 21.37
N THR C 66 -21.61 11.11 21.70
CA THR C 66 -22.81 11.58 21.00
C THR C 66 -22.48 12.27 19.67
N HIS C 67 -21.38 13.02 19.61
CA HIS C 67 -21.24 14.02 18.57
C HIS C 67 -19.99 13.94 17.71
N GLN C 68 -19.00 13.11 18.03
CA GLN C 68 -17.70 13.26 17.38
C GLN C 68 -17.78 13.01 15.88
N LYS C 69 -16.86 13.64 15.16
CA LYS C 69 -16.72 13.57 13.72
C LYS C 69 -15.24 13.34 13.42
N ARG C 70 -14.93 12.41 12.51
CA ARG C 70 -13.55 12.12 12.17
C ARG C 70 -13.11 13.00 11.00
N ILE C 71 -11.95 13.64 11.14
CA ILE C 71 -11.40 14.45 10.06
C ILE C 71 -10.01 13.95 9.70
N ASP C 72 -9.69 13.99 8.40
CA ASP C 72 -8.37 13.63 7.88
C ASP C 72 -8.05 14.60 6.75
N ILE C 73 -7.58 15.79 7.12
CA ILE C 73 -7.48 16.91 6.20
C ILE C 73 -6.14 17.60 6.40
N ARG C 74 -5.77 18.41 5.40
CA ARG C 74 -4.60 19.27 5.47
C ARG C 74 -5.03 20.69 5.17
N LEU C 75 -4.59 21.64 5.99
CA LEU C 75 -5.07 23.02 5.93
C LEU C 75 -4.03 23.91 5.25
N LYS C 76 -4.42 24.50 4.12
CA LYS C 76 -3.53 25.38 3.36
C LYS C 76 -3.05 26.56 4.20
N GLU C 77 -3.91 27.10 5.07
CA GLU C 77 -3.58 28.30 5.82
C GLU C 77 -2.46 28.08 6.83
N THR C 78 -2.18 26.83 7.19
CA THR C 78 -1.03 26.52 8.04
C THR C 78 -0.03 25.64 7.30
N GLY C 79 0.17 25.91 6.02
CA GLY C 79 1.21 25.23 5.27
C GLY C 79 0.90 23.80 4.90
N ASP C 80 -0.39 23.46 4.81
CA ASP C 80 -0.85 22.09 4.54
C ASP C 80 -0.47 21.12 5.66
N SER C 81 -0.31 21.61 6.88
CA SER C 81 -0.12 20.70 8.00
C SER C 81 -1.41 19.91 8.23
N PRO C 82 -1.30 18.70 8.79
CA PRO C 82 -2.48 17.83 8.93
C PRO C 82 -3.29 18.07 10.19
N ARG C 83 -4.56 17.69 10.10
CA ARG C 83 -5.45 17.50 11.25
C ARG C 83 -6.03 16.11 11.07
N TYR C 84 -5.45 15.14 11.77
CA TYR C 84 -5.87 13.75 11.72
C TYR C 84 -6.37 13.44 13.13
N MET C 85 -7.69 13.45 13.31
CA MET C 85 -8.28 13.39 14.64
C MET C 85 -9.79 13.29 14.45
N SER C 86 -10.50 13.04 15.56
CA SER C 86 -11.93 13.26 15.66
C SER C 86 -12.20 14.48 16.53
N THR C 87 -13.31 15.18 16.27
CA THR C 87 -13.58 16.45 16.94
C THR C 87 -15.03 16.54 17.38
N VAL C 88 -15.27 17.34 18.42
CA VAL C 88 -16.60 17.83 18.78
C VAL C 88 -16.57 19.35 18.75
N GLY C 89 -17.52 19.96 18.02
CA GLY C 89 -17.56 21.40 17.86
C GLY C 89 -18.27 22.13 18.99
N GLN C 90 -18.11 23.46 19.00
CA GLN C 90 -18.65 24.27 20.09
C GLN C 90 -20.18 24.22 20.14
N LYS C 91 -20.85 24.20 19.00
CA LYS C 91 -22.31 24.27 19.02
C LYS C 91 -22.90 23.05 19.72
N ALA C 92 -22.30 21.88 19.48
CA ALA C 92 -22.73 20.66 20.17
C ALA C 92 -22.46 20.76 21.68
N ILE C 93 -21.29 21.28 22.06
CA ILE C 93 -20.98 21.40 23.49
C ILE C 93 -21.94 22.37 24.16
N ALA C 94 -22.24 23.47 23.47
CA ALA C 94 -23.19 24.44 24.04
C ALA C 94 -24.57 23.83 24.20
N THR C 95 -25.01 23.06 23.19
CA THR C 95 -26.35 22.48 23.20
C THR C 95 -26.49 21.41 24.28
N ASP C 96 -25.57 20.45 24.30
CA ASP C 96 -25.70 19.24 25.10
C ASP C 96 -24.85 19.27 26.37
N GLY C 97 -23.91 20.20 26.49
CA GLY C 97 -23.08 20.30 27.68
C GLY C 97 -23.74 21.13 28.76
N SER C 98 -23.04 21.24 29.89
CA SER C 98 -23.56 21.98 31.03
C SER C 98 -22.42 22.57 31.84
N LEU C 99 -21.43 21.74 32.16
CA LEU C 99 -20.32 22.18 32.99
C LEU C 99 -19.30 22.96 32.18
N ILE C 100 -19.07 22.55 30.93
CA ILE C 100 -18.12 23.26 30.09
C ILE C 100 -18.57 24.69 29.81
N PRO C 101 -19.81 24.94 29.38
CA PRO C 101 -20.25 26.35 29.29
C PRO C 101 -20.13 27.12 30.60
N ALA C 102 -20.42 26.49 31.74
CA ALA C 102 -20.33 27.19 33.02
C ALA C 102 -18.90 27.50 33.39
N VAL C 103 -17.99 26.52 33.20
CA VAL C 103 -16.58 26.78 33.45
C VAL C 103 -16.07 27.90 32.56
N TYR C 104 -16.50 27.91 31.29
CA TYR C 104 -16.04 28.95 30.36
C TYR C 104 -16.42 30.35 30.84
N GLU C 105 -17.51 30.48 31.59
CA GLU C 105 -17.95 31.77 32.09
C GLU C 105 -17.38 32.09 33.46
N SER C 106 -16.43 31.30 33.95
CA SER C 106 -15.96 31.47 35.32
C SER C 106 -15.24 32.79 35.50
N THR C 107 -15.79 33.64 36.37
CA THR C 107 -15.14 34.89 36.72
C THR C 107 -13.80 34.63 37.41
N ALA C 108 -13.73 33.58 38.22
CA ALA C 108 -12.50 33.33 38.98
C ALA C 108 -11.40 32.76 38.10
N LEU C 109 -11.75 31.81 37.22
CA LEU C 109 -10.79 31.26 36.29
C LEU C 109 -10.22 32.34 35.37
N LYS C 110 -11.10 33.17 34.81
CA LYS C 110 -10.66 34.24 33.90
C LYS C 110 -9.84 35.29 34.65
N GLY C 111 -10.21 35.57 35.90
CA GLY C 111 -9.45 36.50 36.70
C GLY C 111 -8.06 35.99 37.03
N PHE C 112 -7.91 34.69 37.26
CA PHE C 112 -6.57 34.15 37.51
C PHE C 112 -5.73 34.17 36.23
N LEU C 113 -6.32 33.78 35.10
CA LEU C 113 -5.60 33.86 33.84
C LEU C 113 -5.20 35.30 33.51
N SER C 114 -6.02 36.27 33.91
CA SER C 114 -5.67 37.67 33.72
C SER C 114 -4.41 38.03 34.48
N ARG C 115 -4.24 37.46 35.68
CA ARG C 115 -3.01 37.67 36.44
C ARG C 115 -1.80 37.20 35.64
N LEU C 116 -1.90 36.03 35.02
CA LEU C 116 -0.79 35.49 34.25
C LEU C 116 -0.53 36.29 32.99
N ALA C 117 -1.60 36.70 32.29
CA ALA C 117 -1.45 37.45 31.05
C ALA C 117 -1.10 38.91 31.28
N LYS C 118 -1.29 39.42 32.49
CA LYS C 118 -1.15 40.85 32.80
C LYS C 118 -2.09 41.70 31.95
N GLU C 119 -3.23 41.13 31.58
CA GLU C 119 -4.27 41.87 30.88
C GLU C 119 -5.55 41.07 30.99
N GLU C 120 -6.67 41.71 30.70
CA GLU C 120 -7.95 41.06 30.92
C GLU C 120 -8.15 39.93 29.94
N VAL C 121 -8.47 38.76 30.48
CA VAL C 121 -8.83 37.60 29.70
C VAL C 121 -10.36 37.54 29.71
N MET C 122 -10.97 37.53 28.53
CA MET C 122 -12.42 37.64 28.46
C MET C 122 -12.95 36.65 27.44
N GLY C 123 -14.27 36.67 27.24
CA GLY C 123 -14.89 35.74 26.33
C GLY C 123 -14.44 35.95 24.90
N CYS C 124 -14.41 34.86 24.15
CA CYS C 124 -14.11 34.92 22.73
C CYS C 124 -15.25 35.60 21.98
N PRO C 125 -14.98 36.51 21.03
CA PRO C 125 -16.07 37.22 20.35
C PRO C 125 -16.77 36.40 19.30
N TRP C 126 -16.22 35.27 18.91
CA TRP C 126 -16.83 34.35 17.96
C TRP C 126 -17.22 33.11 18.76
N ASP C 127 -18.54 32.90 18.91
CA ASP C 127 -19.04 31.86 19.82
C ASP C 127 -18.45 30.50 19.50
N GLU C 128 -18.26 30.19 18.22
CA GLU C 128 -17.91 28.82 17.89
C GLU C 128 -16.47 28.46 18.23
N GLU C 129 -15.64 29.38 18.73
CA GLU C 129 -14.30 29.01 19.17
C GLU C 129 -14.15 28.98 20.69
N LYS C 130 -15.22 29.25 21.45
CA LYS C 130 -15.11 29.28 22.91
C LYS C 130 -14.60 27.96 23.47
N TYR C 131 -15.12 26.83 22.97
CA TYR C 131 -14.65 25.53 23.45
C TYR C 131 -14.87 24.47 22.39
N ILE C 132 -13.90 23.56 22.25
CA ILE C 132 -13.98 22.44 21.33
C ILE C 132 -13.29 21.25 22.00
N ILE C 133 -13.55 20.07 21.45
CA ILE C 133 -12.90 18.85 21.92
C ILE C 133 -12.19 18.20 20.75
N THR C 134 -11.00 17.66 20.99
CA THR C 134 -10.35 16.83 19.98
C THR C 134 -10.01 15.49 20.60
N ARG C 135 -10.14 14.44 19.80
CA ARG C 135 -9.81 13.08 20.22
C ARG C 135 -8.89 12.51 19.15
N GLN C 136 -7.64 12.24 19.52
CA GLN C 136 -6.72 11.50 18.68
C GLN C 136 -6.71 10.04 19.15
N HIS C 137 -6.75 9.10 18.20
CA HIS C 137 -6.98 7.73 18.60
C HIS C 137 -6.38 6.67 17.66
N GLN C 138 -5.92 7.04 16.47
CA GLN C 138 -5.27 6.08 15.59
C GLN C 138 -3.81 6.48 15.37
N LYS C 139 -2.98 5.47 15.10
CA LYS C 139 -1.60 5.74 14.67
C LYS C 139 -1.56 6.82 13.61
N GLY C 140 -0.64 7.77 13.79
CA GLY C 140 -0.51 8.87 12.87
C GLY C 140 -1.32 10.11 13.21
N ASP C 141 -2.24 10.02 14.17
CA ASP C 141 -3.07 11.18 14.50
C ASP C 141 -2.23 12.31 15.08
N THR C 142 -2.62 13.53 14.75
CA THR C 142 -1.85 14.70 15.15
C THR C 142 -2.71 15.95 14.96
N HIS C 143 -2.48 16.93 15.83
CA HIS C 143 -2.89 18.30 15.57
C HIS C 143 -1.64 19.00 15.03
N GLY C 144 -1.60 19.18 13.70
CA GLY C 144 -0.39 19.64 13.04
C GLY C 144 -0.10 21.11 13.30
N TRP C 145 1.06 21.56 12.83
CA TRP C 145 1.53 22.93 13.09
C TRP C 145 0.44 23.95 12.77
N HIS C 146 0.19 24.84 13.72
CA HIS C 146 -0.86 25.84 13.53
C HIS C 146 -0.68 26.96 14.55
N TRP C 147 -1.48 28.00 14.36
CA TRP C 147 -1.70 29.06 15.32
C TRP C 147 -3.19 29.09 15.63
N GLY C 148 -3.55 29.83 16.67
CA GLY C 148 -4.93 30.10 16.96
C GLY C 148 -5.33 31.49 16.51
N ASP C 149 -6.63 31.67 16.30
CA ASP C 149 -7.17 32.98 15.96
C ASP C 149 -7.29 33.91 17.16
N PHE C 150 -7.22 33.40 18.38
CA PHE C 150 -7.38 34.22 19.57
C PHE C 150 -6.27 33.93 20.58
N SER C 151 -6.26 34.70 21.66
CA SER C 151 -5.04 34.92 22.44
C SER C 151 -4.76 33.82 23.47
N PHE C 152 -5.78 33.33 24.17
CA PHE C 152 -5.58 32.66 25.46
C PHE C 152 -6.30 31.31 25.48
N THR C 153 -5.55 30.24 25.25
CA THR C 153 -6.09 28.89 25.16
C THR C 153 -5.66 28.07 26.38
N VAL C 154 -6.63 27.46 27.06
CA VAL C 154 -6.33 26.49 28.11
C VAL C 154 -6.69 25.11 27.61
N ILE C 155 -5.73 24.19 27.68
CA ILE C 155 -5.89 22.82 27.24
C ILE C 155 -6.02 21.92 28.47
N TRP C 156 -7.03 21.05 28.45
CA TRP C 156 -7.30 20.08 29.51
C TRP C 156 -6.99 18.68 28.97
N LEU C 157 -6.04 17.99 29.60
CA LEU C 157 -5.67 16.63 29.18
C LEU C 157 -6.66 15.64 29.79
N ILE C 158 -7.76 15.41 29.08
CA ILE C 158 -8.79 14.50 29.57
C ILE C 158 -8.29 13.06 29.56
N GLU C 159 -7.64 12.65 28.47
CA GLU C 159 -6.95 11.37 28.40
C GLU C 159 -5.64 11.57 27.64
N ALA C 160 -4.63 10.79 27.98
CA ALA C 160 -3.36 10.90 27.28
C ALA C 160 -2.55 9.63 27.43
N PRO C 161 -1.97 9.10 26.35
CA PRO C 161 -1.06 7.96 26.48
C PRO C 161 0.28 8.43 27.03
N SER C 162 1.11 7.44 27.39
CA SER C 162 2.49 7.74 27.75
C SER C 162 3.18 8.39 26.55
N LEU C 163 4.17 9.23 26.84
CA LEU C 163 4.75 10.09 25.81
C LEU C 163 5.52 9.32 24.75
N GLU C 164 6.00 8.10 25.05
CA GLU C 164 6.69 7.36 24.01
C GLU C 164 5.77 7.01 22.84
N TYR C 165 4.45 7.14 23.03
CA TYR C 165 3.51 6.86 21.95
C TYR C 165 3.13 8.11 21.16
N GLY C 166 3.75 9.24 21.45
CA GLY C 166 3.42 10.49 20.78
C GLY C 166 2.61 11.40 21.68
N GLY C 167 2.13 12.49 21.07
CA GLY C 167 1.26 13.41 21.76
C GLY C 167 1.93 14.59 22.40
N MET C 168 3.25 14.64 22.37
CA MET C 168 3.94 15.75 23.01
C MET C 168 3.63 17.07 22.29
N LEU C 169 3.47 18.14 23.06
CA LEU C 169 3.26 19.47 22.52
C LEU C 169 4.60 20.09 22.11
N GLN C 170 4.61 20.80 20.98
CA GLN C 170 5.80 21.51 20.53
C GLN C 170 5.44 22.96 20.24
N CYS C 171 6.31 23.89 20.64
CA CYS C 171 5.98 25.31 20.60
C CYS C 171 7.14 26.13 20.06
N ILE C 172 6.80 27.17 19.30
CA ILE C 172 7.71 28.27 18.96
C ILE C 172 6.99 29.57 19.24
N PRO C 173 7.34 30.27 20.31
CA PRO C 173 6.62 31.50 20.66
C PRO C 173 7.13 32.70 19.85
N HIS C 174 6.40 33.81 19.97
CA HIS C 174 6.77 35.10 19.37
C HIS C 174 6.85 35.03 17.84
N THR C 175 5.85 34.35 17.27
CA THR C 175 5.65 34.29 15.84
C THR C 175 4.28 34.89 15.54
N ASP C 176 3.83 34.76 14.29
CA ASP C 176 2.52 35.27 13.92
C ASP C 176 1.96 34.40 12.80
N TRP C 177 0.65 34.51 12.60
CA TRP C 177 -0.06 33.67 11.64
C TRP C 177 -0.41 34.53 10.45
N ASN C 178 0.28 34.29 9.34
CA ASN C 178 -0.06 34.90 8.05
C ASN C 178 -0.74 33.81 7.22
N LYS C 179 -2.05 33.92 7.06
CA LYS C 179 -2.83 32.84 6.46
C LYS C 179 -2.56 32.68 4.97
N ASP C 180 -2.12 33.74 4.28
CA ASP C 180 -1.76 33.64 2.87
C ASP C 180 -0.34 33.16 2.64
N ASP C 181 0.56 33.33 3.61
CA ASP C 181 1.97 32.96 3.46
C ASP C 181 2.49 32.55 4.83
N PRO C 182 2.11 31.36 5.30
CA PRO C 182 2.36 31.02 6.71
C PRO C 182 3.83 30.73 7.02
N ARG C 183 4.59 30.23 6.04
CA ARG C 183 6.04 30.05 6.18
C ARG C 183 6.41 29.26 7.44
N VAL C 184 5.72 28.14 7.63
CA VAL C 184 5.94 27.32 8.81
C VAL C 184 7.38 26.82 8.87
N GLU C 185 7.92 26.37 7.72
CA GLU C 185 9.25 25.77 7.73
C GLU C 185 10.32 26.80 8.00
N ASP C 186 10.14 28.02 7.48
CA ASP C 186 11.02 29.14 7.84
C ASP C 186 11.03 29.39 9.35
N TYR C 187 9.86 29.37 9.99
CA TYR C 187 9.84 29.59 11.44
C TYR C 187 10.61 28.50 12.18
N LEU C 188 10.45 27.23 11.76
CA LEU C 188 11.18 26.15 12.42
C LEU C 188 12.68 26.36 12.32
N GLN C 189 13.14 26.87 11.17
CA GLN C 189 14.56 27.02 10.95
C GLN C 189 15.15 28.21 11.70
N LYS C 190 14.37 29.24 11.97
CA LYS C 190 14.99 30.39 12.60
C LYS C 190 14.84 30.41 14.12
N HIS C 191 14.08 29.50 14.70
CA HIS C 191 13.94 29.48 16.15
C HIS C 191 13.94 28.06 16.69
N PRO C 192 14.38 27.88 17.93
CA PRO C 192 14.31 26.55 18.56
C PRO C 192 12.88 26.17 18.91
N ILE C 193 12.63 24.87 18.88
CA ILE C 193 11.34 24.28 19.28
C ILE C 193 11.47 23.81 20.72
N ARG C 194 10.50 24.16 21.55
CA ARG C 194 10.40 23.60 22.90
C ARG C 194 9.34 22.51 22.91
N SER C 195 9.66 21.39 23.54
CA SER C 195 8.76 20.25 23.64
C SER C 195 8.29 20.11 25.08
N TYR C 196 6.99 19.89 25.25
CA TYR C 196 6.36 19.82 26.56
C TYR C 196 5.51 18.57 26.66
N GLY C 197 5.75 17.76 27.69
CA GLY C 197 4.95 16.57 27.91
C GLY C 197 3.79 16.79 28.87
N HIS C 198 2.74 15.99 28.71
CA HIS C 198 1.52 16.14 29.50
C HIS C 198 0.89 14.77 29.75
N ALA C 199 0.35 14.61 30.95
CA ALA C 199 -0.36 13.42 31.37
C ALA C 199 -1.83 13.75 31.62
N LYS C 200 -2.64 12.69 31.66
CA LYS C 200 -4.04 12.83 32.06
C LYS C 200 -4.15 13.65 33.35
N GLY C 201 -5.10 14.58 33.38
CA GLY C 201 -5.28 15.46 34.50
C GLY C 201 -4.56 16.79 34.42
N ASP C 202 -3.64 16.97 33.47
CA ASP C 202 -2.91 18.23 33.34
C ASP C 202 -3.77 19.33 32.72
N LEU C 203 -3.42 20.58 33.03
CA LEU C 203 -3.92 21.74 32.32
C LEU C 203 -2.75 22.63 31.92
N TYR C 204 -2.88 23.29 30.77
CA TYR C 204 -1.83 24.25 30.41
C TYR C 204 -2.43 25.41 29.66
N LEU C 205 -1.76 26.56 29.77
CA LEU C 205 -2.19 27.78 29.11
C LEU C 205 -1.21 28.10 27.99
N LEU C 206 -1.76 28.48 26.84
CA LEU C 206 -1.00 28.70 25.62
C LEU C 206 -1.41 30.00 24.97
N ARG C 207 -0.42 30.78 24.53
CA ARG C 207 -0.66 32.03 23.81
C ARG C 207 -0.81 31.66 22.35
N SER C 208 -2.04 31.29 21.96
CA SER C 208 -2.23 30.56 20.70
C SER C 208 -2.05 31.44 19.46
N ASP C 209 -2.21 32.76 19.56
CA ASP C 209 -2.08 33.59 18.36
C ASP C 209 -0.62 33.81 17.96
N THR C 210 0.32 33.76 18.90
CA THR C 210 1.72 34.04 18.59
C THR C 210 2.64 32.85 18.86
N THR C 211 2.08 31.70 19.22
CA THR C 211 2.88 30.51 19.48
C THR C 211 2.50 29.46 18.44
N LEU C 212 3.38 29.28 17.47
CA LEU C 212 3.28 28.16 16.53
C LEU C 212 3.39 26.84 17.28
N HIS C 213 2.39 25.97 17.16
CA HIS C 213 2.42 24.77 17.98
C HIS C 213 1.76 23.58 17.29
N ARG C 214 2.10 22.39 17.77
CA ARG C 214 1.57 21.14 17.24
C ARG C 214 1.66 20.07 18.32
N THR C 215 1.02 18.93 18.07
CA THR C 215 1.26 17.73 18.86
C THR C 215 1.99 16.69 18.01
N VAL C 216 2.95 16.02 18.63
CA VAL C 216 3.75 15.01 17.93
C VAL C 216 2.85 13.84 17.55
N PRO C 217 2.88 13.37 16.30
CA PRO C 217 1.94 12.33 15.87
C PRO C 217 2.00 11.06 16.72
N LEU C 218 0.85 10.46 16.96
CA LEU C 218 0.79 9.17 17.66
C LEU C 218 1.45 8.10 16.80
N ASN C 219 2.26 7.26 17.44
CA ASN C 219 2.92 6.18 16.73
C ASN C 219 2.27 4.82 17.01
N ALA C 220 1.12 4.82 17.67
CA ALA C 220 0.32 3.63 17.91
C ALA C 220 -1.13 4.03 18.08
N ASP C 221 -2.02 3.05 18.05
CA ASP C 221 -3.44 3.31 18.33
C ASP C 221 -3.59 3.45 19.84
N ARG C 222 -3.50 4.70 20.31
CA ARG C 222 -3.77 5.06 21.70
C ARG C 222 -4.63 6.31 21.69
N THR C 223 -5.24 6.62 22.83
CA THR C 223 -6.27 7.66 22.91
C THR C 223 -5.73 8.87 23.67
N ARG C 224 -5.77 10.03 23.02
CA ARG C 224 -5.47 11.31 23.64
C ARG C 224 -6.64 12.25 23.37
N ILE C 225 -7.22 12.81 24.44
CA ILE C 225 -8.40 13.64 24.35
C ILE C 225 -8.13 14.93 25.09
N ILE C 226 -8.46 16.06 24.48
CA ILE C 226 -8.30 17.34 25.15
C ILE C 226 -9.59 18.13 25.02
N LEU C 227 -9.85 18.95 26.03
CA LEU C 227 -10.78 20.05 25.92
C LEU C 227 -9.98 21.34 25.70
N ASN C 228 -10.45 22.18 24.79
CA ASN C 228 -9.81 23.44 24.45
C ASN C 228 -10.79 24.54 24.80
N THR C 229 -10.54 25.26 25.89
CA THR C 229 -11.31 26.44 26.24
C THR C 229 -10.49 27.65 25.88
N CYS C 230 -11.01 28.48 25.00
CA CYS C 230 -10.25 29.53 24.34
C CYS C 230 -10.87 30.88 24.66
N TRP C 231 -10.14 31.70 25.41
CA TRP C 231 -10.55 33.06 25.74
C TRP C 231 -9.75 34.05 24.89
N ALA C 232 -10.07 35.33 25.01
CA ALA C 232 -9.56 36.35 24.10
C ALA C 232 -9.18 37.61 24.87
N SER C 233 -8.45 38.48 24.19
CA SER C 233 -8.04 39.76 24.74
C SER C 233 -9.07 40.83 24.38
N ARG C 234 -8.89 42.02 24.96
CA ARG C 234 -9.70 43.17 24.55
C ARG C 234 -9.52 43.49 23.07
N ALA C 235 -8.26 43.48 22.59
CA ALA C 235 -8.03 43.80 21.17
C ALA C 235 -8.64 42.74 20.27
N ASP C 236 -8.69 41.48 20.73
CA ASP C 236 -9.32 40.42 19.94
C ASP C 236 -10.78 40.75 19.63
N GLN C 237 -11.43 41.53 20.50
CA GLN C 237 -12.86 41.81 20.37
C GLN C 237 -13.16 42.64 19.13
N GLN C 238 -12.19 43.45 18.67
N GLN C 238 -12.21 43.46 18.66
CA GLN C 238 -12.41 44.37 17.56
CA GLN C 238 -12.48 44.34 17.53
C GLN C 238 -11.84 43.87 16.24
C GLN C 238 -11.68 44.00 16.28
N LYS C 239 -10.91 42.92 16.28
CA LYS C 239 -10.14 42.57 15.10
C LYS C 239 -10.96 41.74 14.14
N ALA C 240 -10.70 41.94 12.85
CA ALA C 240 -11.36 41.13 11.83
C ALA C 240 -10.71 39.77 11.76
N THR C 241 -11.52 38.72 11.89
CA THR C 241 -11.04 37.35 11.95
C THR C 241 -11.80 36.51 10.92
N THR C 242 -11.07 35.68 10.20
CA THR C 242 -11.67 34.65 9.35
C THR C 242 -11.53 33.31 10.06
N HIS C 243 -12.45 32.39 9.75
CA HIS C 243 -12.63 31.19 10.56
C HIS C 243 -12.47 29.90 9.75
N GLU C 244 -11.77 29.97 8.62
CA GLU C 244 -11.65 28.84 7.71
C GLU C 244 -11.17 27.56 8.40
N THR C 245 -10.19 27.64 9.32
CA THR C 245 -9.69 26.41 9.92
C THR C 245 -10.68 25.81 10.91
N MET C 246 -11.38 26.64 11.72
CA MET C 246 -12.48 26.08 12.51
C MET C 246 -13.63 25.57 11.67
N ASN C 247 -14.00 26.26 10.59
CA ASN C 247 -15.10 25.74 9.77
C ASN C 247 -14.74 24.39 9.19
N ALA C 248 -13.45 24.16 8.90
CA ALA C 248 -13.03 22.89 8.29
C ALA C 248 -12.95 21.76 9.30
N MET C 249 -12.62 22.05 10.57
CA MET C 249 -12.34 21.00 11.54
C MET C 249 -13.54 20.59 12.38
N PHE C 250 -14.58 21.43 12.49
CA PHE C 250 -15.63 21.20 13.47
C PHE C 250 -17.02 21.39 12.86
N ASP C 251 -17.95 20.57 13.32
CA ASP C 251 -19.37 20.74 12.96
C ASP C 251 -19.96 21.97 13.67
N SER D 5 41.85 21.08 -43.85
CA SER D 5 42.10 19.93 -42.99
C SER D 5 41.04 18.84 -43.20
N ILE D 6 41.09 17.81 -42.37
CA ILE D 6 40.16 16.69 -42.49
C ILE D 6 39.09 16.86 -41.42
N THR D 7 37.83 16.89 -41.86
CA THR D 7 36.68 17.17 -41.02
C THR D 7 35.62 16.09 -41.22
N ALA D 8 34.59 16.13 -40.37
CA ALA D 8 33.52 15.16 -40.49
C ALA D 8 32.80 15.28 -41.82
N ALA D 9 32.71 16.50 -42.36
CA ALA D 9 32.00 16.73 -43.60
C ALA D 9 32.79 16.32 -44.85
N ASN D 10 34.11 16.16 -44.77
CA ASN D 10 34.87 15.79 -45.96
C ASN D 10 35.62 14.46 -45.85
N VAL D 11 35.54 13.76 -44.71
CA VAL D 11 36.40 12.59 -44.53
C VAL D 11 35.90 11.41 -45.37
N GLU D 12 34.59 11.27 -45.55
CA GLU D 12 34.06 10.10 -46.25
C GLU D 12 34.59 10.03 -47.68
N GLU D 13 34.65 11.16 -48.38
CA GLU D 13 35.20 11.15 -49.73
C GLU D 13 36.65 10.67 -49.74
N LEU D 14 37.42 11.08 -48.73
CA LEU D 14 38.81 10.62 -48.62
C LEU D 14 38.88 9.12 -48.33
N ILE D 15 37.95 8.61 -47.51
CA ILE D 15 37.92 7.18 -47.21
C ILE D 15 37.58 6.37 -48.46
N ALA D 16 36.54 6.79 -49.20
CA ALA D 16 36.14 6.06 -50.39
C ALA D 16 37.22 6.06 -51.46
N LYS D 17 37.89 7.21 -51.68
CA LYS D 17 38.91 7.28 -52.71
C LYS D 17 40.10 6.40 -52.37
N ASN D 18 40.50 6.37 -51.09
CA ASN D 18 41.62 5.52 -50.73
C ASN D 18 41.27 4.04 -50.91
N ILE D 19 40.03 3.66 -50.57
CA ILE D 19 39.64 2.26 -50.70
C ILE D 19 39.61 1.84 -52.18
N ALA D 20 39.22 2.75 -53.08
CA ALA D 20 39.25 2.47 -54.50
C ALA D 20 40.67 2.20 -54.99
N GLU D 21 41.65 2.93 -54.47
CA GLU D 21 43.03 2.75 -54.90
C GLU D 21 43.73 1.63 -54.15
N ARG D 22 43.51 1.52 -52.84
CA ARG D 22 44.25 0.55 -52.05
C ARG D 22 43.77 -0.87 -52.33
N PHE D 23 42.49 -1.06 -52.61
CA PHE D 23 41.94 -2.40 -52.79
C PHE D 23 41.35 -2.60 -54.18
N ALA D 24 42.14 -2.28 -55.21
CA ALA D 24 41.69 -2.41 -56.59
C ALA D 24 41.86 -3.81 -57.16
N ASP D 25 42.42 -4.73 -56.38
CA ASP D 25 42.76 -6.10 -56.81
C ASP D 25 41.75 -7.03 -56.15
N ASP D 26 40.75 -7.48 -56.92
CA ASP D 26 39.73 -8.38 -56.37
C ASP D 26 40.37 -9.62 -55.77
N HIS D 27 41.40 -10.17 -56.42
CA HIS D 27 42.02 -11.39 -55.91
C HIS D 27 42.71 -11.14 -54.58
N GLU D 28 43.30 -9.96 -54.38
CA GLU D 28 43.86 -9.61 -53.07
C GLU D 28 42.77 -9.53 -52.01
N VAL D 29 41.65 -8.89 -52.34
CA VAL D 29 40.56 -8.77 -51.38
C VAL D 29 40.06 -10.16 -50.98
N LEU D 30 39.99 -11.07 -51.95
CA LEU D 30 39.62 -12.47 -51.68
C LEU D 30 40.58 -13.11 -50.67
N GLY D 31 41.89 -12.97 -50.92
CA GLY D 31 42.88 -13.47 -49.98
C GLY D 31 42.70 -12.90 -48.58
N LEU D 32 42.48 -11.58 -48.49
CA LEU D 32 42.22 -10.96 -47.20
C LEU D 32 40.99 -11.53 -46.54
N SER D 33 39.92 -11.76 -47.30
CA SER D 33 38.70 -12.34 -46.76
C SER D 33 38.96 -13.73 -46.22
N GLN D 34 39.67 -14.56 -47.00
CA GLN D 34 39.98 -15.92 -46.55
C GLN D 34 40.85 -15.90 -45.31
N HIS D 35 41.82 -15.00 -45.24
CA HIS D 35 42.64 -14.88 -44.04
C HIS D 35 41.79 -14.53 -42.83
N PHE D 36 40.88 -13.56 -43.01
CA PHE D 36 39.98 -13.14 -41.93
C PHE D 36 39.12 -14.29 -41.44
N ARG D 37 38.61 -15.12 -42.36
CA ARG D 37 37.73 -16.20 -41.94
C ARG D 37 38.51 -17.35 -41.31
N ARG D 38 39.66 -17.70 -41.87
CA ARG D 38 40.46 -18.80 -41.32
C ARG D 38 41.03 -18.44 -39.95
N GLU D 39 41.60 -17.24 -39.82
CA GLU D 39 42.35 -16.82 -38.63
C GLU D 39 41.58 -15.92 -37.68
N GLY D 40 40.35 -15.54 -38.03
CA GLY D 40 39.62 -14.61 -37.17
C GLY D 40 40.19 -13.22 -37.10
N TYR D 41 41.14 -12.90 -37.99
CA TYR D 41 41.96 -11.71 -37.92
C TYR D 41 42.56 -11.46 -39.30
N VAL D 42 42.66 -10.21 -39.71
CA VAL D 42 43.44 -9.86 -40.88
C VAL D 42 44.00 -8.46 -40.72
N LYS D 43 45.30 -8.31 -40.98
CA LYS D 43 45.92 -6.99 -40.99
C LYS D 43 45.49 -6.21 -42.23
N LEU D 44 45.17 -4.94 -42.05
CA LEU D 44 44.66 -4.10 -43.14
C LEU D 44 45.44 -2.79 -43.24
N PRO D 45 46.74 -2.87 -43.53
CA PRO D 45 47.49 -1.63 -43.77
C PRO D 45 46.87 -0.86 -44.93
N GLY D 46 46.74 0.46 -44.74
CA GLY D 46 46.16 1.29 -45.75
C GLY D 46 44.64 1.28 -45.78
N LEU D 47 43.98 0.70 -44.78
CA LEU D 47 42.51 0.74 -44.75
C LEU D 47 42.01 2.17 -44.81
N VAL D 48 42.69 3.09 -44.14
CA VAL D 48 42.55 4.53 -44.39
C VAL D 48 43.95 5.07 -44.74
N SER D 49 43.97 6.23 -45.39
CA SER D 49 45.24 6.84 -45.77
C SER D 49 45.93 7.44 -44.54
N PRO D 50 47.26 7.67 -44.62
CA PRO D 50 47.95 8.25 -43.45
C PRO D 50 47.37 9.58 -43.00
N GLU D 51 46.92 10.43 -43.93
CA GLU D 51 46.39 11.72 -43.52
C GLU D 51 45.07 11.57 -42.75
N VAL D 52 44.20 10.65 -43.18
CA VAL D 52 42.98 10.37 -42.41
C VAL D 52 43.35 9.77 -41.06
N PHE D 53 44.30 8.83 -41.03
CA PHE D 53 44.73 8.24 -39.77
C PHE D 53 45.24 9.30 -38.81
N ASP D 54 46.13 10.17 -39.28
CA ASP D 54 46.71 11.19 -38.41
C ASP D 54 45.65 12.10 -37.82
N ALA D 55 44.63 12.44 -38.59
CA ALA D 55 43.57 13.29 -38.06
C ALA D 55 42.79 12.55 -36.99
N VAL D 56 42.56 11.25 -37.18
CA VAL D 56 41.88 10.47 -36.15
C VAL D 56 42.77 10.33 -34.92
N ALA D 57 44.07 10.13 -35.13
CA ALA D 57 45.01 10.05 -34.01
C ALA D 57 44.99 11.33 -33.16
N ALA D 58 45.04 12.49 -33.82
CA ALA D 58 45.02 13.77 -33.10
C ALA D 58 43.78 13.88 -32.24
N GLU D 59 42.61 13.55 -32.79
CA GLU D 59 41.38 13.61 -32.01
C GLU D 59 41.42 12.63 -30.84
N THR D 60 41.98 11.43 -31.05
CA THR D 60 42.08 10.45 -29.97
C THR D 60 42.88 10.99 -28.79
N HIS D 61 44.02 11.63 -29.07
CA HIS D 61 44.86 12.16 -28.00
C HIS D 61 44.11 13.23 -27.22
N GLN D 62 43.40 14.11 -27.92
CA GLN D 62 42.59 15.13 -27.25
C GLN D 62 41.58 14.48 -26.32
N LEU D 63 40.91 13.43 -26.79
CA LEU D 63 39.88 12.76 -25.98
C LEU D 63 40.50 12.09 -24.75
N ILE D 64 41.69 11.50 -24.91
CA ILE D 64 42.36 10.87 -23.78
C ILE D 64 42.70 11.92 -22.72
N ASP D 65 43.27 13.05 -23.15
CA ASP D 65 43.68 14.08 -22.19
C ASP D 65 42.50 14.56 -21.35
N THR D 66 41.31 14.64 -21.94
CA THR D 66 40.14 15.17 -21.24
C THR D 66 39.40 14.12 -20.41
N HIS D 67 39.34 12.87 -20.87
CA HIS D 67 38.35 11.93 -20.34
C HIS D 67 38.88 10.61 -19.81
N GLN D 68 40.16 10.29 -20.01
CA GLN D 68 40.62 8.95 -19.65
C GLN D 68 40.42 8.67 -18.16
N LYS D 69 40.17 7.39 -17.85
CA LYS D 69 40.09 6.94 -16.47
C LYS D 69 40.79 5.59 -16.33
N ARG D 70 41.59 5.48 -15.28
CA ARG D 70 42.39 4.30 -15.02
C ARG D 70 41.54 3.16 -14.49
N ILE D 71 41.78 1.94 -14.99
CA ILE D 71 41.17 0.74 -14.44
C ILE D 71 42.26 -0.30 -14.17
N ASP D 72 42.04 -1.06 -13.10
CA ASP D 72 42.92 -2.17 -12.70
C ASP D 72 42.00 -3.27 -12.18
N ILE D 73 41.37 -4.00 -13.10
CA ILE D 73 40.32 -4.94 -12.73
C ILE D 73 40.61 -6.30 -13.34
N ARG D 74 39.91 -7.31 -12.82
CA ARG D 74 39.93 -8.66 -13.38
C ARG D 74 38.48 -9.11 -13.54
N LEU D 75 38.11 -9.55 -14.75
CA LEU D 75 36.72 -9.81 -15.10
C LEU D 75 36.43 -11.30 -15.02
N LYS D 76 35.50 -11.67 -14.14
CA LYS D 76 35.14 -13.08 -13.96
C LYS D 76 34.62 -13.71 -15.25
N GLU D 77 33.89 -12.94 -16.06
CA GLU D 77 33.30 -13.49 -17.29
C GLU D 77 34.36 -13.92 -18.32
N THR D 78 35.61 -13.51 -18.17
CA THR D 78 36.69 -13.96 -19.05
C THR D 78 37.80 -14.64 -18.24
N GLY D 79 37.41 -15.38 -17.21
CA GLY D 79 38.36 -16.17 -16.46
C GLY D 79 39.26 -15.37 -15.54
N ASP D 80 38.78 -14.22 -15.06
CA ASP D 80 39.54 -13.30 -14.23
C ASP D 80 40.77 -12.74 -14.95
N SER D 81 40.75 -12.70 -16.27
CA SER D 81 41.83 -12.05 -16.98
C SER D 81 41.80 -10.55 -16.67
N PRO D 82 42.96 -9.89 -16.71
CA PRO D 82 43.03 -8.50 -16.29
C PRO D 82 42.69 -7.50 -17.39
N ARG D 83 42.24 -6.34 -16.94
CA ARG D 83 42.21 -5.11 -17.75
C ARG D 83 42.98 -4.05 -16.95
N TYR D 84 44.23 -3.82 -17.33
CA TYR D 84 45.11 -2.86 -16.67
C TYR D 84 45.43 -1.80 -17.72
N MET D 85 44.73 -0.67 -17.66
CA MET D 85 44.83 0.35 -18.70
C MET D 85 44.12 1.59 -18.19
N SER D 86 44.13 2.63 -19.01
CA SER D 86 43.21 3.76 -18.94
C SER D 86 42.31 3.72 -20.17
N THR D 87 41.06 4.12 -20.03
CA THR D 87 40.10 3.99 -21.12
C THR D 87 39.32 5.29 -21.31
N VAL D 88 38.79 5.44 -22.52
CA VAL D 88 37.81 6.50 -22.84
C VAL D 88 36.57 5.82 -23.38
N GLY D 89 35.42 6.10 -22.76
CA GLY D 89 34.18 5.45 -23.15
C GLY D 89 33.54 6.06 -24.38
N GLN D 90 32.54 5.33 -24.89
CA GLN D 90 31.84 5.78 -26.10
C GLN D 90 31.10 7.10 -25.85
N LYS D 91 30.49 7.26 -24.67
CA LYS D 91 29.69 8.45 -24.40
C LYS D 91 30.54 9.71 -24.52
N ALA D 92 31.73 9.69 -23.94
CA ALA D 92 32.64 10.83 -24.04
C ALA D 92 33.08 11.08 -25.48
N ILE D 93 33.35 10.01 -26.23
CA ILE D 93 33.77 10.19 -27.63
C ILE D 93 32.65 10.82 -28.45
N ALA D 94 31.42 10.37 -28.23
CA ALA D 94 30.30 10.91 -28.99
C ALA D 94 30.06 12.37 -28.67
N THR D 95 30.18 12.74 -27.39
CA THR D 95 29.94 14.14 -27.00
C THR D 95 31.02 15.06 -27.55
N ASP D 96 32.30 14.69 -27.37
CA ASP D 96 33.40 15.58 -27.65
C ASP D 96 34.19 15.27 -28.91
N GLY D 97 33.96 14.11 -29.54
CA GLY D 97 34.67 13.77 -30.76
C GLY D 97 33.92 14.25 -31.99
N SER D 98 34.55 14.03 -33.15
CA SER D 98 33.94 14.45 -34.41
C SER D 98 34.34 13.52 -35.55
N LEU D 99 35.64 13.32 -35.74
CA LEU D 99 36.10 12.41 -36.76
C LEU D 99 35.78 10.96 -36.43
N ILE D 100 35.83 10.59 -35.15
CA ILE D 100 35.63 9.18 -34.79
C ILE D 100 34.17 8.82 -35.05
N PRO D 101 33.17 9.60 -34.61
CA PRO D 101 31.79 9.26 -35.00
C PRO D 101 31.59 9.24 -36.51
N ALA D 102 32.26 10.13 -37.25
CA ALA D 102 32.05 10.17 -38.70
C ALA D 102 32.63 8.93 -39.39
N VAL D 103 33.81 8.47 -38.97
CA VAL D 103 34.35 7.28 -39.65
C VAL D 103 33.55 6.03 -39.25
N TYR D 104 32.97 6.00 -38.05
CA TYR D 104 32.15 4.85 -37.67
C TYR D 104 30.96 4.67 -38.60
N GLU D 105 30.43 5.76 -39.13
CA GLU D 105 29.29 5.73 -40.02
C GLU D 105 29.71 5.65 -41.49
N SER D 106 31.00 5.47 -41.76
CA SER D 106 31.47 5.47 -43.15
C SER D 106 30.85 4.33 -43.96
N THR D 107 30.00 4.69 -44.94
CA THR D 107 29.47 3.70 -45.87
C THR D 107 30.58 2.96 -46.60
N ALA D 108 31.62 3.69 -47.02
CA ALA D 108 32.70 3.06 -47.77
C ALA D 108 33.50 2.09 -46.91
N LEU D 109 33.78 2.46 -45.66
CA LEU D 109 34.46 1.55 -44.74
C LEU D 109 33.61 0.29 -44.52
N LYS D 110 32.34 0.47 -44.16
CA LYS D 110 31.50 -0.69 -43.87
C LYS D 110 31.29 -1.55 -45.11
N GLY D 111 31.20 -0.92 -46.28
CA GLY D 111 31.07 -1.68 -47.51
C GLY D 111 32.29 -2.56 -47.77
N PHE D 112 33.49 -2.01 -47.57
CA PHE D 112 34.69 -2.82 -47.80
C PHE D 112 34.78 -3.98 -46.83
N LEU D 113 34.54 -3.71 -45.54
CA LEU D 113 34.55 -4.77 -44.54
C LEU D 113 33.52 -5.84 -44.84
N SER D 114 32.37 -5.46 -45.42
CA SER D 114 31.36 -6.44 -45.82
C SER D 114 31.89 -7.37 -46.91
N ARG D 115 32.77 -6.87 -47.80
CA ARG D 115 33.43 -7.75 -48.75
C ARG D 115 34.26 -8.81 -48.02
N LEU D 116 34.97 -8.41 -46.97
CA LEU D 116 35.80 -9.37 -46.25
C LEU D 116 34.96 -10.38 -45.48
N ALA D 117 33.85 -9.92 -44.88
CA ALA D 117 33.03 -10.78 -44.04
C ALA D 117 32.03 -11.61 -44.84
N LYS D 118 31.82 -11.29 -46.12
CA LYS D 118 30.81 -11.97 -46.95
C LYS D 118 29.41 -11.83 -46.38
N GLU D 119 29.17 -10.74 -45.64
CA GLU D 119 27.84 -10.40 -45.17
C GLU D 119 27.86 -8.94 -44.78
N GLU D 120 26.68 -8.38 -44.53
CA GLU D 120 26.59 -6.96 -44.25
C GLU D 120 27.21 -6.65 -42.90
N VAL D 121 28.12 -5.67 -42.91
CA VAL D 121 28.71 -5.11 -41.70
C VAL D 121 27.93 -3.84 -41.38
N MET D 122 27.34 -3.77 -40.19
CA MET D 122 26.44 -2.66 -39.88
C MET D 122 26.73 -2.15 -38.47
N GLY D 123 25.98 -1.11 -38.09
CA GLY D 123 26.21 -0.49 -36.81
C GLY D 123 25.89 -1.41 -35.65
N CYS D 124 26.65 -1.24 -34.59
CA CYS D 124 26.42 -2.00 -33.36
C CYS D 124 25.07 -1.64 -32.76
N PRO D 125 24.25 -2.63 -32.35
CA PRO D 125 22.94 -2.29 -31.77
C PRO D 125 23.01 -1.71 -30.37
N TRP D 126 24.12 -1.89 -29.67
CA TRP D 126 24.33 -1.29 -28.35
C TRP D 126 25.28 -0.10 -28.54
N ASP D 127 24.73 1.11 -28.40
CA ASP D 127 25.46 2.32 -28.77
C ASP D 127 26.76 2.45 -28.01
N GLU D 128 26.79 2.01 -26.76
CA GLU D 128 27.97 2.20 -25.94
C GLU D 128 29.16 1.37 -26.40
N GLU D 129 28.98 0.43 -27.31
CA GLU D 129 30.11 -0.34 -27.81
C GLU D 129 30.58 0.11 -29.20
N LYS D 130 29.97 1.15 -29.78
CA LYS D 130 30.35 1.57 -31.13
C LYS D 130 31.84 1.87 -31.23
N TYR D 131 32.38 2.63 -30.27
CA TYR D 131 33.79 3.01 -30.34
C TYR D 131 34.30 3.33 -28.95
N ILE D 132 35.49 2.84 -28.63
CA ILE D 132 36.16 3.16 -27.37
C ILE D 132 37.64 3.38 -27.65
N ILE D 133 38.33 3.91 -26.64
CA ILE D 133 39.77 4.11 -26.67
C ILE D 133 40.39 3.42 -25.46
N THR D 134 41.54 2.78 -25.66
CA THR D 134 42.32 2.29 -24.54
C THR D 134 43.74 2.82 -24.64
N ARG D 135 44.31 3.13 -23.47
CA ARG D 135 45.67 3.61 -23.37
C ARG D 135 46.37 2.73 -22.36
N GLN D 136 47.38 2.00 -22.82
CA GLN D 136 48.26 1.27 -21.93
C GLN D 136 49.53 2.09 -21.77
N HIS D 137 49.96 2.31 -20.52
CA HIS D 137 51.00 3.31 -20.31
C HIS D 137 51.92 3.01 -19.13
N GLN D 138 51.77 1.90 -18.43
CA GLN D 138 52.73 1.54 -17.41
C GLN D 138 53.04 0.05 -17.53
N LYS D 139 54.18 -0.33 -16.95
CA LYS D 139 54.59 -1.72 -16.99
C LYS D 139 53.50 -2.63 -16.45
N GLY D 140 53.22 -3.70 -17.18
CA GLY D 140 52.19 -4.64 -16.80
C GLY D 140 50.84 -4.38 -17.42
N ASP D 141 50.65 -3.25 -18.09
CA ASP D 141 49.35 -2.98 -18.70
C ASP D 141 49.05 -3.98 -19.80
N THR D 142 47.78 -4.36 -19.91
CA THR D 142 47.38 -5.42 -20.83
C THR D 142 45.87 -5.37 -21.03
N HIS D 143 45.45 -5.73 -22.22
CA HIS D 143 44.05 -6.09 -22.45
C HIS D 143 44.02 -7.62 -22.43
N GLY D 144 43.64 -8.18 -21.28
CA GLY D 144 43.74 -9.61 -21.06
C GLY D 144 42.78 -10.42 -21.92
N TRP D 145 42.98 -11.74 -21.85
CA TRP D 145 42.22 -12.68 -22.67
C TRP D 145 40.72 -12.40 -22.59
N HIS D 146 40.09 -12.24 -23.75
CA HIS D 146 38.67 -11.93 -23.80
C HIS D 146 38.13 -12.25 -25.18
N TRP D 147 36.81 -12.17 -25.27
CA TRP D 147 36.04 -12.15 -26.50
C TRP D 147 35.25 -10.87 -26.49
N GLY D 148 34.75 -10.50 -27.66
CA GLY D 148 33.80 -9.41 -27.78
C GLY D 148 32.37 -9.87 -27.89
N ASP D 149 31.45 -8.98 -27.53
CA ASP D 149 30.02 -9.25 -27.68
C ASP D 149 29.55 -9.18 -29.13
N PHE D 150 30.29 -8.50 -30.01
CA PHE D 150 29.83 -8.31 -31.38
C PHE D 150 30.88 -8.79 -32.37
N SER D 151 30.52 -8.79 -33.65
CA SER D 151 31.22 -9.62 -34.63
C SER D 151 32.46 -8.98 -35.26
N PHE D 152 32.44 -7.66 -35.54
CA PHE D 152 33.42 -7.08 -36.46
C PHE D 152 34.14 -5.90 -35.82
N THR D 153 35.35 -6.14 -35.31
CA THR D 153 36.14 -5.12 -34.62
C THR D 153 37.30 -4.67 -35.50
N VAL D 154 37.47 -3.36 -35.66
CA VAL D 154 38.65 -2.78 -36.29
C VAL D 154 39.42 -1.99 -35.24
N ILE D 155 40.70 -2.33 -35.08
CA ILE D 155 41.58 -1.69 -34.13
C ILE D 155 42.50 -0.75 -34.91
N TRP D 156 42.67 0.48 -34.40
CA TRP D 156 43.56 1.47 -35.00
C TRP D 156 44.73 1.68 -34.05
N LEU D 157 45.95 1.52 -34.55
CA LEU D 157 47.13 1.66 -33.69
C LEU D 157 47.49 3.14 -33.63
N ILE D 158 46.93 3.85 -32.65
CA ILE D 158 47.19 5.28 -32.52
C ILE D 158 48.64 5.52 -32.10
N GLU D 159 49.11 4.81 -31.06
CA GLU D 159 50.51 4.83 -30.65
C GLU D 159 50.94 3.41 -30.30
N ALA D 160 52.21 3.10 -30.55
CA ALA D 160 52.68 1.79 -30.12
C ALA D 160 54.18 1.76 -29.96
N PRO D 161 54.68 1.22 -28.85
CA PRO D 161 56.12 1.00 -28.74
C PRO D 161 56.57 -0.15 -29.63
N SER D 162 57.88 -0.29 -29.75
CA SER D 162 58.46 -1.46 -30.39
C SER D 162 57.95 -2.72 -29.72
N LEU D 163 57.74 -3.77 -30.52
CA LEU D 163 57.11 -4.98 -29.99
C LEU D 163 57.89 -5.59 -28.84
N GLU D 164 59.20 -5.31 -28.77
CA GLU D 164 60.02 -5.81 -27.67
C GLU D 164 59.53 -5.36 -26.31
N TYR D 165 58.70 -4.31 -26.26
CA TYR D 165 58.18 -3.80 -25.00
C TYR D 165 56.80 -4.34 -24.65
N GLY D 166 56.22 -5.19 -25.49
CA GLY D 166 54.88 -5.68 -25.29
C GLY D 166 53.93 -5.14 -26.35
N GLY D 167 52.65 -5.46 -26.17
CA GLY D 167 51.60 -4.98 -27.04
C GLY D 167 51.18 -5.93 -28.15
N MET D 168 51.92 -7.01 -28.37
CA MET D 168 51.57 -7.98 -29.41
C MET D 168 50.17 -8.53 -29.22
N LEU D 169 49.42 -8.63 -30.31
CA LEU D 169 48.12 -9.30 -30.29
C LEU D 169 48.32 -10.81 -30.34
N GLN D 170 47.48 -11.54 -29.59
CA GLN D 170 47.43 -12.99 -29.66
C GLN D 170 45.99 -13.43 -29.85
N CYS D 171 45.77 -14.48 -30.65
CA CYS D 171 44.43 -14.87 -31.10
C CYS D 171 44.29 -16.38 -31.18
N ILE D 172 43.09 -16.86 -30.85
CA ILE D 172 42.67 -18.23 -31.17
C ILE D 172 41.29 -18.13 -31.82
N PRO D 173 41.18 -18.35 -33.13
CA PRO D 173 39.87 -18.24 -33.80
C PRO D 173 39.03 -19.48 -33.58
N HIS D 174 37.77 -19.37 -34.02
CA HIS D 174 36.80 -20.47 -33.98
C HIS D 174 36.57 -20.99 -32.57
N THR D 175 36.40 -20.06 -31.65
CA THR D 175 36.01 -20.35 -30.29
C THR D 175 34.71 -19.59 -30.00
N ASP D 176 34.25 -19.66 -28.75
CA ASP D 176 33.02 -19.01 -28.36
C ASP D 176 33.16 -18.51 -26.92
N TRP D 177 32.38 -17.49 -26.59
CA TRP D 177 32.40 -16.87 -25.28
C TRP D 177 31.24 -17.42 -24.46
N ASN D 178 31.56 -18.24 -23.47
CA ASN D 178 30.58 -18.67 -22.46
C ASN D 178 30.89 -17.89 -21.19
N LYS D 179 30.01 -16.95 -20.85
CA LYS D 179 30.30 -16.06 -19.74
C LYS D 179 30.18 -16.73 -18.39
N ASP D 180 29.53 -17.89 -18.33
CA ASP D 180 29.40 -18.65 -17.09
C ASP D 180 30.57 -19.59 -16.86
N ASP D 181 31.20 -20.06 -17.93
CA ASP D 181 32.30 -21.03 -17.86
C ASP D 181 33.21 -20.79 -19.05
N PRO D 182 34.00 -19.70 -19.01
CA PRO D 182 34.72 -19.31 -20.23
C PRO D 182 35.83 -20.28 -20.63
N ARG D 183 36.42 -21.01 -19.68
CA ARG D 183 37.37 -22.10 -19.99
C ARG D 183 38.53 -21.62 -20.86
N VAL D 184 39.10 -20.46 -20.52
CA VAL D 184 40.16 -19.85 -21.31
C VAL D 184 41.39 -20.77 -21.39
N GLU D 185 41.83 -21.30 -20.24
CA GLU D 185 43.02 -22.15 -20.23
C GLU D 185 42.84 -23.38 -21.11
N ASP D 186 41.62 -23.93 -21.15
CA ASP D 186 41.39 -25.11 -21.99
C ASP D 186 41.46 -24.76 -23.46
N TYR D 187 40.99 -23.58 -23.84
CA TYR D 187 41.13 -23.14 -25.23
C TYR D 187 42.60 -23.00 -25.61
N LEU D 188 43.41 -22.42 -24.71
CA LEU D 188 44.84 -22.29 -25.01
C LEU D 188 45.49 -23.64 -25.23
N GLN D 189 45.08 -24.65 -24.45
CA GLN D 189 45.68 -25.97 -24.58
C GLN D 189 45.16 -26.71 -25.82
N LYS D 190 43.93 -26.42 -26.25
CA LYS D 190 43.36 -27.17 -27.37
C LYS D 190 43.80 -26.65 -28.73
N HIS D 191 44.25 -25.41 -28.82
CA HIS D 191 44.49 -24.80 -30.12
C HIS D 191 45.78 -23.98 -30.10
N PRO D 192 46.42 -23.82 -31.25
CA PRO D 192 47.58 -22.94 -31.31
C PRO D 192 47.18 -21.47 -31.18
N ILE D 193 48.11 -20.68 -30.65
CA ILE D 193 47.96 -19.24 -30.55
C ILE D 193 48.74 -18.63 -31.70
N ARG D 194 48.12 -17.68 -32.41
CA ARG D 194 48.81 -16.87 -33.40
C ARG D 194 49.05 -15.48 -32.83
N SER D 195 50.28 -15.02 -32.91
CA SER D 195 50.69 -13.71 -32.44
C SER D 195 50.89 -12.78 -33.62
N TYR D 196 50.44 -11.53 -33.48
CA TYR D 196 50.52 -10.56 -34.56
C TYR D 196 51.01 -9.22 -34.02
N GLY D 197 52.00 -8.63 -34.69
CA GLY D 197 52.57 -7.37 -34.28
C GLY D 197 52.05 -6.23 -35.12
N HIS D 198 51.95 -5.04 -34.51
CA HIS D 198 51.43 -3.87 -35.19
C HIS D 198 52.24 -2.64 -34.80
N ALA D 199 52.35 -1.72 -35.75
CA ALA D 199 53.03 -0.46 -35.53
C ALA D 199 52.01 0.67 -35.58
N LYS D 200 52.39 1.80 -34.98
CA LYS D 200 51.64 3.04 -35.16
C LYS D 200 51.25 3.23 -36.61
N GLY D 201 49.96 3.49 -36.85
CA GLY D 201 49.45 3.65 -38.18
C GLY D 201 48.77 2.41 -38.76
N ASP D 202 48.99 1.24 -38.16
CA ASP D 202 48.35 0.02 -38.66
C ASP D 202 46.87 0.01 -38.29
N LEU D 203 46.10 -0.75 -39.07
CA LEU D 203 44.73 -1.11 -38.73
C LEU D 203 44.57 -2.61 -38.93
N TYR D 204 43.72 -3.23 -38.13
CA TYR D 204 43.43 -4.64 -38.34
C TYR D 204 41.97 -4.93 -38.00
N LEU D 205 41.47 -6.01 -38.61
CA LEU D 205 40.09 -6.45 -38.43
C LEU D 205 40.11 -7.76 -37.65
N LEU D 206 39.24 -7.85 -36.65
CA LEU D 206 39.17 -9.02 -35.79
C LEU D 206 37.73 -9.50 -35.70
N ARG D 207 37.54 -10.81 -35.82
CA ARG D 207 36.24 -11.46 -35.62
C ARG D 207 36.11 -11.67 -34.11
N SER D 208 35.63 -10.66 -33.41
CA SER D 208 35.82 -10.58 -31.96
C SER D 208 34.91 -11.51 -31.18
N ASP D 209 33.77 -11.93 -31.73
CA ASP D 209 32.90 -12.83 -30.98
C ASP D 209 33.43 -14.26 -30.93
N THR D 210 34.18 -14.70 -31.93
CA THR D 210 34.65 -16.09 -31.98
C THR D 210 36.16 -16.20 -31.92
N THR D 211 36.87 -15.10 -31.73
CA THR D 211 38.32 -15.12 -31.65
C THR D 211 38.70 -14.71 -30.23
N LEU D 212 39.24 -15.66 -29.48
CA LEU D 212 39.78 -15.34 -28.16
C LEU D 212 41.06 -14.55 -28.35
N HIS D 213 41.17 -13.38 -27.71
CA HIS D 213 42.31 -12.53 -28.01
C HIS D 213 42.72 -11.72 -26.77
N ARG D 214 43.94 -11.20 -26.84
CA ARG D 214 44.56 -10.41 -25.77
C ARG D 214 45.73 -9.62 -26.36
N THR D 215 46.25 -8.68 -25.59
CA THR D 215 47.52 -8.04 -25.92
C THR D 215 48.57 -8.46 -24.89
N VAL D 216 49.79 -8.70 -25.37
CA VAL D 216 50.87 -9.10 -24.47
C VAL D 216 51.19 -7.93 -23.54
N PRO D 217 51.25 -8.15 -22.22
CA PRO D 217 51.48 -7.04 -21.28
C PRO D 217 52.73 -6.25 -21.61
N LEU D 218 52.68 -4.94 -21.36
CA LEU D 218 53.88 -4.13 -21.53
C LEU D 218 54.90 -4.52 -20.47
N ASN D 219 56.16 -4.60 -20.89
CA ASN D 219 57.25 -4.95 -19.98
C ASN D 219 58.10 -3.74 -19.63
N ALA D 220 57.64 -2.55 -19.98
CA ALA D 220 58.30 -1.29 -19.65
C ALA D 220 57.23 -0.22 -19.58
N ASP D 221 57.57 0.89 -18.95
CA ASP D 221 56.66 2.03 -18.86
C ASP D 221 56.69 2.74 -20.21
N ARG D 222 55.86 2.26 -21.14
CA ARG D 222 55.72 2.78 -22.50
C ARG D 222 54.24 2.95 -22.82
N THR D 223 53.93 3.62 -23.91
CA THR D 223 52.55 4.00 -24.22
C THR D 223 52.07 3.29 -25.48
N ARG D 224 50.95 2.58 -25.35
CA ARG D 224 50.24 2.00 -26.48
C ARG D 224 48.79 2.46 -26.41
N ILE D 225 48.29 3.05 -27.51
CA ILE D 225 46.93 3.58 -27.54
C ILE D 225 46.25 3.03 -28.78
N ILE D 226 45.02 2.51 -28.60
CA ILE D 226 44.23 2.06 -29.74
C ILE D 226 42.87 2.73 -29.72
N LEU D 227 42.31 2.87 -30.91
CA LEU D 227 40.89 3.13 -31.11
C LEU D 227 40.26 1.83 -31.58
N ASN D 228 39.12 1.48 -30.99
CA ASN D 228 38.34 0.29 -31.31
C ASN D 228 37.00 0.76 -31.88
N THR D 229 36.78 0.55 -33.16
CA THR D 229 35.49 0.79 -33.82
C THR D 229 34.86 -0.57 -34.05
N CYS D 230 33.74 -0.82 -33.40
CA CYS D 230 33.13 -2.14 -33.35
C CYS D 230 31.80 -2.13 -34.11
N TRP D 231 31.74 -2.89 -35.20
CA TRP D 231 30.53 -3.08 -35.99
C TRP D 231 29.99 -4.49 -35.75
N ALA D 232 28.80 -4.75 -36.31
CA ALA D 232 28.03 -5.94 -35.97
C ALA D 232 27.40 -6.55 -37.22
N SER D 233 26.95 -7.80 -37.09
CA SER D 233 26.22 -8.48 -38.15
C SER D 233 24.72 -8.24 -37.99
N ARG D 234 23.96 -8.70 -38.99
CA ARG D 234 22.50 -8.74 -38.87
C ARG D 234 22.07 -9.60 -37.68
N ALA D 235 22.66 -10.79 -37.54
CA ALA D 235 22.30 -11.65 -36.42
C ALA D 235 22.60 -10.99 -35.08
N ASP D 236 23.66 -10.16 -35.01
CA ASP D 236 23.98 -9.44 -33.78
C ASP D 236 22.87 -8.48 -33.38
N GLN D 237 22.13 -7.94 -34.35
CA GLN D 237 21.06 -6.97 -34.05
C GLN D 237 19.97 -7.58 -33.19
N GLN D 238 19.71 -8.87 -33.33
CA GLN D 238 18.56 -9.45 -32.66
C GLN D 238 18.91 -10.27 -31.43
N LYS D 239 20.15 -10.69 -31.28
CA LYS D 239 20.47 -11.58 -30.16
C LYS D 239 20.38 -10.82 -28.84
N ALA D 240 20.15 -11.57 -27.76
CA ALA D 240 20.21 -10.98 -26.43
C ALA D 240 21.66 -10.94 -25.97
N THR D 241 22.08 -9.77 -25.47
CA THR D 241 23.47 -9.53 -25.11
C THR D 241 23.51 -8.85 -23.75
N THR D 242 24.41 -9.32 -22.86
CA THR D 242 24.71 -8.62 -21.62
C THR D 242 26.03 -7.86 -21.77
N HIS D 243 26.16 -6.77 -21.03
CA HIS D 243 27.23 -5.81 -21.27
C HIS D 243 28.13 -5.61 -20.05
N GLU D 244 28.18 -6.60 -19.16
CA GLU D 244 28.92 -6.46 -17.89
C GLU D 244 30.38 -6.07 -18.12
N THR D 245 31.03 -6.62 -19.16
CA THR D 245 32.45 -6.28 -19.33
C THR D 245 32.61 -4.84 -19.80
N MET D 246 31.77 -4.39 -20.74
CA MET D 246 31.80 -2.98 -21.13
C MET D 246 31.48 -2.05 -19.96
N ASN D 247 30.46 -2.37 -19.16
CA ASN D 247 30.11 -1.51 -18.05
C ASN D 247 31.28 -1.36 -17.07
N ALA D 248 32.02 -2.46 -16.87
CA ALA D 248 33.13 -2.41 -15.92
C ALA D 248 34.31 -1.63 -16.45
N MET D 249 34.56 -1.66 -17.76
CA MET D 249 35.77 -1.05 -18.28
C MET D 249 35.62 0.41 -18.66
N PHE D 250 34.41 0.89 -18.96
CA PHE D 250 34.23 2.22 -19.53
C PHE D 250 33.14 2.98 -18.78
N ASP D 251 33.29 4.30 -18.74
CA ASP D 251 32.29 5.17 -18.13
C ASP D 251 31.18 5.49 -19.12
N SER E 5 -6.38 -28.85 31.40
CA SER E 5 -7.73 -28.44 31.77
C SER E 5 -8.01 -27.02 31.32
N ILE E 6 -9.27 -26.73 31.04
CA ILE E 6 -9.70 -25.45 30.48
C ILE E 6 -10.78 -24.89 31.39
N THR E 7 -10.44 -23.84 32.14
CA THR E 7 -11.35 -23.21 33.09
C THR E 7 -11.55 -21.73 32.73
N ALA E 8 -12.34 -21.03 33.54
CA ALA E 8 -12.68 -19.65 33.27
C ALA E 8 -11.46 -18.74 33.31
N ALA E 9 -10.38 -19.17 33.96
CA ALA E 9 -9.22 -18.31 34.14
C ALA E 9 -8.27 -18.33 32.95
N ASN E 10 -8.31 -19.35 32.09
CA ASN E 10 -7.41 -19.44 30.95
C ASN E 10 -8.12 -19.50 29.61
N VAL E 11 -9.44 -19.38 29.58
CA VAL E 11 -10.15 -19.56 28.31
C VAL E 11 -9.89 -18.38 27.38
N GLU E 12 -9.77 -17.16 27.92
CA GLU E 12 -9.63 -15.97 27.07
C GLU E 12 -8.38 -16.06 26.20
N GLU E 13 -7.25 -16.43 26.81
CA GLU E 13 -6.02 -16.56 26.03
C GLU E 13 -6.15 -17.66 24.97
N LEU E 14 -6.86 -18.74 25.30
CA LEU E 14 -7.08 -19.79 24.31
C LEU E 14 -8.02 -19.30 23.20
N ILE E 15 -9.03 -18.50 23.55
CA ILE E 15 -9.90 -17.94 22.53
C ILE E 15 -9.12 -16.99 21.63
N ALA E 16 -8.34 -16.09 22.22
CA ALA E 16 -7.60 -15.10 21.45
C ALA E 16 -6.56 -15.75 20.55
N LYS E 17 -5.86 -16.78 21.05
CA LYS E 17 -4.85 -17.45 20.25
C LYS E 17 -5.46 -18.12 19.04
N ASN E 18 -6.59 -18.82 19.24
CA ASN E 18 -7.20 -19.54 18.13
C ASN E 18 -7.69 -18.58 17.05
N ILE E 19 -8.24 -17.43 17.43
CA ILE E 19 -8.71 -16.47 16.44
C ILE E 19 -7.54 -15.93 15.62
N ALA E 20 -6.39 -15.69 16.27
CA ALA E 20 -5.23 -15.19 15.55
C ALA E 20 -4.71 -16.20 14.55
N GLU E 21 -4.90 -17.50 14.79
CA GLU E 21 -4.41 -18.53 13.87
C GLU E 21 -5.46 -18.94 12.85
N ARG E 22 -6.72 -19.07 13.26
CA ARG E 22 -7.74 -19.59 12.36
C ARG E 22 -8.17 -18.54 11.33
N PHE E 23 -8.22 -17.27 11.72
CA PHE E 23 -8.71 -16.22 10.84
C PHE E 23 -7.65 -15.21 10.46
N ALA E 24 -6.47 -15.69 10.08
CA ALA E 24 -5.38 -14.79 9.70
C ALA E 24 -5.60 -14.17 8.32
N ASP E 25 -6.31 -14.87 7.43
CA ASP E 25 -6.55 -14.40 6.08
C ASP E 25 -7.59 -13.29 6.12
N ASP E 26 -7.18 -12.05 5.82
CA ASP E 26 -8.12 -10.93 5.88
C ASP E 26 -9.20 -11.05 4.81
N HIS E 27 -8.85 -11.60 3.64
CA HIS E 27 -9.83 -11.74 2.57
C HIS E 27 -10.89 -12.77 2.94
N GLU E 28 -10.48 -13.84 3.60
CA GLU E 28 -11.45 -14.84 4.06
C GLU E 28 -12.40 -14.22 5.08
N VAL E 29 -11.89 -13.41 6.00
CA VAL E 29 -12.76 -12.77 6.98
C VAL E 29 -13.73 -11.82 6.28
N LEU E 30 -13.26 -11.12 5.26
CA LEU E 30 -14.12 -10.24 4.48
C LEU E 30 -15.29 -11.00 3.89
N GLY E 31 -15.03 -12.17 3.30
CA GLY E 31 -16.08 -12.97 2.72
C GLY E 31 -17.07 -13.50 3.76
N LEU E 32 -16.56 -13.87 4.94
CA LEU E 32 -17.47 -14.28 6.03
C LEU E 32 -18.34 -13.13 6.48
N SER E 33 -17.77 -11.91 6.57
CA SER E 33 -18.59 -10.76 6.91
C SER E 33 -19.68 -10.56 5.86
N GLN E 34 -19.33 -10.66 4.58
CA GLN E 34 -20.32 -10.39 3.53
C GLN E 34 -21.41 -11.46 3.52
N HIS E 35 -21.03 -12.72 3.70
CA HIS E 35 -22.04 -13.77 3.81
C HIS E 35 -23.00 -13.49 4.97
N PHE E 36 -22.45 -13.09 6.12
CA PHE E 36 -23.29 -12.75 7.27
C PHE E 36 -24.28 -11.64 6.94
N ARG E 37 -23.83 -10.60 6.24
CA ARG E 37 -24.73 -9.49 5.95
C ARG E 37 -25.78 -9.88 4.91
N ARG E 38 -25.36 -10.58 3.85
CA ARG E 38 -26.28 -10.93 2.78
C ARG E 38 -27.32 -11.92 3.25
N GLU E 39 -26.88 -12.96 3.97
CA GLU E 39 -27.73 -14.10 4.30
C GLU E 39 -28.23 -14.08 5.74
N GLY E 40 -27.79 -13.12 6.56
CA GLY E 40 -28.14 -13.10 7.97
C GLY E 40 -27.52 -14.22 8.77
N TYR E 41 -26.59 -14.95 8.17
CA TYR E 41 -26.07 -16.18 8.73
C TYR E 41 -24.68 -16.39 8.17
N VAL E 42 -23.77 -16.90 8.99
CA VAL E 42 -22.50 -17.40 8.48
C VAL E 42 -22.04 -18.56 9.35
N LYS E 43 -21.61 -19.65 8.71
CA LYS E 43 -20.99 -20.76 9.42
C LYS E 43 -19.56 -20.40 9.76
N LEU E 44 -19.15 -20.66 11.00
CA LEU E 44 -17.82 -20.28 11.49
C LEU E 44 -17.11 -21.50 12.05
N PRO E 45 -16.58 -22.36 11.20
CA PRO E 45 -15.77 -23.49 11.70
C PRO E 45 -14.52 -22.98 12.39
N GLY E 46 -14.22 -23.57 13.54
CA GLY E 46 -13.04 -23.17 14.28
C GLY E 46 -13.14 -21.80 14.92
N LEU E 47 -14.36 -21.28 15.10
CA LEU E 47 -14.53 -20.03 15.84
C LEU E 47 -13.82 -20.11 17.18
N VAL E 48 -14.01 -21.21 17.91
CA VAL E 48 -13.16 -21.59 19.03
C VAL E 48 -12.51 -22.93 18.67
N SER E 49 -11.44 -23.26 19.38
CA SER E 49 -10.76 -24.53 19.17
C SER E 49 -11.62 -25.68 19.67
N PRO E 50 -11.38 -26.91 19.19
CA PRO E 50 -12.12 -28.06 19.74
C PRO E 50 -11.94 -28.24 21.23
N GLU E 51 -10.76 -27.87 21.76
CA GLU E 51 -10.51 -27.98 23.19
C GLU E 51 -11.45 -27.07 23.98
N VAL E 52 -11.60 -25.83 23.53
CA VAL E 52 -12.54 -24.92 24.15
C VAL E 52 -13.96 -25.42 23.95
N PHE E 53 -14.29 -25.86 22.74
CA PHE E 53 -15.64 -26.38 22.49
C PHE E 53 -15.96 -27.55 23.41
N ASP E 54 -15.02 -28.48 23.55
CA ASP E 54 -15.25 -29.66 24.38
C ASP E 54 -15.50 -29.30 25.84
N ALA E 55 -14.81 -28.28 26.36
CA ALA E 55 -15.02 -27.88 27.74
C ALA E 55 -16.36 -27.16 27.91
N VAL E 56 -16.73 -26.31 26.94
CA VAL E 56 -18.07 -25.72 26.93
C VAL E 56 -19.14 -26.81 26.85
N ALA E 57 -18.90 -27.82 26.00
CA ALA E 57 -19.84 -28.93 25.85
C ALA E 57 -20.04 -29.68 27.15
N ALA E 58 -18.94 -29.96 27.87
CA ALA E 58 -19.04 -30.67 29.13
C ALA E 58 -19.86 -29.89 30.14
N GLU E 59 -19.60 -28.59 30.27
CA GLU E 59 -20.38 -27.77 31.19
C GLU E 59 -21.85 -27.72 30.80
N THR E 60 -22.13 -27.71 29.50
CA THR E 60 -23.52 -27.71 29.05
C THR E 60 -24.25 -28.98 29.48
N HIS E 61 -23.62 -30.15 29.28
CA HIS E 61 -24.23 -31.40 29.70
C HIS E 61 -24.48 -31.43 31.20
N GLN E 62 -23.55 -30.87 31.99
CA GLN E 62 -23.76 -30.79 33.44
C GLN E 62 -24.97 -29.93 33.77
N LEU E 63 -25.08 -28.77 33.15
CA LEU E 63 -26.18 -27.85 33.45
C LEU E 63 -27.53 -28.41 33.01
N ILE E 64 -27.55 -29.23 31.96
CA ILE E 64 -28.78 -29.84 31.51
C ILE E 64 -29.29 -30.84 32.54
N ASP E 65 -28.39 -31.70 33.04
CA ASP E 65 -28.79 -32.75 33.97
C ASP E 65 -29.50 -32.20 35.20
N THR E 66 -29.10 -31.01 35.66
CA THR E 66 -29.61 -30.45 36.90
C THR E 66 -30.91 -29.67 36.71
N HIS E 67 -31.03 -28.90 35.63
CA HIS E 67 -31.98 -27.79 35.60
C HIS E 67 -33.08 -27.90 34.55
N GLN E 68 -32.95 -28.75 33.55
CA GLN E 68 -33.76 -28.62 32.34
C GLN E 68 -35.26 -28.73 32.65
N LYS E 69 -36.04 -28.02 31.83
CA LYS E 69 -37.49 -27.92 31.95
C LYS E 69 -38.10 -28.18 30.57
N ARG E 70 -39.16 -28.98 30.53
CA ARG E 70 -39.78 -29.38 29.28
C ARG E 70 -40.83 -28.36 28.87
N ILE E 71 -40.84 -28.00 27.59
CA ILE E 71 -41.87 -27.09 27.06
C ILE E 71 -42.47 -27.69 25.80
N ASP E 72 -43.75 -27.41 25.59
CA ASP E 72 -44.47 -27.79 24.37
C ASP E 72 -45.48 -26.66 24.14
N ILE E 73 -44.98 -25.53 23.64
CA ILE E 73 -45.77 -24.32 23.56
C ILE E 73 -45.82 -23.81 22.12
N ARG E 74 -46.82 -22.98 21.85
CA ARG E 74 -46.95 -22.25 20.60
C ARG E 74 -47.08 -20.78 20.96
N LEU E 75 -46.25 -19.95 20.35
CA LEU E 75 -46.11 -18.55 20.75
C LEU E 75 -46.81 -17.66 19.74
N LYS E 76 -47.86 -16.97 20.19
CA LYS E 76 -48.63 -16.15 19.27
C LYS E 76 -47.80 -15.02 18.68
N GLU E 77 -46.77 -14.57 19.41
CA GLU E 77 -45.93 -13.48 18.91
C GLU E 77 -45.13 -13.88 17.67
N THR E 78 -44.96 -15.18 17.41
CA THR E 78 -44.34 -15.65 16.18
C THR E 78 -45.30 -16.54 15.39
N GLY E 79 -46.56 -16.13 15.32
CA GLY E 79 -47.52 -16.84 14.49
C GLY E 79 -47.95 -18.17 15.04
N ASP E 80 -47.87 -18.37 16.36
CA ASP E 80 -48.17 -19.64 17.00
C ASP E 80 -47.25 -20.76 16.51
N SER E 81 -46.04 -20.39 16.08
CA SER E 81 -45.03 -21.40 15.77
C SER E 81 -44.64 -22.14 17.06
N PRO E 82 -44.24 -23.40 16.96
CA PRO E 82 -44.01 -24.20 18.17
C PRO E 82 -42.61 -24.02 18.75
N ARG E 83 -42.51 -24.30 20.06
CA ARG E 83 -41.24 -24.60 20.73
C ARG E 83 -41.48 -25.91 21.47
N TYR E 84 -40.98 -26.99 20.91
CA TYR E 84 -41.11 -28.33 21.50
C TYR E 84 -39.69 -28.76 21.83
N MET E 85 -39.34 -28.73 23.12
CA MET E 85 -37.95 -28.93 23.56
C MET E 85 -37.86 -28.90 25.08
N SER E 86 -36.67 -29.14 25.59
CA SER E 86 -36.32 -28.83 26.97
C SER E 86 -35.25 -27.75 26.98
N THR E 87 -35.28 -26.91 28.02
CA THR E 87 -34.43 -25.72 28.05
C THR E 87 -33.75 -25.59 29.41
N VAL E 88 -32.63 -24.87 29.40
CA VAL E 88 -31.97 -24.39 30.61
C VAL E 88 -31.86 -22.87 30.48
N GLY E 89 -32.38 -22.15 31.47
CA GLY E 89 -32.39 -20.70 31.42
C GLY E 89 -31.06 -20.07 31.79
N GLN E 90 -30.98 -18.76 31.56
CA GLN E 90 -29.73 -18.03 31.80
C GLN E 90 -29.37 -18.00 33.28
N LYS E 91 -30.37 -17.82 34.15
CA LYS E 91 -30.09 -17.68 35.58
C LYS E 91 -29.39 -18.93 36.12
N ALA E 92 -29.82 -20.11 35.69
CA ALA E 92 -29.17 -21.34 36.13
C ALA E 92 -27.76 -21.45 35.57
N ILE E 93 -27.58 -21.07 34.30
CA ILE E 93 -26.24 -21.11 33.72
C ILE E 93 -25.31 -20.14 34.46
N ALA E 94 -25.83 -18.97 34.86
CA ALA E 94 -25.00 -18.01 35.55
C ALA E 94 -24.67 -18.47 36.96
N THR E 95 -25.62 -19.14 37.61
CA THR E 95 -25.45 -19.55 39.01
C THR E 95 -24.51 -20.75 39.13
N ASP E 96 -24.76 -21.80 38.36
CA ASP E 96 -24.03 -23.06 38.50
C ASP E 96 -22.96 -23.23 37.43
N GLY E 97 -22.87 -22.32 36.48
CA GLY E 97 -21.89 -22.40 35.42
C GLY E 97 -20.69 -21.52 35.69
N SER E 98 -19.65 -21.73 34.90
CA SER E 98 -18.41 -20.99 35.09
C SER E 98 -17.78 -20.64 33.74
N LEU E 99 -17.62 -21.64 32.88
CA LEU E 99 -16.94 -21.41 31.60
C LEU E 99 -17.79 -20.55 30.67
N ILE E 100 -19.09 -20.80 30.64
CA ILE E 100 -19.98 -20.11 29.70
C ILE E 100 -20.10 -18.64 30.08
N PRO E 101 -20.30 -18.26 31.35
CA PRO E 101 -20.24 -16.83 31.69
C PRO E 101 -18.95 -16.16 31.25
N ALA E 102 -17.82 -16.89 31.31
CA ALA E 102 -16.54 -16.29 30.94
C ALA E 102 -16.40 -16.17 29.43
N VAL E 103 -16.84 -17.17 28.67
CA VAL E 103 -16.81 -17.06 27.21
C VAL E 103 -17.67 -15.89 26.75
N TYR E 104 -18.80 -15.66 27.45
CA TYR E 104 -19.70 -14.58 27.05
C TYR E 104 -19.03 -13.22 27.20
N GLU E 105 -18.06 -13.10 28.11
CA GLU E 105 -17.36 -11.86 28.39
C GLU E 105 -16.08 -11.71 27.57
N SER E 106 -15.79 -12.65 26.68
CA SER E 106 -14.52 -12.66 25.96
C SER E 106 -14.38 -11.43 25.06
N THR E 107 -13.42 -10.58 25.39
CA THR E 107 -13.09 -9.43 24.53
C THR E 107 -12.66 -9.90 23.14
N ALA E 108 -11.85 -10.96 23.08
CA ALA E 108 -11.38 -11.44 21.78
C ALA E 108 -12.53 -11.99 20.94
N LEU E 109 -13.49 -12.67 21.57
CA LEU E 109 -14.63 -13.21 20.82
C LEU E 109 -15.52 -12.09 20.30
N LYS E 110 -15.91 -11.18 21.19
CA LYS E 110 -16.71 -10.03 20.78
C LYS E 110 -15.97 -9.20 19.73
N GLY E 111 -14.65 -9.12 19.82
CA GLY E 111 -13.88 -8.36 18.87
C GLY E 111 -13.87 -8.97 17.47
N PHE E 112 -13.86 -10.31 17.39
CA PHE E 112 -13.92 -10.92 16.07
C PHE E 112 -15.31 -10.81 15.47
N LEU E 113 -16.34 -11.03 16.28
CA LEU E 113 -17.72 -10.82 15.82
C LEU E 113 -17.94 -9.38 15.39
N SER E 114 -17.30 -8.42 16.08
CA SER E 114 -17.37 -7.04 15.64
C SER E 114 -16.78 -6.86 14.25
N ARG E 115 -15.74 -7.63 13.89
CA ARG E 115 -15.21 -7.57 12.54
C ARG E 115 -16.23 -8.03 11.52
N LEU E 116 -16.94 -9.13 11.81
CA LEU E 116 -17.93 -9.65 10.86
C LEU E 116 -19.14 -8.73 10.75
N ALA E 117 -19.63 -8.21 11.88
CA ALA E 117 -20.82 -7.36 11.88
C ALA E 117 -20.52 -5.92 11.45
N LYS E 118 -19.24 -5.52 11.38
CA LYS E 118 -18.85 -4.15 11.02
C LYS E 118 -19.41 -3.14 12.00
N GLU E 119 -19.56 -3.54 13.26
CA GLU E 119 -20.04 -2.68 14.32
C GLU E 119 -19.79 -3.40 15.64
N GLU E 120 -19.84 -2.64 16.72
CA GLU E 120 -19.43 -3.17 18.01
C GLU E 120 -20.45 -4.17 18.52
N VAL E 121 -20.00 -5.39 18.77
CA VAL E 121 -20.80 -6.46 19.35
C VAL E 121 -20.59 -6.41 20.85
N MET E 122 -21.63 -6.08 21.61
CA MET E 122 -21.45 -5.93 23.04
C MET E 122 -22.39 -6.87 23.80
N GLY E 123 -22.34 -6.76 25.12
CA GLY E 123 -23.17 -7.58 25.96
C GLY E 123 -24.65 -7.21 25.88
N CYS E 124 -25.47 -8.23 26.03
CA CYS E 124 -26.91 -8.06 25.96
C CYS E 124 -27.40 -7.21 27.13
N PRO E 125 -28.30 -6.24 26.89
CA PRO E 125 -28.79 -5.39 27.98
C PRO E 125 -29.76 -6.08 28.93
N TRP E 126 -30.31 -7.22 28.55
CA TRP E 126 -31.19 -8.00 29.40
C TRP E 126 -30.44 -9.27 29.79
N ASP E 127 -30.09 -9.36 31.07
CA ASP E 127 -29.22 -10.44 31.55
C ASP E 127 -29.74 -11.81 31.13
N GLU E 128 -31.06 -12.00 31.16
CA GLU E 128 -31.60 -13.35 30.99
C GLU E 128 -31.56 -13.86 29.56
N GLU E 129 -31.08 -13.07 28.60
CA GLU E 129 -30.92 -13.55 27.23
C GLU E 129 -29.45 -13.76 26.85
N LYS E 130 -28.51 -13.54 27.78
CA LYS E 130 -27.09 -13.63 27.42
C LYS E 130 -26.74 -15.02 26.91
N TYR E 131 -27.23 -16.06 27.58
CA TYR E 131 -26.94 -17.42 27.14
C TYR E 131 -28.03 -18.34 27.64
N ILE E 132 -28.45 -19.27 26.78
CA ILE E 132 -29.43 -20.29 27.14
C ILE E 132 -29.03 -21.60 26.47
N ILE E 133 -29.71 -22.67 26.85
CA ILE E 133 -29.46 -23.99 26.30
C ILE E 133 -30.80 -24.58 25.88
N THR E 134 -30.85 -25.18 24.69
CA THR E 134 -32.01 -25.95 24.29
C THR E 134 -31.60 -27.38 24.01
N ARG E 135 -32.45 -28.32 24.42
CA ARG E 135 -32.24 -29.74 24.16
C ARG E 135 -33.48 -30.26 23.46
N GLN E 136 -33.33 -30.61 22.19
CA GLN E 136 -34.36 -31.31 21.45
C GLN E 136 -34.04 -32.79 21.56
N HIS E 137 -35.04 -33.59 21.95
CA HIS E 137 -34.76 -34.99 22.29
C HIS E 137 -35.90 -35.93 21.92
N GLN E 138 -37.07 -35.38 21.60
CA GLN E 138 -38.22 -36.19 21.22
C GLN E 138 -38.58 -35.95 19.77
N LYS E 139 -39.12 -36.99 19.13
CA LYS E 139 -39.70 -36.86 17.81
C LYS E 139 -40.64 -35.66 17.74
N GLY E 140 -40.47 -34.84 16.71
CA GLY E 140 -41.27 -33.63 16.53
C GLY E 140 -40.70 -32.39 17.17
N ASP E 141 -39.63 -32.52 17.96
CA ASP E 141 -39.07 -31.36 18.64
C ASP E 141 -38.52 -30.37 17.63
N THR E 142 -38.69 -29.09 17.92
CA THR E 142 -38.35 -28.04 16.97
C THR E 142 -38.24 -26.72 17.71
N HIS E 143 -37.36 -25.86 17.20
CA HIS E 143 -37.39 -24.43 17.51
C HIS E 143 -38.08 -23.76 16.32
N GLY E 144 -39.38 -23.48 16.47
CA GLY E 144 -40.19 -23.04 15.35
C GLY E 144 -39.84 -21.64 14.88
N TRP E 145 -40.44 -21.26 13.76
CA TRP E 145 -40.16 -19.99 13.09
C TRP E 145 -40.21 -18.84 14.09
N HIS E 146 -39.13 -18.07 14.16
CA HIS E 146 -39.06 -16.98 15.13
C HIS E 146 -37.99 -15.98 14.72
N TRP E 147 -37.96 -14.88 15.48
CA TRP E 147 -36.89 -13.90 15.46
C TRP E 147 -36.35 -13.79 16.87
N GLY E 148 -35.17 -13.19 17.00
CA GLY E 148 -34.63 -12.84 18.30
C GLY E 148 -34.87 -11.37 18.62
N ASP E 149 -34.88 -11.06 19.92
CA ASP E 149 -35.00 -9.67 20.34
C ASP E 149 -33.71 -8.88 20.16
N PHE E 150 -32.57 -9.56 19.99
CA PHE E 150 -31.29 -8.87 19.90
C PHE E 150 -30.55 -9.32 18.64
N SER E 151 -29.42 -8.67 18.37
CA SER E 151 -28.86 -8.66 17.03
C SER E 151 -27.93 -9.84 16.70
N PHE E 152 -27.12 -10.31 17.65
CA PHE E 152 -25.98 -11.18 17.30
C PHE E 152 -26.00 -12.46 18.13
N THR E 153 -26.34 -13.56 17.49
CA THR E 153 -26.48 -14.86 18.14
C THR E 153 -25.44 -15.82 17.58
N VAL E 154 -24.68 -16.45 18.47
CA VAL E 154 -23.79 -17.54 18.10
C VAL E 154 -24.36 -18.81 18.69
N ILE E 155 -24.53 -19.82 17.84
CA ILE E 155 -25.10 -21.11 18.23
C ILE E 155 -23.99 -22.15 18.21
N TRP E 156 -23.89 -22.91 19.29
CA TRP E 156 -22.88 -23.96 19.44
C TRP E 156 -23.59 -25.31 19.37
N LEU E 157 -23.19 -26.15 18.42
CA LEU E 157 -23.80 -27.47 18.24
C LEU E 157 -23.15 -28.43 19.23
N ILE E 158 -23.69 -28.50 20.44
CA ILE E 158 -23.14 -29.38 21.46
C ILE E 158 -23.35 -30.84 21.08
N GLU E 159 -24.57 -31.19 20.68
CA GLU E 159 -24.88 -32.52 20.14
C GLU E 159 -25.81 -32.35 18.97
N ALA E 160 -25.66 -33.21 17.96
CA ALA E 160 -26.55 -33.14 16.81
C ALA E 160 -26.63 -34.48 16.08
N PRO E 161 -27.82 -34.98 15.77
CA PRO E 161 -27.93 -36.17 14.93
C PRO E 161 -27.63 -35.82 13.48
N SER E 162 -27.42 -36.87 12.69
CA SER E 162 -27.36 -36.74 11.25
C SER E 162 -28.61 -36.01 10.73
N LEU E 163 -28.41 -35.23 9.67
CA LEU E 163 -29.44 -34.30 9.21
C LEU E 163 -30.69 -35.00 8.68
N GLU E 164 -30.62 -36.28 8.31
CA GLU E 164 -31.86 -36.92 7.86
C GLU E 164 -32.83 -37.14 9.01
N TYR E 165 -32.43 -36.87 10.25
CA TYR E 165 -33.34 -36.94 11.39
C TYR E 165 -33.94 -35.58 11.74
N GLY E 166 -33.64 -34.54 10.96
CA GLY E 166 -34.08 -33.19 11.28
C GLY E 166 -32.94 -32.34 11.83
N GLY E 167 -33.31 -31.12 12.23
CA GLY E 167 -32.37 -30.21 12.86
C GLY E 167 -31.77 -29.18 11.92
N MET E 168 -32.00 -29.31 10.63
CA MET E 168 -31.56 -28.30 9.68
C MET E 168 -32.05 -26.91 10.08
N LEU E 169 -31.15 -25.93 10.04
CA LEU E 169 -31.52 -24.53 10.20
C LEU E 169 -32.10 -23.98 8.92
N GLN E 170 -33.14 -23.15 9.03
CA GLN E 170 -33.72 -22.48 7.87
C GLN E 170 -33.80 -20.98 8.15
N CYS E 171 -33.46 -20.16 7.15
CA CYS E 171 -33.36 -18.71 7.35
C CYS E 171 -34.02 -17.94 6.21
N ILE E 172 -34.60 -16.81 6.58
CA ILE E 172 -34.98 -15.74 5.64
C ILE E 172 -34.45 -14.42 6.17
N PRO E 173 -33.38 -13.86 5.60
CA PRO E 173 -32.80 -12.62 6.12
C PRO E 173 -33.60 -11.40 5.68
N HIS E 174 -33.24 -10.26 6.27
CA HIS E 174 -33.78 -8.95 5.88
C HIS E 174 -35.29 -8.90 6.03
N THR E 175 -35.78 -9.43 7.15
CA THR E 175 -37.15 -9.31 7.60
C THR E 175 -37.13 -8.56 8.94
N ASP E 176 -38.28 -8.55 9.62
CA ASP E 176 -38.41 -7.87 10.90
C ASP E 176 -39.46 -8.59 11.73
N TRP E 177 -39.39 -8.40 13.04
CA TRP E 177 -40.31 -9.06 13.98
C TRP E 177 -41.35 -8.06 14.45
N ASN E 178 -42.58 -8.18 13.94
CA ASN E 178 -43.73 -7.45 14.46
C ASN E 178 -44.50 -8.40 15.37
N LYS E 179 -44.39 -8.19 16.68
CA LYS E 179 -44.94 -9.15 17.63
C LYS E 179 -46.46 -9.20 17.58
N ASP E 180 -47.10 -8.09 17.17
CA ASP E 180 -48.55 -8.01 17.10
C ASP E 180 -49.11 -8.57 15.79
N ASP E 181 -48.29 -8.64 14.74
CA ASP E 181 -48.76 -9.04 13.41
C ASP E 181 -47.57 -9.63 12.66
N PRO E 182 -47.15 -10.84 13.05
CA PRO E 182 -45.85 -11.33 12.57
C PRO E 182 -45.82 -11.75 11.11
N ARG E 183 -46.94 -12.23 10.56
CA ARG E 183 -47.07 -12.58 9.14
C ARG E 183 -45.97 -13.53 8.67
N VAL E 184 -45.77 -14.61 9.43
CA VAL E 184 -44.71 -15.57 9.10
C VAL E 184 -44.94 -16.16 7.71
N GLU E 185 -46.16 -16.63 7.44
CA GLU E 185 -46.44 -17.29 6.15
C GLU E 185 -46.26 -16.34 4.98
N ASP E 186 -46.58 -15.05 5.17
CA ASP E 186 -46.36 -14.08 4.12
C ASP E 186 -44.88 -13.94 3.78
N TYR E 187 -44.02 -13.94 4.80
CA TYR E 187 -42.59 -13.87 4.56
C TYR E 187 -42.07 -15.08 3.79
N LEU E 188 -42.52 -16.27 4.17
CA LEU E 188 -42.14 -17.48 3.43
C LEU E 188 -42.52 -17.37 1.96
N GLN E 189 -43.71 -16.84 1.67
CA GLN E 189 -44.13 -16.73 0.27
C GLN E 189 -43.36 -15.66 -0.48
N LYS E 190 -42.90 -14.62 0.23
CA LYS E 190 -42.25 -13.50 -0.45
C LYS E 190 -40.80 -13.76 -0.77
N HIS E 191 -40.11 -14.61 0.00
CA HIS E 191 -38.66 -14.75 -0.11
C HIS E 191 -38.24 -16.22 -0.12
N PRO E 192 -37.07 -16.52 -0.69
CA PRO E 192 -36.58 -17.89 -0.63
C PRO E 192 -36.04 -18.21 0.76
N ILE E 193 -36.14 -19.50 1.11
CA ILE E 193 -35.57 -20.04 2.33
C ILE E 193 -34.21 -20.65 2.00
N ARG E 194 -33.20 -20.34 2.79
CA ARG E 194 -31.92 -21.02 2.71
C ARG E 194 -31.83 -22.01 3.86
N SER E 195 -31.42 -23.24 3.58
CA SER E 195 -31.26 -24.28 4.60
C SER E 195 -29.77 -24.50 4.84
N TYR E 196 -29.41 -24.66 6.11
CA TYR E 196 -28.01 -24.84 6.51
C TYR E 196 -27.89 -26.01 7.46
N GLY E 197 -27.06 -26.99 7.12
CA GLY E 197 -26.86 -28.15 7.97
C GLY E 197 -25.68 -27.95 8.91
N HIS E 198 -25.81 -28.48 10.12
CA HIS E 198 -24.72 -28.39 11.09
C HIS E 198 -24.52 -29.74 11.76
N ALA E 199 -23.27 -30.00 12.12
CA ALA E 199 -22.87 -31.20 12.82
C ALA E 199 -22.23 -30.83 14.16
N LYS E 200 -22.11 -31.83 15.04
CA LYS E 200 -21.52 -31.61 16.36
C LYS E 200 -20.15 -30.94 16.23
N GLY E 201 -19.94 -29.90 17.03
CA GLY E 201 -18.72 -29.12 17.01
C GLY E 201 -18.78 -27.86 16.17
N ASP E 202 -19.87 -27.66 15.42
CA ASP E 202 -20.01 -26.48 14.59
C ASP E 202 -20.42 -25.28 15.45
N LEU E 203 -20.07 -24.10 14.97
CA LEU E 203 -20.60 -22.85 15.50
C LEU E 203 -21.07 -22.01 14.32
N TYR E 204 -22.10 -21.20 14.55
CA TYR E 204 -22.52 -20.30 13.49
C TYR E 204 -23.05 -19.01 14.10
N LEU E 205 -22.93 -17.94 13.33
CA LEU E 205 -23.36 -16.60 13.71
C LEU E 205 -24.64 -16.26 12.97
N LEU E 206 -25.59 -15.65 13.66
CA LEU E 206 -26.90 -15.40 13.08
C LEU E 206 -27.38 -14.01 13.47
N ARG E 207 -27.88 -13.26 12.50
CA ARG E 207 -28.42 -11.92 12.74
C ARG E 207 -29.88 -12.09 13.17
N SER E 208 -30.07 -12.35 14.46
CA SER E 208 -31.34 -12.94 14.89
C SER E 208 -32.50 -11.97 14.87
N ASP E 209 -32.24 -10.65 14.90
CA ASP E 209 -33.36 -9.71 14.90
C ASP E 209 -33.99 -9.54 13.52
N THR E 210 -33.23 -9.74 12.44
CA THR E 210 -33.78 -9.52 11.10
C THR E 210 -33.81 -10.78 10.26
N THR E 211 -33.43 -11.93 10.81
CA THR E 211 -33.41 -13.18 10.07
C THR E 211 -34.48 -14.11 10.66
N LEU E 212 -35.55 -14.32 9.92
CA LEU E 212 -36.57 -15.30 10.30
C LEU E 212 -35.95 -16.69 10.21
N HIS E 213 -35.97 -17.46 11.30
CA HIS E 213 -35.27 -18.73 11.27
C HIS E 213 -35.99 -19.77 12.13
N ARG E 214 -35.67 -21.04 11.86
CA ARG E 214 -36.21 -22.18 12.60
C ARG E 214 -35.26 -23.36 12.41
N THR E 215 -35.46 -24.39 13.22
CA THR E 215 -34.86 -25.69 12.98
C THR E 215 -35.93 -26.68 12.52
N VAL E 216 -35.59 -27.50 11.53
CA VAL E 216 -36.52 -28.50 11.01
C VAL E 216 -36.83 -29.52 12.10
N PRO E 217 -38.10 -29.88 12.32
CA PRO E 217 -38.43 -30.79 13.43
C PRO E 217 -37.73 -32.14 13.34
N LEU E 218 -37.35 -32.67 14.50
CA LEU E 218 -36.78 -34.02 14.53
C LEU E 218 -37.86 -35.01 14.13
N ASN E 219 -37.47 -36.03 13.36
CA ASN E 219 -38.41 -37.07 12.96
C ASN E 219 -38.14 -38.40 13.65
N ALA E 220 -37.33 -38.38 14.71
CA ALA E 220 -37.05 -39.56 15.52
C ALA E 220 -36.57 -39.06 16.86
N ASP E 221 -36.57 -39.97 17.84
CA ASP E 221 -36.07 -39.65 19.18
C ASP E 221 -34.55 -39.62 19.15
N ARG E 222 -34.01 -38.48 18.73
CA ARG E 222 -32.58 -38.23 18.74
C ARG E 222 -32.30 -36.93 19.49
N THR E 223 -31.04 -36.68 19.82
CA THR E 223 -30.68 -35.59 20.71
C THR E 223 -29.95 -34.51 19.92
N ARG E 224 -30.47 -33.29 19.96
CA ARG E 224 -29.79 -32.12 19.41
C ARG E 224 -29.70 -31.08 20.51
N ILE E 225 -28.48 -30.72 20.88
CA ILE E 225 -28.25 -29.78 21.97
C ILE E 225 -27.44 -28.59 21.44
N ILE E 226 -27.91 -27.39 21.74
CA ILE E 226 -27.16 -26.19 21.38
C ILE E 226 -27.01 -25.31 22.62
N LEU E 227 -25.94 -24.52 22.61
CA LEU E 227 -25.78 -23.37 23.48
C LEU E 227 -25.97 -22.13 22.64
N ASN E 228 -26.74 -21.18 23.14
CA ASN E 228 -27.02 -19.91 22.46
C ASN E 228 -26.39 -18.80 23.27
N THR E 229 -25.28 -18.24 22.77
CA THR E 229 -24.70 -17.02 23.32
C THR E 229 -25.14 -15.84 22.46
N CYS E 230 -25.90 -14.92 23.06
CA CYS E 230 -26.57 -13.85 22.33
C CYS E 230 -26.03 -12.50 22.76
N TRP E 231 -25.38 -11.79 21.84
CA TRP E 231 -24.87 -10.45 22.11
C TRP E 231 -25.74 -9.44 21.37
N ALA E 232 -25.39 -8.16 21.53
CA ALA E 232 -26.28 -7.08 21.16
C ALA E 232 -25.49 -5.94 20.50
N SER E 233 -26.24 -5.05 19.87
CA SER E 233 -25.67 -3.86 19.26
C SER E 233 -25.83 -2.66 20.18
N ARG E 234 -25.20 -1.55 19.79
CA ARG E 234 -25.39 -0.30 20.53
C ARG E 234 -26.85 0.13 20.50
N ALA E 235 -27.50 0.01 19.34
CA ALA E 235 -28.92 0.33 19.26
C ALA E 235 -29.76 -0.59 20.15
N ASP E 236 -29.34 -1.85 20.34
CA ASP E 236 -30.09 -2.76 21.20
C ASP E 236 -30.07 -2.30 22.66
N GLN E 237 -29.03 -1.56 23.05
CA GLN E 237 -28.94 -1.05 24.43
C GLN E 237 -30.03 -0.04 24.70
N GLN E 238 -30.52 0.62 23.67
CA GLN E 238 -31.42 1.75 23.81
C GLN E 238 -32.88 1.36 23.69
N LYS E 239 -33.19 0.37 22.84
CA LYS E 239 -34.57 0.11 22.48
C LYS E 239 -35.33 -0.51 23.65
N ALA E 240 -36.64 -0.29 23.65
CA ALA E 240 -37.53 -0.98 24.57
C ALA E 240 -37.79 -2.38 24.04
N THR E 241 -37.70 -3.37 24.93
CA THR E 241 -37.84 -4.76 24.54
C THR E 241 -38.78 -5.46 25.51
N THR E 242 -39.67 -6.28 24.96
CA THR E 242 -40.52 -7.16 25.74
C THR E 242 -39.99 -8.58 25.65
N HIS E 243 -40.22 -9.37 26.70
CA HIS E 243 -39.47 -10.62 26.88
C HIS E 243 -40.38 -11.83 26.94
N GLU E 244 -41.58 -11.74 26.37
CA GLU E 244 -42.60 -12.76 26.56
C GLU E 244 -42.15 -14.12 26.03
N THR E 245 -41.45 -14.16 24.89
CA THR E 245 -41.00 -15.46 24.38
C THR E 245 -39.90 -16.03 25.28
N MET E 246 -38.99 -15.18 25.74
CA MET E 246 -37.94 -15.62 26.66
C MET E 246 -38.54 -16.12 27.98
N ASN E 247 -39.55 -15.42 28.50
CA ASN E 247 -40.18 -15.79 29.77
C ASN E 247 -40.95 -17.09 29.66
N ALA E 248 -41.53 -17.37 28.49
CA ALA E 248 -42.28 -18.60 28.27
C ALA E 248 -41.39 -19.81 28.13
N MET E 249 -40.22 -19.67 27.49
CA MET E 249 -39.40 -20.86 27.25
C MET E 249 -38.34 -21.13 28.29
N PHE E 250 -38.04 -20.18 29.20
CA PHE E 250 -36.94 -20.40 30.14
C PHE E 250 -37.32 -20.01 31.55
N ASP E 251 -36.88 -20.82 32.51
CA ASP E 251 -37.06 -20.53 33.93
C ASP E 251 -36.15 -19.38 34.36
N SER F 5 -41.89 30.51 -6.43
CA SER F 5 -42.92 29.94 -5.58
C SER F 5 -42.30 29.07 -4.49
N ILE F 6 -41.65 27.98 -4.88
CA ILE F 6 -40.99 27.08 -3.95
C ILE F 6 -39.60 27.59 -3.67
N THR F 7 -39.31 27.84 -2.39
CA THR F 7 -38.07 28.45 -1.96
C THR F 7 -37.49 27.66 -0.79
N ALA F 8 -36.24 27.98 -0.44
CA ALA F 8 -35.62 27.38 0.72
C ALA F 8 -36.45 27.64 1.98
N ALA F 9 -37.21 28.74 2.01
CA ALA F 9 -37.96 29.08 3.20
C ALA F 9 -39.23 28.25 3.36
N ASN F 10 -39.82 27.76 2.28
CA ASN F 10 -41.06 27.00 2.40
C ASN F 10 -40.97 25.55 1.90
N VAL F 11 -39.78 25.07 1.52
CA VAL F 11 -39.72 23.73 0.93
C VAL F 11 -39.91 22.65 1.99
N GLU F 12 -39.49 22.90 3.23
CA GLU F 12 -39.52 21.86 4.24
C GLU F 12 -40.94 21.44 4.58
N GLU F 13 -41.87 22.41 4.61
CA GLU F 13 -43.26 22.05 4.85
C GLU F 13 -43.82 21.21 3.69
N LEU F 14 -43.44 21.53 2.47
CA LEU F 14 -43.90 20.74 1.34
C LEU F 14 -43.35 19.32 1.39
N ILE F 15 -42.11 19.16 1.82
CA ILE F 15 -41.50 17.84 1.91
C ILE F 15 -42.20 17.01 2.99
N ALA F 16 -42.49 17.63 4.14
CA ALA F 16 -43.11 16.90 5.24
C ALA F 16 -44.54 16.48 4.90
N LYS F 17 -45.31 17.41 4.30
CA LYS F 17 -46.70 17.12 3.95
C LYS F 17 -46.80 16.03 2.89
N ASN F 18 -45.91 16.05 1.90
CA ASN F 18 -45.94 15.01 0.88
C ASN F 18 -45.59 13.64 1.48
N ILE F 19 -44.62 13.60 2.41
CA ILE F 19 -44.26 12.34 3.02
C ILE F 19 -45.41 11.78 3.86
N ALA F 20 -46.08 12.64 4.63
CA ALA F 20 -47.22 12.20 5.42
C ALA F 20 -48.34 11.66 4.52
N GLU F 21 -48.48 12.21 3.32
CA GLU F 21 -49.52 11.75 2.40
C GLU F 21 -49.07 10.52 1.61
N ARG F 22 -47.86 10.55 1.06
CA ARG F 22 -47.44 9.46 0.18
C ARG F 22 -47.09 8.20 0.95
N PHE F 23 -46.62 8.32 2.20
CA PHE F 23 -46.17 7.13 2.91
C PHE F 23 -46.94 6.93 4.20
N ALA F 24 -48.27 6.94 4.10
CA ALA F 24 -49.12 6.71 5.26
C ALA F 24 -49.23 5.24 5.65
N ASP F 25 -48.92 4.32 4.73
CA ASP F 25 -49.10 2.88 4.97
C ASP F 25 -47.82 2.30 5.59
N ASP F 26 -47.89 1.96 6.88
CA ASP F 26 -46.74 1.43 7.59
C ASP F 26 -46.23 0.12 7.00
N HIS F 27 -47.13 -0.72 6.47
CA HIS F 27 -46.69 -1.99 5.91
C HIS F 27 -45.93 -1.78 4.61
N GLU F 28 -46.39 -0.84 3.78
CA GLU F 28 -45.64 -0.52 2.56
C GLU F 28 -44.24 0.00 2.90
N VAL F 29 -44.16 0.90 3.89
CA VAL F 29 -42.86 1.43 4.31
C VAL F 29 -41.97 0.30 4.81
N LEU F 30 -42.53 -0.64 5.58
CA LEU F 30 -41.76 -1.80 6.02
C LEU F 30 -41.20 -2.54 4.82
N GLY F 31 -42.03 -2.76 3.80
CA GLY F 31 -41.55 -3.45 2.61
C GLY F 31 -40.47 -2.69 1.87
N LEU F 32 -40.59 -1.36 1.81
CA LEU F 32 -39.52 -0.56 1.22
C LEU F 32 -38.22 -0.70 2.01
N SER F 33 -38.32 -0.65 3.34
CA SER F 33 -37.13 -0.83 4.17
C SER F 33 -36.48 -2.18 3.93
N GLN F 34 -37.29 -3.24 3.81
CA GLN F 34 -36.70 -4.56 3.64
C GLN F 34 -36.08 -4.70 2.25
N HIS F 35 -36.71 -4.11 1.23
CA HIS F 35 -36.09 -4.10 -0.10
C HIS F 35 -34.75 -3.39 -0.06
N PHE F 36 -34.70 -2.20 0.56
CA PHE F 36 -33.48 -1.43 0.67
C PHE F 36 -32.36 -2.25 1.33
N ARG F 37 -32.69 -2.99 2.40
CA ARG F 37 -31.65 -3.70 3.14
C ARG F 37 -31.20 -4.97 2.42
N ARG F 38 -32.13 -5.71 1.83
CA ARG F 38 -31.78 -6.92 1.09
C ARG F 38 -31.06 -6.60 -0.22
N GLU F 39 -31.53 -5.59 -0.96
CA GLU F 39 -31.00 -5.34 -2.30
C GLU F 39 -30.06 -4.15 -2.36
N GLY F 40 -29.85 -3.45 -1.26
CA GLY F 40 -29.00 -2.28 -1.27
C GLY F 40 -29.56 -1.12 -2.05
N TYR F 41 -30.85 -1.17 -2.41
CA TYR F 41 -31.47 -0.24 -3.34
C TYR F 41 -32.98 -0.30 -3.13
N VAL F 42 -33.65 0.85 -3.21
CA VAL F 42 -35.11 0.85 -3.26
C VAL F 42 -35.60 2.05 -4.08
N LYS F 43 -36.48 1.80 -5.04
CA LYS F 43 -37.11 2.89 -5.79
C LYS F 43 -38.15 3.59 -4.92
N LEU F 44 -38.13 4.92 -4.92
CA LEU F 44 -39.03 5.69 -4.06
C LEU F 44 -39.84 6.67 -4.89
N PRO F 45 -40.83 6.18 -5.63
CA PRO F 45 -41.70 7.08 -6.39
C PRO F 45 -42.40 8.04 -5.44
N GLY F 46 -42.38 9.32 -5.81
CA GLY F 46 -43.00 10.34 -4.99
C GLY F 46 -42.35 10.59 -3.65
N LEU F 47 -41.05 10.29 -3.51
CA LEU F 47 -40.33 10.65 -2.28
C LEU F 47 -40.47 12.13 -1.97
N VAL F 48 -40.42 12.97 -3.01
CA VAL F 48 -40.90 14.34 -2.95
C VAL F 48 -41.97 14.49 -4.02
N SER F 49 -42.73 15.58 -3.92
CA SER F 49 -43.82 15.84 -4.85
C SER F 49 -43.27 16.29 -6.21
N PRO F 50 -44.07 16.14 -7.27
CA PRO F 50 -43.60 16.65 -8.58
C PRO F 50 -43.25 18.12 -8.54
N GLU F 51 -43.97 18.93 -7.77
CA GLU F 51 -43.68 20.35 -7.71
C GLU F 51 -42.31 20.61 -7.08
N VAL F 52 -42.00 19.92 -5.98
CA VAL F 52 -40.68 20.08 -5.36
C VAL F 52 -39.60 19.56 -6.29
N PHE F 53 -39.86 18.41 -6.93
CA PHE F 53 -38.88 17.85 -7.87
C PHE F 53 -38.58 18.83 -9.00
N ASP F 54 -39.63 19.41 -9.59
CA ASP F 54 -39.41 20.30 -10.74
C ASP F 54 -38.59 21.51 -10.34
N ALA F 55 -38.79 22.01 -9.11
CA ALA F 55 -38.05 23.16 -8.64
C ALA F 55 -36.57 22.84 -8.44
N VAL F 56 -36.28 21.67 -7.86
CA VAL F 56 -34.90 21.19 -7.73
C VAL F 56 -34.30 20.98 -9.11
N ALA F 57 -35.10 20.46 -10.05
CA ALA F 57 -34.62 20.23 -11.40
C ALA F 57 -34.25 21.54 -12.10
N ALA F 58 -35.05 22.59 -11.88
CA ALA F 58 -34.73 23.88 -12.49
C ALA F 58 -33.41 24.44 -11.96
N GLU F 59 -33.22 24.37 -10.64
CA GLU F 59 -31.96 24.79 -10.04
C GLU F 59 -30.80 23.95 -10.56
N THR F 60 -31.04 22.64 -10.74
CA THR F 60 -29.98 21.75 -11.22
C THR F 60 -29.52 22.17 -12.63
N HIS F 61 -30.47 22.46 -13.52
CA HIS F 61 -30.10 22.88 -14.88
C HIS F 61 -29.35 24.21 -14.87
N GLN F 62 -29.73 25.13 -13.98
CA GLN F 62 -29.03 26.40 -13.91
C GLN F 62 -27.60 26.21 -13.44
N LEU F 63 -27.39 25.32 -12.46
CA LEU F 63 -26.04 25.07 -11.96
C LEU F 63 -25.19 24.37 -13.01
N ILE F 64 -25.82 23.48 -13.79
CA ILE F 64 -25.09 22.82 -14.88
C ILE F 64 -24.59 23.85 -15.89
N ASP F 65 -25.49 24.73 -16.33
CA ASP F 65 -25.12 25.70 -17.36
C ASP F 65 -23.99 26.62 -16.91
N THR F 66 -23.95 26.95 -15.62
CA THR F 66 -22.93 27.86 -15.11
C THR F 66 -21.63 27.14 -14.77
N HIS F 67 -21.70 25.90 -14.27
CA HIS F 67 -20.57 25.33 -13.56
C HIS F 67 -20.05 23.99 -14.07
N GLN F 68 -20.71 23.36 -15.04
CA GLN F 68 -20.34 21.99 -15.37
C GLN F 68 -18.92 21.91 -15.95
N LYS F 69 -18.26 20.78 -15.71
CA LYS F 69 -16.95 20.51 -16.26
C LYS F 69 -16.93 19.09 -16.80
N ARG F 70 -16.25 18.89 -17.94
CA ARG F 70 -16.17 17.58 -18.56
C ARG F 70 -15.03 16.76 -17.98
N ILE F 71 -15.30 15.48 -17.69
CA ILE F 71 -14.23 14.57 -17.28
C ILE F 71 -14.28 13.31 -18.13
N ASP F 72 -13.09 12.71 -18.33
CA ASP F 72 -12.94 11.45 -19.07
C ASP F 72 -11.81 10.68 -18.40
N ILE F 73 -12.13 10.05 -17.27
CA ILE F 73 -11.10 9.47 -16.42
C ILE F 73 -11.41 8.02 -16.13
N ARG F 74 -10.39 7.32 -15.63
CA ARG F 74 -10.48 5.94 -15.18
C ARG F 74 -9.85 5.87 -13.79
N LEU F 75 -10.58 5.31 -12.82
CA LEU F 75 -10.20 5.43 -11.43
C LEU F 75 -9.61 4.11 -10.94
N LYS F 76 -8.32 4.13 -10.57
CA LYS F 76 -7.66 2.92 -10.09
C LYS F 76 -8.38 2.35 -8.86
N GLU F 77 -8.83 3.20 -7.95
CA GLU F 77 -9.49 2.76 -6.73
C GLU F 77 -10.74 1.91 -7.00
N THR F 78 -11.28 1.96 -8.22
CA THR F 78 -12.44 1.14 -8.57
C THR F 78 -12.11 0.29 -9.79
N GLY F 79 -10.89 -0.23 -9.82
CA GLY F 79 -10.50 -1.16 -10.87
C GLY F 79 -10.35 -0.51 -12.22
N ASP F 80 -10.02 0.79 -12.27
CA ASP F 80 -9.88 1.52 -13.52
C ASP F 80 -11.19 1.61 -14.29
N SER F 81 -12.32 1.52 -13.60
CA SER F 81 -13.60 1.77 -14.24
C SER F 81 -13.71 3.26 -14.63
N PRO F 82 -14.44 3.56 -15.71
CA PRO F 82 -14.47 4.93 -16.23
C PRO F 82 -15.50 5.84 -15.56
N ARG F 83 -15.22 7.13 -15.64
CA ARG F 83 -16.18 8.21 -15.38
C ARG F 83 -16.13 9.11 -16.61
N TYR F 84 -17.10 8.95 -17.51
CA TYR F 84 -17.20 9.72 -18.74
C TYR F 84 -18.50 10.51 -18.65
N MET F 85 -18.40 11.81 -18.40
CA MET F 85 -19.55 12.63 -18.02
C MET F 85 -19.07 14.06 -17.81
N SER F 86 -20.02 14.97 -17.61
CA SER F 86 -19.75 16.28 -17.05
C SER F 86 -20.30 16.32 -15.63
N THR F 87 -19.66 17.11 -14.75
CA THR F 87 -20.03 17.15 -13.33
C THR F 87 -20.16 18.58 -12.83
N VAL F 88 -20.89 18.73 -11.73
CA VAL F 88 -20.91 19.94 -10.91
C VAL F 88 -20.60 19.54 -9.48
N GLY F 89 -19.62 20.20 -8.88
CA GLY F 89 -19.19 19.85 -7.54
C GLY F 89 -20.00 20.54 -6.45
N GLN F 90 -19.77 20.07 -5.21
CA GLN F 90 -20.57 20.53 -4.07
C GLN F 90 -20.37 22.01 -3.78
N LYS F 91 -19.15 22.52 -3.93
CA LYS F 91 -18.89 23.90 -3.57
C LYS F 91 -19.70 24.86 -4.45
N ALA F 92 -19.82 24.53 -5.73
CA ALA F 92 -20.59 25.37 -6.64
C ALA F 92 -22.08 25.34 -6.30
N ILE F 93 -22.62 24.13 -6.01
CA ILE F 93 -24.02 24.03 -5.63
C ILE F 93 -24.27 24.81 -4.34
N ALA F 94 -23.35 24.73 -3.39
CA ALA F 94 -23.54 25.44 -2.13
C ALA F 94 -23.47 26.95 -2.32
N THR F 95 -22.67 27.43 -3.28
CA THR F 95 -22.52 28.87 -3.46
C THR F 95 -23.66 29.46 -4.28
N ASP F 96 -23.98 28.82 -5.41
CA ASP F 96 -24.97 29.35 -6.34
C ASP F 96 -26.36 28.75 -6.17
N GLY F 97 -26.48 27.61 -5.50
CA GLY F 97 -27.77 26.99 -5.28
C GLY F 97 -28.48 27.56 -4.07
N SER F 98 -29.70 27.06 -3.86
CA SER F 98 -30.55 27.56 -2.78
C SER F 98 -31.47 26.45 -2.30
N LEU F 99 -32.23 25.87 -3.23
CA LEU F 99 -33.16 24.80 -2.89
C LEU F 99 -32.42 23.52 -2.52
N ILE F 100 -31.37 23.18 -3.26
CA ILE F 100 -30.66 21.92 -3.01
C ILE F 100 -30.04 21.88 -1.61
N PRO F 101 -29.29 22.90 -1.16
CA PRO F 101 -28.81 22.85 0.24
C PRO F 101 -29.95 22.81 1.24
N ALA F 102 -31.08 23.45 0.94
CA ALA F 102 -32.22 23.41 1.84
C ALA F 102 -32.81 22.01 1.91
N VAL F 103 -32.94 21.34 0.76
CA VAL F 103 -33.45 19.97 0.79
C VAL F 103 -32.50 19.06 1.56
N TYR F 104 -31.19 19.26 1.40
CA TYR F 104 -30.22 18.41 2.10
C TYR F 104 -30.39 18.48 3.61
N GLU F 105 -30.85 19.61 4.14
CA GLU F 105 -31.02 19.77 5.58
C GLU F 105 -32.39 19.32 6.07
N SER F 106 -33.25 18.83 5.18
CA SER F 106 -34.64 18.54 5.53
C SER F 106 -34.72 17.51 6.65
N THR F 107 -35.22 17.93 7.81
CA THR F 107 -35.47 16.98 8.90
C THR F 107 -36.50 15.94 8.50
N ALA F 108 -37.56 16.35 7.79
CA ALA F 108 -38.59 15.40 7.38
C ALA F 108 -38.04 14.37 6.41
N LEU F 109 -37.23 14.80 5.44
CA LEU F 109 -36.68 13.87 4.47
C LEU F 109 -35.72 12.90 5.14
N LYS F 110 -34.82 13.41 5.98
CA LYS F 110 -33.90 12.53 6.70
C LYS F 110 -34.65 11.59 7.64
N GLY F 111 -35.72 12.07 8.27
CA GLY F 111 -36.50 11.22 9.16
C GLY F 111 -37.15 10.06 8.45
N PHE F 112 -37.62 10.27 7.21
CA PHE F 112 -38.22 9.16 6.49
C PHE F 112 -37.18 8.17 6.03
N LEU F 113 -36.04 8.65 5.52
CA LEU F 113 -34.94 7.75 5.17
C LEU F 113 -34.48 6.96 6.40
N SER F 114 -34.48 7.59 7.58
CA SER F 114 -34.12 6.86 8.79
C SER F 114 -35.07 5.71 9.08
N ARG F 115 -36.35 5.85 8.74
CA ARG F 115 -37.28 4.72 8.83
C ARG F 115 -36.86 3.59 7.91
N LEU F 116 -36.40 3.92 6.69
CA LEU F 116 -36.02 2.87 5.75
C LEU F 116 -34.73 2.18 6.17
N ALA F 117 -33.76 2.95 6.67
CA ALA F 117 -32.46 2.41 7.05
C ALA F 117 -32.47 1.79 8.44
N LYS F 118 -33.51 2.05 9.24
CA LYS F 118 -33.62 1.59 10.62
C LYS F 118 -32.47 2.11 11.48
N GLU F 119 -31.94 3.27 11.12
CA GLU F 119 -30.93 3.99 11.90
C GLU F 119 -30.94 5.44 11.45
N GLU F 120 -30.33 6.30 12.26
CA GLU F 120 -30.36 7.72 11.97
C GLU F 120 -29.60 8.02 10.68
N VAL F 121 -30.23 8.78 9.80
CA VAL F 121 -29.62 9.28 8.57
C VAL F 121 -29.27 10.74 8.82
N MET F 122 -27.99 11.07 8.80
CA MET F 122 -27.56 12.43 9.13
C MET F 122 -26.67 13.00 8.04
N GLY F 123 -26.30 14.27 8.24
CA GLY F 123 -25.49 14.95 7.26
C GLY F 123 -24.13 14.29 7.10
N CYS F 124 -23.61 14.39 5.89
CA CYS F 124 -22.30 13.84 5.59
C CYS F 124 -21.22 14.56 6.39
N PRO F 125 -20.24 13.84 6.94
CA PRO F 125 -19.17 14.53 7.69
C PRO F 125 -18.23 15.30 6.79
N TRP F 126 -18.23 15.03 5.50
CA TRP F 126 -17.37 15.72 4.54
C TRP F 126 -18.26 16.58 3.65
N ASP F 127 -18.18 17.90 3.86
CA ASP F 127 -19.06 18.85 3.18
C ASP F 127 -19.14 18.57 1.69
N GLU F 128 -18.00 18.26 1.07
CA GLU F 128 -17.96 18.22 -0.39
C GLU F 128 -18.65 17.00 -1.00
N GLU F 129 -19.14 16.04 -0.21
CA GLU F 129 -19.91 14.94 -0.77
C GLU F 129 -21.41 15.06 -0.46
N LYS F 130 -21.84 16.16 0.16
CA LYS F 130 -23.26 16.33 0.48
C LYS F 130 -24.14 16.26 -0.76
N TYR F 131 -23.72 16.88 -1.87
CA TYR F 131 -24.53 16.85 -3.07
C TYR F 131 -23.66 17.21 -4.27
N ILE F 132 -23.82 16.45 -5.36
CA ILE F 132 -23.14 16.71 -6.62
C ILE F 132 -24.14 16.47 -7.73
N ILE F 133 -23.77 16.87 -8.95
CA ILE F 133 -24.60 16.67 -10.13
C ILE F 133 -23.73 16.02 -11.20
N THR F 134 -24.28 15.03 -11.90
CA THR F 134 -23.62 14.47 -13.07
C THR F 134 -24.51 14.57 -14.29
N ARG F 135 -23.89 14.80 -15.44
CA ARG F 135 -24.58 14.95 -16.71
C ARG F 135 -23.87 14.04 -17.68
N GLN F 136 -24.56 13.01 -18.14
CA GLN F 136 -24.09 12.16 -19.22
C GLN F 136 -24.79 12.63 -20.49
N HIS F 137 -24.01 12.88 -21.54
CA HIS F 137 -24.57 13.52 -22.71
C HIS F 137 -23.95 13.05 -24.02
N GLN F 138 -22.93 12.21 -23.99
CA GLN F 138 -22.27 11.71 -25.18
C GLN F 138 -22.38 10.19 -25.23
N LYS F 139 -22.40 9.65 -26.44
CA LYS F 139 -22.32 8.21 -26.63
C LYS F 139 -21.11 7.67 -25.86
N GLY F 140 -21.33 6.62 -25.09
CA GLY F 140 -20.29 6.05 -24.27
C GLY F 140 -20.20 6.59 -22.86
N ASP F 141 -20.94 7.65 -22.54
CA ASP F 141 -20.88 8.21 -21.20
C ASP F 141 -21.43 7.21 -20.19
N THR F 142 -20.82 7.19 -19.01
CA THR F 142 -21.15 6.18 -18.01
C THR F 142 -20.59 6.62 -16.66
N HIS F 143 -21.27 6.21 -15.60
CA HIS F 143 -20.73 6.28 -14.25
C HIS F 143 -20.33 4.85 -13.91
N GLY F 144 -19.07 4.53 -14.16
CA GLY F 144 -18.60 3.15 -14.13
C GLY F 144 -18.67 2.54 -12.75
N TRP F 145 -18.34 1.25 -12.69
CA TRP F 145 -18.49 0.47 -11.46
C TRP F 145 -17.75 1.13 -10.30
N HIS F 146 -18.46 1.32 -9.18
CA HIS F 146 -17.87 2.00 -8.02
C HIS F 146 -18.67 1.71 -6.77
N TRP F 147 -18.12 2.18 -5.65
CA TRP F 147 -18.80 2.32 -4.38
C TRP F 147 -18.75 3.78 -3.98
N GLY F 148 -19.55 4.15 -2.99
CA GLY F 148 -19.45 5.46 -2.40
C GLY F 148 -18.76 5.38 -1.05
N ASP F 149 -18.24 6.52 -0.59
CA ASP F 149 -17.62 6.60 0.72
C ASP F 149 -18.63 6.64 1.87
N PHE F 150 -19.90 6.95 1.60
CA PHE F 150 -20.88 7.08 2.67
C PHE F 150 -22.08 6.20 2.35
N SER F 151 -23.05 6.14 3.28
CA SER F 151 -24.01 5.05 3.33
C SER F 151 -25.30 5.31 2.55
N PHE F 152 -25.83 6.53 2.57
CA PHE F 152 -27.22 6.76 2.17
C PHE F 152 -27.30 7.79 1.05
N THR F 153 -27.34 7.30 -0.18
CA THR F 153 -27.39 8.13 -1.37
C THR F 153 -28.81 8.13 -1.95
N VAL F 154 -29.37 9.32 -2.17
CA VAL F 154 -30.61 9.45 -2.94
C VAL F 154 -30.27 10.06 -4.29
N ILE F 155 -30.72 9.40 -5.35
CA ILE F 155 -30.50 9.83 -6.73
C ILE F 155 -31.81 10.38 -7.28
N TRP F 156 -31.73 11.56 -7.90
CA TRP F 156 -32.87 12.25 -8.51
C TRP F 156 -32.69 12.21 -10.02
N LEU F 157 -33.67 11.67 -10.74
CA LEU F 157 -33.59 11.55 -12.20
C LEU F 157 -34.08 12.85 -12.84
N ILE F 158 -33.18 13.82 -12.97
CA ILE F 158 -33.55 15.12 -13.52
C ILE F 158 -33.91 14.99 -15.01
N GLU F 159 -33.12 14.24 -15.77
CA GLU F 159 -33.40 13.93 -17.16
C GLU F 159 -32.91 12.52 -17.44
N ALA F 160 -33.61 11.82 -18.34
CA ALA F 160 -33.16 10.48 -18.65
C ALA F 160 -33.75 10.08 -19.98
N PRO F 161 -32.98 9.46 -20.87
CA PRO F 161 -33.56 8.93 -22.11
C PRO F 161 -34.25 7.60 -21.84
N SER F 162 -34.96 7.11 -22.85
CA SER F 162 -35.46 5.75 -22.80
C SER F 162 -34.30 4.78 -22.53
N LEU F 163 -34.61 3.68 -21.83
CA LEU F 163 -33.57 2.77 -21.37
C LEU F 163 -32.93 2.00 -22.52
N GLU F 164 -33.57 1.94 -23.68
CA GLU F 164 -32.92 1.33 -24.84
C GLU F 164 -31.69 2.12 -25.26
N TYR F 165 -31.53 3.36 -24.78
CA TYR F 165 -30.37 4.18 -25.08
C TYR F 165 -29.29 4.12 -24.01
N GLY F 166 -29.48 3.29 -22.98
CA GLY F 166 -28.53 3.20 -21.88
C GLY F 166 -29.03 3.90 -20.65
N GLY F 167 -28.18 3.89 -19.61
CA GLY F 167 -28.47 4.56 -18.37
C GLY F 167 -28.99 3.66 -17.26
N MET F 168 -29.31 2.40 -17.57
CA MET F 168 -29.74 1.44 -16.57
C MET F 168 -28.76 1.39 -15.40
N LEU F 169 -29.30 1.37 -14.18
CA LEU F 169 -28.49 1.13 -12.98
C LEU F 169 -28.28 -0.36 -12.75
N GLN F 170 -27.06 -0.74 -12.37
CA GLN F 170 -26.78 -2.13 -12.02
C GLN F 170 -26.13 -2.17 -10.63
N CYS F 171 -26.48 -3.19 -9.84
CA CYS F 171 -26.13 -3.23 -8.42
C CYS F 171 -25.72 -4.64 -7.99
N ILE F 172 -24.75 -4.69 -7.09
CA ILE F 172 -24.45 -5.90 -6.31
C ILE F 172 -24.34 -5.52 -4.84
N PRO F 173 -25.32 -5.85 -4.00
CA PRO F 173 -25.27 -5.41 -2.60
C PRO F 173 -24.37 -6.30 -1.75
N HIS F 174 -24.21 -5.90 -0.49
CA HIS F 174 -23.46 -6.64 0.52
C HIS F 174 -22.05 -6.96 0.06
N THR F 175 -21.41 -5.97 -0.55
CA THR F 175 -20.01 -6.00 -0.91
C THR F 175 -19.30 -4.90 -0.11
N ASP F 176 -18.03 -4.67 -0.42
CA ASP F 176 -17.25 -3.66 0.29
C ASP F 176 -16.24 -3.04 -0.66
N TRP F 177 -15.78 -1.84 -0.30
CA TRP F 177 -14.83 -1.08 -1.12
C TRP F 177 -13.45 -1.11 -0.48
N ASN F 178 -12.55 -1.91 -1.06
CA ASN F 178 -11.12 -1.91 -0.73
C ASN F 178 -10.42 -1.10 -1.81
N LYS F 179 -10.02 0.13 -1.48
CA LYS F 179 -9.47 1.03 -2.48
C LYS F 179 -8.11 0.57 -3.01
N ASP F 180 -7.39 -0.27 -2.26
CA ASP F 180 -6.10 -0.77 -2.73
C ASP F 180 -6.21 -2.07 -3.50
N ASP F 181 -7.35 -2.74 -3.44
CA ASP F 181 -7.55 -4.05 -4.07
C ASP F 181 -9.04 -4.26 -4.33
N PRO F 182 -9.65 -3.47 -5.23
CA PRO F 182 -11.13 -3.45 -5.29
C PRO F 182 -11.75 -4.75 -5.79
N ARG F 183 -11.06 -5.51 -6.65
CA ARG F 183 -11.48 -6.82 -7.13
C ARG F 183 -12.91 -6.79 -7.69
N VAL F 184 -13.17 -5.78 -8.53
CA VAL F 184 -14.50 -5.60 -9.10
C VAL F 184 -14.94 -6.84 -9.87
N GLU F 185 -14.05 -7.41 -10.70
CA GLU F 185 -14.45 -8.54 -11.52
C GLU F 185 -14.75 -9.79 -10.67
N ASP F 186 -14.02 -9.99 -9.57
CA ASP F 186 -14.35 -11.07 -8.65
C ASP F 186 -15.77 -10.93 -8.11
N TYR F 187 -16.14 -9.71 -7.70
CA TYR F 187 -17.48 -9.49 -7.16
C TYR F 187 -18.57 -9.83 -8.20
N LEU F 188 -18.37 -9.43 -9.46
CA LEU F 188 -19.32 -9.78 -10.51
C LEU F 188 -19.46 -11.30 -10.65
N GLN F 189 -18.39 -12.04 -10.41
CA GLN F 189 -18.44 -13.48 -10.59
C GLN F 189 -19.07 -14.19 -9.39
N LYS F 190 -18.89 -13.65 -8.19
CA LYS F 190 -19.43 -14.30 -7.00
C LYS F 190 -20.92 -14.03 -6.79
N HIS F 191 -21.46 -12.94 -7.33
CA HIS F 191 -22.83 -12.55 -7.02
C HIS F 191 -23.60 -12.18 -8.28
N PRO F 192 -24.92 -12.29 -8.24
CA PRO F 192 -25.72 -11.82 -9.38
C PRO F 192 -25.84 -10.31 -9.41
N ILE F 193 -26.01 -9.78 -10.62
CA ILE F 193 -26.23 -8.36 -10.84
C ILE F 193 -27.73 -8.11 -10.99
N ARG F 194 -28.25 -7.13 -10.27
CA ARG F 194 -29.62 -6.67 -10.46
C ARG F 194 -29.59 -5.35 -11.20
N SER F 195 -30.46 -5.23 -12.21
CA SER F 195 -30.54 -4.04 -13.05
C SER F 195 -31.86 -3.33 -12.77
N TYR F 196 -31.81 -2.01 -12.62
CA TYR F 196 -32.99 -1.22 -12.33
C TYR F 196 -33.11 -0.08 -13.31
N GLY F 197 -34.31 0.11 -13.86
CA GLY F 197 -34.57 1.19 -14.80
C GLY F 197 -35.17 2.40 -14.09
N HIS F 198 -34.90 3.58 -14.65
CA HIS F 198 -35.43 4.81 -14.12
C HIS F 198 -35.74 5.77 -15.26
N ALA F 199 -36.76 6.58 -15.05
CA ALA F 199 -37.21 7.59 -15.97
C ALA F 199 -37.19 8.95 -15.27
N LYS F 200 -37.25 10.00 -16.07
CA LYS F 200 -37.27 11.36 -15.54
C LYS F 200 -38.37 11.51 -14.50
N GLY F 201 -38.01 12.11 -13.36
CA GLY F 201 -38.89 12.27 -12.22
C GLY F 201 -38.74 11.23 -11.13
N ASP F 202 -38.01 10.14 -11.38
CA ASP F 202 -37.82 9.11 -10.38
C ASP F 202 -36.83 9.56 -9.31
N LEU F 203 -36.97 8.97 -8.12
CA LEU F 203 -35.97 9.03 -7.08
C LEU F 203 -35.73 7.62 -6.55
N TYR F 204 -34.50 7.33 -6.16
CA TYR F 204 -34.21 6.05 -5.54
C TYR F 204 -33.14 6.23 -4.47
N LEU F 205 -33.16 5.33 -3.50
CA LEU F 205 -32.24 5.32 -2.37
C LEU F 205 -31.27 4.16 -2.55
N LEU F 206 -30.00 4.41 -2.28
CA LEU F 206 -28.96 3.42 -2.54
C LEU F 206 -27.99 3.38 -1.36
N ARG F 207 -27.68 2.17 -0.91
CA ARG F 207 -26.70 1.91 0.14
C ARG F 207 -25.32 1.91 -0.49
N SER F 208 -24.75 3.11 -0.63
CA SER F 208 -23.68 3.29 -1.60
C SER F 208 -22.33 2.73 -1.13
N ASP F 209 -22.13 2.57 0.19
CA ASP F 209 -20.86 2.06 0.69
C ASP F 209 -20.71 0.54 0.52
N THR F 210 -21.81 -0.21 0.47
CA THR F 210 -21.76 -1.66 0.37
C THR F 210 -22.45 -2.20 -0.87
N THR F 211 -22.91 -1.33 -1.76
CA THR F 211 -23.52 -1.74 -3.01
C THR F 211 -22.63 -1.32 -4.17
N LEU F 212 -21.95 -2.28 -4.79
CA LEU F 212 -21.21 -2.01 -6.00
C LEU F 212 -22.19 -1.67 -7.13
N HIS F 213 -21.97 -0.54 -7.82
CA HIS F 213 -22.98 -0.11 -8.78
C HIS F 213 -22.37 0.70 -9.92
N ARG F 214 -23.14 0.83 -11.00
CA ARG F 214 -22.74 1.61 -12.17
C ARG F 214 -24.00 1.93 -12.97
N THR F 215 -23.83 2.76 -13.99
CA THR F 215 -24.87 2.96 -15.00
C THR F 215 -24.37 2.40 -16.32
N VAL F 216 -25.28 1.77 -17.05
CA VAL F 216 -24.92 1.20 -18.36
C VAL F 216 -24.59 2.34 -19.32
N PRO F 217 -23.48 2.28 -20.05
CA PRO F 217 -23.09 3.41 -20.91
C PRO F 217 -24.20 3.78 -21.89
N LEU F 218 -24.31 5.08 -22.17
CA LEU F 218 -25.20 5.53 -23.24
C LEU F 218 -24.69 4.99 -24.56
N ASN F 219 -25.62 4.56 -25.41
CA ASN F 219 -25.26 4.10 -26.75
C ASN F 219 -25.67 5.10 -27.81
N ALA F 220 -26.04 6.31 -27.41
CA ALA F 220 -26.41 7.39 -28.31
C ALA F 220 -26.15 8.71 -27.61
N ASP F 221 -26.12 9.77 -28.40
CA ASP F 221 -25.98 11.12 -27.86
C ASP F 221 -27.33 11.52 -27.27
N ARG F 222 -27.55 11.15 -26.01
CA ARG F 222 -28.75 11.49 -25.25
C ARG F 222 -28.32 12.06 -23.91
N THR F 223 -29.24 12.69 -23.21
CA THR F 223 -28.92 13.39 -21.97
C THR F 223 -29.51 12.68 -20.78
N ARG F 224 -28.66 12.38 -19.79
CA ARG F 224 -29.09 11.82 -18.51
C ARG F 224 -28.42 12.64 -17.43
N ILE F 225 -29.21 13.31 -16.60
CA ILE F 225 -28.73 14.17 -15.53
C ILE F 225 -29.29 13.64 -14.22
N ILE F 226 -28.45 13.51 -13.20
CA ILE F 226 -28.90 13.16 -11.87
C ILE F 226 -28.40 14.18 -10.86
N LEU F 227 -29.18 14.40 -9.82
CA LEU F 227 -28.70 15.02 -8.59
C LEU F 227 -28.41 13.90 -7.60
N ASN F 228 -27.28 13.99 -6.92
CA ASN F 228 -26.89 13.03 -5.91
C ASN F 228 -26.86 13.75 -4.56
N THR F 229 -27.83 13.45 -3.69
CA THR F 229 -27.80 13.92 -2.31
C THR F 229 -27.36 12.76 -1.44
N CYS F 230 -26.23 12.91 -0.75
CA CYS F 230 -25.59 11.79 -0.08
C CYS F 230 -25.51 12.04 1.43
N TRP F 231 -26.25 11.25 2.21
CA TRP F 231 -26.26 11.37 3.65
C TRP F 231 -25.46 10.22 4.27
N ALA F 232 -25.35 10.24 5.60
CA ALA F 232 -24.39 9.39 6.30
C ALA F 232 -25.00 8.76 7.54
N SER F 233 -24.38 7.68 7.97
CA SER F 233 -24.71 7.00 9.21
C SER F 233 -23.82 7.50 10.35
N ARG F 234 -24.13 7.03 11.56
CA ARG F 234 -23.32 7.37 12.72
C ARG F 234 -21.92 6.79 12.59
N ALA F 235 -21.81 5.57 12.07
CA ALA F 235 -20.49 4.99 11.84
C ALA F 235 -19.70 5.78 10.82
N ASP F 236 -20.37 6.33 9.79
CA ASP F 236 -19.69 7.17 8.80
C ASP F 236 -19.09 8.41 9.45
N GLN F 237 -19.74 8.95 10.49
CA GLN F 237 -19.20 10.10 11.21
C GLN F 237 -17.84 9.81 11.78
N GLN F 238 -17.53 8.54 12.03
CA GLN F 238 -16.43 8.14 12.90
C GLN F 238 -15.26 7.53 12.16
N LYS F 239 -15.45 7.09 10.92
CA LYS F 239 -14.41 6.40 10.18
C LYS F 239 -13.50 7.38 9.47
N ALA F 240 -12.24 6.97 9.29
CA ALA F 240 -11.32 7.74 8.46
C ALA F 240 -11.64 7.47 7.01
N THR F 241 -11.77 8.55 6.23
CA THR F 241 -12.18 8.46 4.83
C THR F 241 -11.20 9.26 3.99
N THR F 242 -10.72 8.66 2.91
CA THR F 242 -9.98 9.39 1.90
C THR F 242 -10.93 9.75 0.75
N HIS F 243 -10.63 10.85 0.06
CA HIS F 243 -11.60 11.45 -0.85
C HIS F 243 -11.10 11.54 -2.28
N GLU F 244 -10.19 10.63 -2.65
CA GLU F 244 -9.52 10.71 -3.94
C GLU F 244 -10.49 10.65 -5.12
N THR F 245 -11.51 9.77 -5.08
CA THR F 245 -12.42 9.73 -6.23
C THR F 245 -13.25 11.02 -6.33
N MET F 246 -13.68 11.56 -5.18
CA MET F 246 -14.41 12.82 -5.20
C MET F 246 -13.54 13.96 -5.72
N ASN F 247 -12.29 14.04 -5.23
CA ASN F 247 -11.38 15.08 -5.68
C ASN F 247 -11.11 14.99 -7.17
N ALA F 248 -11.10 13.77 -7.72
CA ALA F 248 -10.82 13.60 -9.14
C ALA F 248 -12.02 13.95 -10.02
N MET F 249 -13.26 13.73 -9.57
CA MET F 249 -14.35 13.97 -10.50
C MET F 249 -15.03 15.33 -10.35
N PHE F 250 -14.81 16.06 -9.26
CA PHE F 250 -15.56 17.29 -9.01
C PHE F 250 -14.63 18.45 -8.67
N ASP F 251 -14.98 19.64 -9.18
CA ASP F 251 -14.29 20.87 -8.85
C ASP F 251 -14.60 21.29 -7.41
N ASN G 4 26.24 -35.55 38.67
CA ASN G 4 26.52 -34.28 39.33
C ASN G 4 25.73 -33.12 38.72
N SER G 5 25.48 -33.19 37.41
CA SER G 5 24.80 -32.09 36.74
C SER G 5 23.29 -32.15 36.99
N ILE G 6 22.68 -30.98 37.17
CA ILE G 6 21.27 -30.87 37.50
C ILE G 6 20.48 -30.58 36.23
N THR G 7 19.48 -31.41 35.97
CA THR G 7 18.70 -31.34 34.74
C THR G 7 17.22 -31.28 35.07
N ALA G 8 16.42 -30.90 34.07
CA ALA G 8 14.97 -30.92 34.23
C ALA G 8 14.47 -32.31 34.58
N ALA G 9 15.16 -33.35 34.10
CA ALA G 9 14.70 -34.71 34.31
C ALA G 9 14.92 -35.18 35.74
N ASN G 10 16.08 -34.85 36.34
CA ASN G 10 16.41 -35.36 37.66
C ASN G 10 16.27 -34.32 38.78
N VAL G 11 15.83 -33.10 38.49
CA VAL G 11 15.78 -32.09 39.54
C VAL G 11 14.71 -32.44 40.57
N GLU G 12 13.59 -33.02 40.13
CA GLU G 12 12.50 -33.28 41.07
C GLU G 12 12.93 -34.21 42.19
N GLU G 13 13.75 -35.22 41.88
CA GLU G 13 14.26 -36.07 42.94
C GLU G 13 15.18 -35.31 43.89
N LEU G 14 15.94 -34.34 43.38
CA LEU G 14 16.81 -33.54 44.24
C LEU G 14 15.99 -32.65 45.17
N ILE G 15 14.89 -32.09 44.69
CA ILE G 15 14.03 -31.27 45.53
C ILE G 15 13.42 -32.10 46.64
N ALA G 16 12.92 -33.30 46.31
CA ALA G 16 12.29 -34.15 47.31
C ALA G 16 13.27 -34.58 48.39
N LYS G 17 14.50 -34.93 48.00
CA LYS G 17 15.47 -35.37 49.00
C LYS G 17 15.86 -34.23 49.94
N ASN G 18 16.03 -33.02 49.40
CA ASN G 18 16.41 -31.90 50.26
C ASN G 18 15.29 -31.53 51.23
N ILE G 19 14.04 -31.63 50.78
CA ILE G 19 12.91 -31.29 51.66
C ILE G 19 12.81 -32.30 52.79
N ALA G 20 13.00 -33.59 52.49
CA ALA G 20 12.99 -34.61 53.54
C ALA G 20 14.11 -34.36 54.56
N GLU G 21 15.29 -33.95 54.09
CA GLU G 21 16.40 -33.75 55.02
C GLU G 21 16.26 -32.43 55.79
N ARG G 22 15.88 -31.35 55.10
CA ARG G 22 15.93 -30.05 55.72
C ARG G 22 14.72 -29.78 56.61
N PHE G 23 13.57 -30.36 56.30
CA PHE G 23 12.34 -30.04 57.02
C PHE G 23 11.77 -31.26 57.75
N ALA G 24 12.62 -31.97 58.47
CA ALA G 24 12.20 -33.16 59.21
C ALA G 24 11.63 -32.84 60.57
N ASP G 25 11.76 -31.60 61.05
CA ASP G 25 11.28 -31.20 62.37
C ASP G 25 9.88 -30.59 62.21
N ASP G 26 8.86 -31.34 62.63
CA ASP G 26 7.47 -30.91 62.43
C ASP G 26 7.17 -29.62 63.19
N HIS G 27 7.76 -29.44 64.37
CA HIS G 27 7.50 -28.24 65.14
C HIS G 27 8.10 -27.01 64.47
N GLU G 28 9.26 -27.16 63.83
CA GLU G 28 9.80 -26.07 63.03
C GLU G 28 8.88 -25.74 61.87
N VAL G 29 8.36 -26.76 61.18
CA VAL G 29 7.47 -26.52 60.05
C VAL G 29 6.18 -25.84 60.53
N LEU G 30 5.69 -26.22 61.71
CA LEU G 30 4.51 -25.55 62.25
C LEU G 30 4.78 -24.07 62.50
N GLY G 31 5.94 -23.75 63.09
CA GLY G 31 6.29 -22.36 63.31
C GLY G 31 6.43 -21.58 62.00
N LEU G 32 7.00 -22.21 60.98
CA LEU G 32 7.09 -21.57 59.67
C LEU G 32 5.70 -21.32 59.09
N SER G 33 4.77 -22.26 59.30
CA SER G 33 3.40 -22.08 58.80
C SER G 33 2.71 -20.92 59.50
N GLN G 34 2.81 -20.87 60.83
CA GLN G 34 2.16 -19.79 61.56
C GLN G 34 2.77 -18.44 61.23
N HIS G 35 4.09 -18.39 60.99
CA HIS G 35 4.70 -17.14 60.55
C HIS G 35 4.14 -16.70 59.21
N PHE G 36 4.07 -17.63 58.26
CA PHE G 36 3.51 -17.33 56.94
C PHE G 36 2.11 -16.77 57.05
N ARG G 37 1.27 -17.39 57.88
CA ARG G 37 -0.13 -16.97 57.96
C ARG G 37 -0.28 -15.64 58.68
N ARG G 38 0.49 -15.45 59.76
CA ARG G 38 0.39 -14.23 60.55
C ARG G 38 0.96 -13.03 59.78
N GLU G 39 2.13 -13.20 59.17
CA GLU G 39 2.84 -12.08 58.55
C GLU G 39 2.68 -11.99 57.04
N GLY G 40 2.06 -12.98 56.40
CA GLY G 40 1.97 -12.99 54.95
C GLY G 40 3.27 -13.28 54.25
N TYR G 41 4.28 -13.72 55.00
CA TYR G 41 5.65 -13.85 54.53
C TYR G 41 6.34 -14.85 55.44
N VAL G 42 7.23 -15.66 54.87
CA VAL G 42 8.12 -16.49 55.69
C VAL G 42 9.40 -16.73 54.91
N LYS G 43 10.53 -16.52 55.57
CA LYS G 43 11.83 -16.85 55.00
C LYS G 43 12.03 -18.36 55.05
N LEU G 44 12.53 -18.93 53.96
CA LEU G 44 12.69 -20.38 53.85
C LEU G 44 14.11 -20.71 53.44
N PRO G 45 15.08 -20.55 54.34
CA PRO G 45 16.44 -20.97 54.03
C PRO G 45 16.44 -22.47 53.78
N GLY G 46 17.11 -22.88 52.70
CA GLY G 46 17.19 -24.28 52.38
C GLY G 46 15.95 -24.88 51.76
N LEU G 47 15.05 -24.05 51.22
CA LEU G 47 13.86 -24.62 50.56
C LEU G 47 14.26 -25.53 49.41
N VAL G 48 15.31 -25.15 48.67
CA VAL G 48 16.03 -26.05 47.78
C VAL G 48 17.49 -26.05 48.19
N SER G 49 18.22 -27.08 47.74
CA SER G 49 19.62 -27.20 48.10
C SER G 49 20.45 -26.13 47.39
N PRO G 50 21.63 -25.80 47.94
CA PRO G 50 22.52 -24.86 47.25
C PRO G 50 22.81 -25.22 45.80
N GLU G 51 22.99 -26.51 45.49
CA GLU G 51 23.31 -26.86 44.11
C GLU G 51 22.10 -26.69 43.18
N VAL G 52 20.89 -26.96 43.67
CA VAL G 52 19.69 -26.70 42.86
C VAL G 52 19.51 -25.21 42.65
N PHE G 53 19.70 -24.41 43.71
CA PHE G 53 19.60 -22.95 43.58
C PHE G 53 20.56 -22.44 42.51
N ASP G 54 21.83 -22.87 42.59
CA ASP G 54 22.84 -22.40 41.65
C ASP G 54 22.50 -22.78 40.21
N ALA G 55 21.94 -23.96 40.00
CA ALA G 55 21.55 -24.34 38.66
C ALA G 55 20.40 -23.47 38.15
N VAL G 56 19.46 -23.14 39.03
CA VAL G 56 18.38 -22.23 38.64
C VAL G 56 18.94 -20.83 38.41
N ALA G 57 19.89 -20.40 39.23
CA ALA G 57 20.49 -19.08 39.07
C ALA G 57 21.28 -18.97 37.76
N ALA G 58 22.02 -20.03 37.41
CA ALA G 58 22.71 -20.05 36.11
C ALA G 58 21.71 -19.89 34.96
N GLU G 59 20.61 -20.64 35.02
CA GLU G 59 19.60 -20.53 33.97
C GLU G 59 18.96 -19.14 33.97
N THR G 60 18.73 -18.57 35.15
CA THR G 60 18.17 -17.21 35.22
C THR G 60 19.08 -16.21 34.51
N HIS G 61 20.39 -16.30 34.77
CA HIS G 61 21.33 -15.36 34.16
C HIS G 61 21.30 -15.46 32.64
N GLN G 62 21.21 -16.69 32.13
CA GLN G 62 21.19 -16.89 30.67
C GLN G 62 19.94 -16.29 30.04
N LEU G 63 18.79 -16.40 30.70
CA LEU G 63 17.56 -15.83 30.14
C LEU G 63 17.58 -14.31 30.17
N ILE G 64 18.23 -13.71 31.17
CA ILE G 64 18.36 -12.25 31.22
C ILE G 64 19.21 -11.75 30.07
N ASP G 65 20.34 -12.44 29.82
CA ASP G 65 21.26 -12.02 28.77
C ASP G 65 20.60 -12.03 27.40
N THR G 66 19.60 -12.89 27.21
CA THR G 66 18.90 -13.03 25.94
C THR G 66 17.62 -12.19 25.85
N HIS G 67 16.82 -12.12 26.92
CA HIS G 67 15.42 -11.75 26.81
C HIS G 67 14.99 -10.50 27.56
N GLN G 68 15.89 -9.80 28.25
CA GLN G 68 15.45 -8.79 29.20
C GLN G 68 15.01 -7.50 28.51
N LYS G 69 13.95 -6.88 29.06
CA LYS G 69 13.41 -5.63 28.56
C LYS G 69 13.25 -4.63 29.71
N ARG G 70 13.50 -3.36 29.42
CA ARG G 70 13.51 -2.31 30.43
C ARG G 70 12.12 -1.66 30.52
N ILE G 71 11.66 -1.45 31.77
CA ILE G 71 10.42 -0.73 32.00
C ILE G 71 10.65 0.39 33.01
N ASP G 72 9.90 1.48 32.83
CA ASP G 72 9.90 2.63 33.74
C ASP G 72 8.46 3.15 33.73
N ILE G 73 7.61 2.50 34.51
CA ILE G 73 6.18 2.75 34.48
C ILE G 73 5.65 2.93 35.90
N ARG G 74 4.44 3.49 35.98
CA ARG G 74 3.69 3.65 37.21
C ARG G 74 2.28 3.12 36.98
N LEU G 75 1.79 2.26 37.87
CA LEU G 75 0.57 1.50 37.61
C LEU G 75 -0.59 2.04 38.44
N LYS G 76 -1.63 2.52 37.77
CA LYS G 76 -2.73 3.16 38.50
C LYS G 76 -3.50 2.15 39.34
N GLU G 77 -3.51 0.87 38.93
CA GLU G 77 -4.21 -0.15 39.71
C GLU G 77 -3.55 -0.39 41.06
N THR G 78 -2.29 0.04 41.24
CA THR G 78 -1.63 0.00 42.54
C THR G 78 -1.28 1.41 43.02
N GLY G 79 -2.13 2.38 42.68
CA GLY G 79 -1.96 3.73 43.20
C GLY G 79 -0.84 4.51 42.57
N ASP G 80 -0.50 4.21 41.31
CA ASP G 80 0.60 4.83 40.58
C ASP G 80 1.97 4.57 41.19
N SER G 81 2.10 3.48 41.94
CA SER G 81 3.40 3.06 42.43
C SER G 81 4.28 2.61 41.25
N PRO G 82 5.59 2.78 41.36
CA PRO G 82 6.46 2.56 40.20
C PRO G 82 6.88 1.10 40.01
N ARG G 83 7.19 0.77 38.77
CA ARG G 83 7.99 -0.41 38.43
C ARG G 83 9.17 0.10 37.59
N TYR G 84 10.32 0.25 38.23
CA TYR G 84 11.55 0.72 37.59
C TYR G 84 12.56 -0.41 37.65
N MET G 85 12.90 -1.01 36.50
CA MET G 85 13.40 -2.39 36.49
C MET G 85 13.52 -2.95 35.05
N SER G 86 14.33 -3.98 34.85
CA SER G 86 14.26 -4.81 33.65
C SER G 86 13.62 -6.14 33.99
N THR G 87 12.91 -6.73 33.02
CA THR G 87 12.16 -7.96 33.28
C THR G 87 12.40 -8.98 32.18
N VAL G 88 12.11 -10.24 32.53
CA VAL G 88 12.01 -11.34 31.57
C VAL G 88 10.67 -12.01 31.80
N GLY G 89 9.86 -12.11 30.75
CA GLY G 89 8.52 -12.64 30.87
C GLY G 89 8.45 -14.15 30.84
N GLN G 90 7.26 -14.66 31.17
CA GLN G 90 7.06 -16.10 31.30
C GLN G 90 7.23 -16.82 29.97
N LYS G 91 6.77 -16.21 28.87
CA LYS G 91 6.88 -16.86 27.57
C LYS G 91 8.34 -17.15 27.22
N ALA G 92 9.22 -16.16 27.44
CA ALA G 92 10.64 -16.37 27.14
C ALA G 92 11.25 -17.45 28.02
N ILE G 93 10.81 -17.56 29.28
CA ILE G 93 11.38 -18.58 30.17
C ILE G 93 10.94 -19.97 29.74
N ALA G 94 9.65 -20.13 29.40
CA ALA G 94 9.17 -21.44 28.99
C ALA G 94 9.76 -21.87 27.64
N THR G 95 10.10 -20.89 26.79
CA THR G 95 10.69 -21.16 25.48
C THR G 95 12.15 -21.58 25.60
N ASP G 96 12.99 -20.72 26.17
CA ASP G 96 14.43 -20.96 26.26
C ASP G 96 14.86 -21.61 27.57
N GLY G 97 13.97 -21.73 28.56
CA GLY G 97 14.33 -22.32 29.83
C GLY G 97 14.10 -23.82 29.86
N SER G 98 14.44 -24.41 31.01
CA SER G 98 14.28 -25.84 31.19
C SER G 98 14.14 -26.18 32.67
N LEU G 99 15.11 -25.77 33.49
CA LEU G 99 15.03 -26.08 34.91
C LEU G 99 13.88 -25.34 35.57
N ILE G 100 13.59 -24.12 35.15
CA ILE G 100 12.59 -23.31 35.84
C ILE G 100 11.20 -23.90 35.59
N PRO G 101 10.80 -24.22 34.35
CA PRO G 101 9.54 -24.94 34.18
C PRO G 101 9.49 -26.26 34.95
N ALA G 102 10.62 -26.98 35.03
CA ALA G 102 10.61 -28.27 35.74
C ALA G 102 10.42 -28.05 37.23
N VAL G 103 11.13 -27.09 37.82
CA VAL G 103 10.94 -26.79 39.23
C VAL G 103 9.49 -26.39 39.49
N TYR G 104 8.91 -25.56 38.61
CA TYR G 104 7.54 -25.11 38.84
C TYR G 104 6.55 -26.26 38.93
N GLU G 105 6.82 -27.36 38.25
CA GLU G 105 5.94 -28.52 38.28
C GLU G 105 6.24 -29.47 39.44
N SER G 106 7.21 -29.13 40.28
CA SER G 106 7.63 -30.04 41.36
C SER G 106 6.47 -30.38 42.28
N THR G 107 6.10 -31.66 42.30
CA THR G 107 5.15 -32.15 43.29
C THR G 107 5.69 -31.98 44.70
N ALA G 108 6.96 -32.29 44.90
CA ALA G 108 7.56 -32.19 46.23
C ALA G 108 7.49 -30.76 46.76
N LEU G 109 7.86 -29.79 45.93
CA LEU G 109 7.85 -28.39 46.36
C LEU G 109 6.43 -27.89 46.63
N LYS G 110 5.48 -28.20 45.74
CA LYS G 110 4.10 -27.79 45.99
C LYS G 110 3.57 -28.47 47.23
N GLY G 111 3.95 -29.73 47.45
CA GLY G 111 3.51 -30.44 48.64
C GLY G 111 4.01 -29.80 49.92
N PHE G 112 5.26 -29.33 49.94
CA PHE G 112 5.75 -28.68 51.14
C PHE G 112 5.11 -27.32 51.34
N LEU G 113 5.01 -26.51 50.28
CA LEU G 113 4.31 -25.24 50.39
C LEU G 113 2.87 -25.44 50.86
N SER G 114 2.25 -26.57 50.48
CA SER G 114 0.91 -26.87 50.94
C SER G 114 0.86 -27.11 52.44
N ARG G 115 1.93 -27.66 53.03
CA ARG G 115 2.00 -27.83 54.47
C ARG G 115 2.01 -26.49 55.18
N LEU G 116 2.70 -25.49 54.62
CA LEU G 116 2.78 -24.18 55.26
C LEU G 116 1.49 -23.40 55.07
N ALA G 117 0.85 -23.54 53.91
CA ALA G 117 -0.38 -22.82 53.62
C ALA G 117 -1.61 -23.48 54.20
N LYS G 118 -1.50 -24.75 54.62
CA LYS G 118 -2.61 -25.54 55.13
C LYS G 118 -3.73 -25.67 54.10
N GLU G 119 -3.38 -25.59 52.83
CA GLU G 119 -4.31 -25.81 51.72
C GLU G 119 -3.48 -26.18 50.51
N GLU G 120 -4.14 -26.68 49.47
CA GLU G 120 -3.41 -27.19 48.32
C GLU G 120 -2.79 -26.03 47.54
N VAL G 121 -1.48 -26.11 47.33
CA VAL G 121 -0.76 -25.18 46.48
C VAL G 121 -0.64 -25.82 45.10
N MET G 122 -1.14 -25.14 44.07
CA MET G 122 -1.20 -25.76 42.75
C MET G 122 -0.76 -24.77 41.68
N GLY G 123 -0.70 -25.27 40.46
CA GLY G 123 -0.27 -24.45 39.34
C GLY G 123 -1.17 -23.25 39.15
N CYS G 124 -0.56 -22.18 38.72
CA CYS G 124 -1.30 -20.95 38.46
C CYS G 124 -2.20 -21.15 37.25
N PRO G 125 -3.50 -20.84 37.33
CA PRO G 125 -4.40 -21.13 36.22
C PRO G 125 -4.17 -20.26 35.01
N TRP G 126 -3.32 -19.23 35.10
CA TRP G 126 -2.97 -18.35 34.00
C TRP G 126 -1.48 -18.50 33.73
N ASP G 127 -1.15 -18.98 32.53
CA ASP G 127 0.21 -19.45 32.25
C ASP G 127 1.25 -18.34 32.36
N GLU G 128 0.91 -17.11 31.97
CA GLU G 128 1.93 -16.08 31.90
C GLU G 128 2.38 -15.57 33.27
N GLU G 129 1.75 -16.00 34.35
CA GLU G 129 2.17 -15.61 35.69
C GLU G 129 2.89 -16.73 36.44
N LYS G 130 3.15 -17.87 35.78
CA LYS G 130 3.76 -18.99 36.48
C LYS G 130 5.16 -18.63 36.99
N TYR G 131 5.96 -17.96 36.16
CA TYR G 131 7.29 -17.56 36.55
C TYR G 131 7.73 -16.35 35.74
N ILE G 132 8.37 -15.40 36.41
CA ILE G 132 8.98 -14.24 35.77
C ILE G 132 10.31 -13.96 36.46
N ILE G 133 11.09 -13.08 35.84
CA ILE G 133 12.39 -12.64 36.38
C ILE G 133 12.41 -11.11 36.35
N THR G 134 12.83 -10.50 37.45
CA THR G 134 13.07 -9.07 37.47
C THR G 134 14.54 -8.81 37.75
N ARG G 135 15.08 -7.78 37.10
CA ARG G 135 16.43 -7.32 37.32
C ARG G 135 16.35 -5.84 37.66
N GLN G 136 16.74 -5.49 38.88
CA GLN G 136 16.88 -4.09 39.27
C GLN G 136 18.36 -3.76 39.20
N HIS G 137 18.70 -2.68 38.47
CA HIS G 137 20.11 -2.48 38.17
C HIS G 137 20.52 -1.01 38.11
N GLN G 138 19.57 -0.07 38.04
CA GLN G 138 19.92 1.33 38.12
C GLN G 138 19.43 1.95 39.41
N LYS G 139 20.16 2.97 39.88
CA LYS G 139 19.74 3.76 41.01
C LYS G 139 18.29 4.21 40.83
N GLY G 140 17.47 3.98 41.86
CA GLY G 140 16.06 4.29 41.82
C GLY G 140 15.17 3.11 41.53
N ASP G 141 15.75 1.99 41.10
CA ASP G 141 14.95 0.84 40.69
C ASP G 141 14.24 0.24 41.90
N THR G 142 13.00 -0.17 41.67
CA THR G 142 12.12 -0.60 42.74
C THR G 142 11.00 -1.42 42.13
N HIS G 143 10.59 -2.46 42.85
CA HIS G 143 9.29 -3.07 42.60
C HIS G 143 8.34 -2.40 43.59
N GLY G 144 7.60 -1.41 43.11
CA GLY G 144 6.79 -0.57 43.98
C GLY G 144 5.62 -1.31 44.62
N TRP G 145 4.98 -0.61 45.56
CA TRP G 145 3.88 -1.18 46.34
C TRP G 145 2.86 -1.86 45.43
N HIS G 146 2.54 -3.11 45.75
CA HIS G 146 1.65 -3.87 44.88
C HIS G 146 1.11 -5.08 45.63
N TRP G 147 0.11 -5.70 45.01
CA TRP G 147 -0.33 -7.04 45.35
C TRP G 147 -0.14 -7.94 44.14
N GLY G 148 -0.32 -9.23 44.35
CA GLY G 148 -0.34 -10.17 43.25
C GLY G 148 -1.74 -10.68 42.95
N ASP G 149 -1.95 -11.18 41.74
CA ASP G 149 -3.26 -11.72 41.38
C ASP G 149 -3.48 -13.12 41.95
N PHE G 150 -2.44 -13.80 42.42
CA PHE G 150 -2.57 -15.17 42.89
C PHE G 150 -1.92 -15.29 44.26
N SER G 151 -2.03 -16.48 44.86
CA SER G 151 -1.95 -16.60 46.31
C SER G 151 -0.55 -16.87 46.86
N PHE G 152 0.28 -17.65 46.16
CA PHE G 152 1.48 -18.23 46.76
C PHE G 152 2.71 -17.96 45.89
N THR G 153 3.48 -16.94 46.26
CA THR G 153 4.68 -16.55 45.53
C THR G 153 5.93 -16.97 46.29
N VAL G 154 6.84 -17.66 45.61
CA VAL G 154 8.18 -17.90 46.14
C VAL G 154 9.17 -17.06 45.33
N ILE G 155 9.99 -16.27 46.04
CA ILE G 155 10.98 -15.40 45.43
C ILE G 155 12.36 -16.00 45.69
N TRP G 156 13.18 -16.07 44.64
CA TRP G 156 14.54 -16.60 44.68
C TRP G 156 15.50 -15.44 44.53
N LEU G 157 16.39 -15.26 45.50
CA LEU G 157 17.36 -14.16 45.43
C LEU G 157 18.55 -14.61 44.60
N ILE G 158 18.45 -14.43 43.28
CA ILE G 158 19.53 -14.82 42.37
C ILE G 158 20.77 -13.96 42.61
N GLU G 159 20.59 -12.63 42.73
CA GLU G 159 21.68 -11.71 43.01
C GLU G 159 21.13 -10.59 43.88
N ALA G 160 21.94 -10.13 44.83
CA ALA G 160 21.51 -8.98 45.62
C ALA G 160 22.70 -8.22 46.17
N PRO G 161 22.65 -6.90 46.18
CA PRO G 161 23.67 -6.12 46.87
C PRO G 161 23.38 -6.07 48.37
N SER G 162 24.38 -5.62 49.10
CA SER G 162 24.21 -5.36 50.53
C SER G 162 23.03 -4.42 50.75
N LEU G 163 22.30 -4.65 51.85
CA LEU G 163 21.05 -3.92 52.09
C LEU G 163 21.26 -2.42 52.22
N GLU G 164 22.50 -1.96 52.45
CA GLU G 164 22.77 -0.52 52.46
C GLU G 164 22.51 0.14 51.11
N TYR G 165 22.39 -0.64 50.04
CA TYR G 165 22.12 -0.10 48.71
C TYR G 165 20.65 -0.19 48.34
N GLY G 166 19.79 -0.60 49.28
CA GLY G 166 18.38 -0.78 48.96
C GLY G 166 18.04 -2.26 48.77
N GLY G 167 16.80 -2.47 48.32
CA GLY G 167 16.33 -3.79 47.99
C GLY G 167 15.54 -4.49 49.07
N MET G 168 15.49 -3.91 50.26
CA MET G 168 14.76 -4.56 51.36
C MET G 168 13.29 -4.76 50.98
N LEU G 169 12.75 -5.91 51.34
CA LEU G 169 11.33 -6.19 51.15
C LEU G 169 10.50 -5.56 52.27
N GLN G 170 9.36 -4.97 51.94
CA GLN G 170 8.44 -4.47 52.95
C GLN G 170 7.04 -5.04 52.72
N CYS G 171 6.35 -5.39 53.82
CA CYS G 171 5.06 -6.07 53.74
C CYS G 171 4.06 -5.49 54.73
N ILE G 172 2.78 -5.54 54.33
CA ILE G 172 1.63 -5.36 55.23
C ILE G 172 0.64 -6.48 54.94
N PRO G 173 0.53 -7.46 55.82
CA PRO G 173 -0.36 -8.60 55.55
C PRO G 173 -1.82 -8.28 55.82
N HIS G 174 -2.69 -9.21 55.40
CA HIS G 174 -4.13 -9.18 55.65
C HIS G 174 -4.76 -7.90 55.10
N THR G 175 -4.41 -7.61 53.85
CA THR G 175 -5.04 -6.55 53.07
C THR G 175 -5.65 -7.18 51.82
N ASP G 176 -6.12 -6.35 50.91
CA ASP G 176 -6.70 -6.85 49.67
C ASP G 176 -6.43 -5.85 48.55
N TRP G 177 -6.48 -6.35 47.31
CA TRP G 177 -6.24 -5.55 46.12
C TRP G 177 -7.59 -5.15 45.51
N ASN G 178 -7.92 -3.86 45.61
CA ASN G 178 -9.02 -3.28 44.85
C ASN G 178 -8.39 -2.46 43.72
N LYS G 179 -8.47 -2.98 42.48
CA LYS G 179 -7.79 -2.32 41.38
C LYS G 179 -8.42 -0.99 41.00
N ASP G 180 -9.69 -0.77 41.34
CA ASP G 180 -10.33 0.51 41.08
C ASP G 180 -10.11 1.53 42.19
N ASP G 181 -9.82 1.07 43.40
CA ASP G 181 -9.62 1.96 44.54
C ASP G 181 -8.58 1.34 45.47
N PRO G 182 -7.30 1.34 45.07
CA PRO G 182 -6.30 0.58 45.82
C PRO G 182 -6.02 1.14 47.21
N ARG G 183 -6.07 2.45 47.39
CA ARG G 183 -5.96 3.07 48.72
C ARG G 183 -4.70 2.61 49.45
N VAL G 184 -3.57 2.69 48.75
CA VAL G 184 -2.29 2.21 49.29
C VAL G 184 -1.87 3.03 50.50
N GLU G 185 -1.98 4.37 50.40
CA GLU G 185 -1.56 5.21 51.53
C GLU G 185 -2.42 4.97 52.76
N ASP G 186 -3.70 4.64 52.58
CA ASP G 186 -4.54 4.35 53.74
C ASP G 186 -4.08 3.07 54.43
N TYR G 187 -3.72 2.05 53.65
CA TYR G 187 -3.22 0.83 54.25
C TYR G 187 -1.94 1.09 55.05
N LEU G 188 -1.01 1.87 54.48
CA LEU G 188 0.23 2.16 55.20
C LEU G 188 -0.07 2.84 56.52
N GLN G 189 -1.09 3.70 56.54
CA GLN G 189 -1.42 4.44 57.75
C GLN G 189 -2.15 3.57 58.77
N LYS G 190 -2.95 2.60 58.32
CA LYS G 190 -3.68 1.81 59.30
C LYS G 190 -2.88 0.66 59.89
N HIS G 191 -1.74 0.30 59.31
CA HIS G 191 -1.03 -0.88 59.77
C HIS G 191 0.48 -0.66 59.79
N PRO G 192 1.19 -1.34 60.68
CA PRO G 192 2.65 -1.30 60.63
C PRO G 192 3.21 -2.04 59.43
N ILE G 193 4.36 -1.56 58.96
CA ILE G 193 5.12 -2.20 57.90
C ILE G 193 6.21 -3.07 58.52
N ARG G 194 6.31 -4.32 58.08
CA ARG G 194 7.44 -5.17 58.42
C ARG G 194 8.44 -5.20 57.26
N SER G 195 9.72 -5.04 57.58
CA SER G 195 10.80 -5.03 56.59
C SER G 195 11.65 -6.27 56.76
N TYR G 196 12.02 -6.90 55.64
CA TYR G 196 12.79 -8.13 55.64
C TYR G 196 13.95 -8.02 54.68
N GLY G 197 15.15 -8.28 55.16
CA GLY G 197 16.33 -8.25 54.31
C GLY G 197 16.67 -9.63 53.78
N HIS G 198 17.23 -9.67 52.58
CA HIS G 198 17.59 -10.92 51.93
C HIS G 198 18.95 -10.80 51.27
N ALA G 199 19.64 -11.92 51.15
CA ALA G 199 20.92 -11.98 50.47
C ALA G 199 20.86 -13.06 49.40
N LYS G 200 21.82 -12.98 48.46
CA LYS G 200 21.95 -13.98 47.41
C LYS G 200 21.84 -15.39 48.00
N GLY G 201 21.00 -16.21 47.37
CA GLY G 201 20.80 -17.57 47.82
C GLY G 201 19.58 -17.79 48.68
N ASP G 202 18.95 -16.72 49.17
CA ASP G 202 17.74 -16.82 49.98
C ASP G 202 16.53 -17.15 49.12
N LEU G 203 15.55 -17.81 49.74
CA LEU G 203 14.22 -17.98 49.18
C LEU G 203 13.20 -17.59 50.24
N TYR G 204 12.08 -17.03 49.79
CA TYR G 204 11.03 -16.68 50.74
C TYR G 204 9.66 -16.87 50.09
N LEU G 205 8.68 -17.16 50.94
CA LEU G 205 7.30 -17.40 50.51
C LEU G 205 6.44 -16.21 50.91
N LEU G 206 5.57 -15.79 50.00
CA LEU G 206 4.78 -14.59 50.22
C LEU G 206 3.34 -14.85 49.81
N ARG G 207 2.40 -14.49 50.70
CA ARG G 207 0.97 -14.57 50.41
C ARG G 207 0.62 -13.33 49.59
N SER G 208 0.82 -13.42 48.28
CA SER G 208 0.89 -12.22 47.45
C SER G 208 -0.46 -11.53 47.22
N ASP G 209 -1.57 -12.25 47.35
CA ASP G 209 -2.86 -11.62 47.09
C ASP G 209 -3.37 -10.78 48.25
N THR G 210 -2.91 -11.03 49.48
CA THR G 210 -3.38 -10.30 50.65
C THR G 210 -2.24 -9.57 51.37
N THR G 211 -1.04 -9.60 50.83
CA THR G 211 0.09 -8.91 51.44
C THR G 211 0.52 -7.77 50.52
N LEU G 212 0.29 -6.55 50.96
CA LEU G 212 0.78 -5.38 50.24
C LEU G 212 2.29 -5.31 50.41
N HIS G 213 3.04 -5.23 49.29
CA HIS G 213 4.49 -5.35 49.43
C HIS G 213 5.24 -4.61 48.34
N ARG G 214 6.52 -4.37 48.60
CA ARG G 214 7.39 -3.63 47.71
C ARG G 214 8.84 -3.94 48.07
N THR G 215 9.76 -3.42 47.25
CA THR G 215 11.19 -3.41 47.58
C THR G 215 11.65 -1.96 47.68
N VAL G 216 12.50 -1.69 48.66
CA VAL G 216 13.04 -0.34 48.87
C VAL G 216 13.93 0.02 47.70
N PRO G 217 13.79 1.20 47.13
CA PRO G 217 14.52 1.53 45.88
C PRO G 217 16.03 1.46 46.06
N LEU G 218 16.72 1.02 45.00
CA LEU G 218 18.17 1.02 45.01
C LEU G 218 18.69 2.46 45.09
N ASN G 219 19.75 2.67 45.86
CA ASN G 219 20.32 4.00 45.98
C ASN G 219 21.70 4.09 45.33
N ALA G 220 22.07 3.07 44.54
CA ALA G 220 23.23 3.07 43.69
C ALA G 220 22.90 2.15 42.52
N ASP G 221 23.74 2.19 41.49
CA ASP G 221 23.61 1.31 40.33
C ASP G 221 24.22 -0.05 40.69
N ARG G 222 23.49 -0.82 41.49
CA ARG G 222 23.87 -2.19 41.81
C ARG G 222 22.78 -3.14 41.33
N THR G 223 23.11 -4.43 41.25
CA THR G 223 22.25 -5.39 40.59
C THR G 223 21.56 -6.30 41.60
N ARG G 224 20.24 -6.40 41.49
CA ARG G 224 19.42 -7.29 42.30
C ARG G 224 18.49 -8.05 41.36
N ILE G 225 18.64 -9.37 41.30
CA ILE G 225 17.88 -10.21 40.39
C ILE G 225 17.09 -11.24 41.18
N ILE G 226 15.80 -11.34 40.91
CA ILE G 226 14.99 -12.36 41.55
C ILE G 226 14.28 -13.19 40.48
N LEU G 227 14.03 -14.44 40.82
CA LEU G 227 13.07 -15.29 40.14
C LEU G 227 11.82 -15.35 40.99
N ASN G 228 10.67 -15.23 40.34
CA ASN G 228 9.37 -15.27 40.98
C ASN G 228 8.63 -16.48 40.41
N THR G 229 8.44 -17.51 41.24
CA THR G 229 7.62 -18.66 40.87
C THR G 229 6.32 -18.54 41.65
N CYS G 230 5.22 -18.35 40.93
CA CYS G 230 3.94 -17.98 41.52
C CYS G 230 2.94 -19.12 41.37
N TRP G 231 2.51 -19.68 42.48
CA TRP G 231 1.51 -20.74 42.52
C TRP G 231 0.19 -20.16 43.03
N ALA G 232 -0.84 -21.00 43.03
CA ALA G 232 -2.20 -20.53 43.21
C ALA G 232 -2.98 -21.53 44.07
N SER G 233 -4.09 -21.06 44.62
CA SER G 233 -4.97 -21.86 45.45
C SER G 233 -6.07 -22.50 44.59
N ARG G 234 -6.90 -23.33 45.24
CA ARG G 234 -8.08 -23.87 44.57
C ARG G 234 -9.02 -22.75 44.13
N ALA G 235 -9.34 -21.84 45.05
CA ALA G 235 -10.23 -20.73 44.72
C ALA G 235 -9.67 -19.87 43.59
N ASP G 236 -8.34 -19.83 43.45
CA ASP G 236 -7.76 -19.06 42.35
C ASP G 236 -8.13 -19.64 41.00
N GLN G 237 -8.36 -20.96 40.93
CA GLN G 237 -8.65 -21.61 39.65
C GLN G 237 -9.96 -21.13 39.04
N GLN G 238 -10.87 -20.57 39.85
CA GLN G 238 -12.20 -20.22 39.39
C GLN G 238 -12.42 -18.73 39.20
N LYS G 239 -11.66 -17.89 39.90
CA LYS G 239 -11.96 -16.47 39.94
C LYS G 239 -11.62 -15.81 38.62
N ALA G 240 -12.36 -14.75 38.30
CA ALA G 240 -12.05 -13.93 37.14
C ALA G 240 -10.93 -12.97 37.51
N THR G 241 -9.87 -12.96 36.69
CA THR G 241 -8.69 -12.16 36.94
C THR G 241 -8.38 -11.32 35.70
N THR G 242 -8.10 -10.04 35.90
CA THR G 242 -7.53 -9.19 34.86
C THR G 242 -6.02 -9.12 35.06
N HIS G 243 -5.30 -8.89 33.96
CA HIS G 243 -3.86 -9.06 33.92
C HIS G 243 -3.12 -7.79 33.49
N GLU G 244 -3.71 -6.63 33.76
CA GLU G 244 -3.16 -5.37 33.28
C GLU G 244 -1.73 -5.12 33.78
N THR G 245 -1.48 -5.34 35.08
CA THR G 245 -0.11 -5.10 35.57
C THR G 245 0.86 -6.10 34.98
N MET G 246 0.41 -7.35 34.80
CA MET G 246 1.27 -8.38 34.23
C MET G 246 1.61 -8.02 32.79
N ASN G 247 0.60 -7.58 32.01
CA ASN G 247 0.81 -7.25 30.60
C ASN G 247 1.71 -6.02 30.43
N ALA G 248 1.70 -5.10 31.40
CA ALA G 248 2.53 -3.91 31.27
C ALA G 248 3.98 -4.19 31.58
N MET G 249 4.26 -5.13 32.48
CA MET G 249 5.63 -5.29 32.99
C MET G 249 6.44 -6.32 32.21
N PHE G 250 5.79 -7.27 31.52
CA PHE G 250 6.51 -8.39 30.93
C PHE G 250 6.17 -8.57 29.46
N ASP G 251 7.14 -9.14 28.73
CA ASP G 251 6.99 -9.43 27.32
C ASP G 251 6.64 -10.91 27.13
N SER H 5 0.13 -34.99 -35.58
CA SER H 5 0.00 -36.00 -34.53
C SER H 5 -1.46 -36.34 -34.25
N ILE H 6 -2.27 -35.32 -34.03
CA ILE H 6 -3.71 -35.48 -33.82
C ILE H 6 -4.40 -35.10 -35.12
N THR H 7 -5.08 -36.07 -35.74
CA THR H 7 -5.71 -35.89 -37.03
C THR H 7 -7.19 -36.20 -36.94
N ALA H 8 -7.90 -35.88 -38.03
CA ALA H 8 -9.32 -36.20 -38.09
C ALA H 8 -9.58 -37.69 -38.02
N ALA H 9 -8.64 -38.51 -38.50
CA ALA H 9 -8.85 -39.95 -38.53
C ALA H 9 -8.56 -40.62 -37.18
N ASN H 10 -7.97 -39.90 -36.22
CA ASN H 10 -7.70 -40.49 -34.91
C ASN H 10 -8.13 -39.63 -33.72
N VAL H 11 -8.77 -38.48 -33.93
CA VAL H 11 -9.09 -37.62 -32.81
C VAL H 11 -10.25 -38.17 -31.98
N GLU H 12 -11.11 -38.98 -32.58
CA GLU H 12 -12.29 -39.44 -31.85
C GLU H 12 -11.92 -40.34 -30.69
N GLU H 13 -10.94 -41.24 -30.88
CA GLU H 13 -10.54 -42.11 -29.78
C GLU H 13 -9.97 -41.30 -28.63
N LEU H 14 -9.26 -40.21 -28.94
CA LEU H 14 -8.74 -39.34 -27.88
C LEU H 14 -9.87 -38.60 -27.17
N ILE H 15 -10.97 -38.30 -27.86
CA ILE H 15 -12.11 -37.67 -27.20
C ILE H 15 -12.85 -38.68 -26.32
N ALA H 16 -13.14 -39.86 -26.87
CA ALA H 16 -13.82 -40.88 -26.08
C ALA H 16 -13.01 -41.31 -24.86
N LYS H 17 -11.69 -41.37 -24.99
CA LYS H 17 -10.87 -41.83 -23.87
C LYS H 17 -10.85 -40.81 -22.75
N ASN H 18 -10.62 -39.53 -23.08
CA ASN H 18 -10.58 -38.49 -22.06
C ASN H 18 -11.94 -38.36 -21.36
N ILE H 19 -13.04 -38.52 -22.11
CA ILE H 19 -14.36 -38.45 -21.50
C ILE H 19 -14.54 -39.58 -20.49
N ALA H 20 -14.10 -40.79 -20.85
CA ALA H 20 -14.19 -41.93 -19.94
C ALA H 20 -13.35 -41.74 -18.68
N GLU H 21 -12.28 -40.95 -18.75
CA GLU H 21 -11.41 -40.73 -17.61
C GLU H 21 -11.69 -39.44 -16.86
N ARG H 22 -12.17 -38.40 -17.54
CA ARG H 22 -12.42 -37.13 -16.87
C ARG H 22 -13.77 -37.11 -16.16
N PHE H 23 -14.78 -37.78 -16.72
CA PHE H 23 -16.13 -37.73 -16.18
C PHE H 23 -16.60 -39.10 -15.71
N ALA H 24 -15.75 -39.76 -14.91
CA ALA H 24 -16.09 -41.07 -14.38
C ALA H 24 -17.05 -41.00 -13.20
N ASP H 25 -17.13 -39.86 -12.53
CA ASP H 25 -17.92 -39.69 -11.31
C ASP H 25 -19.34 -39.30 -11.71
N ASP H 26 -20.29 -40.23 -11.54
CA ASP H 26 -21.67 -40.00 -11.97
C ASP H 26 -22.30 -38.84 -11.21
N HIS H 27 -21.96 -38.67 -9.93
CA HIS H 27 -22.55 -37.61 -9.13
C HIS H 27 -22.07 -36.24 -9.59
N GLU H 28 -20.78 -36.14 -9.94
CA GLU H 28 -20.27 -34.91 -10.53
C GLU H 28 -21.02 -34.57 -11.81
N VAL H 29 -21.25 -35.58 -12.66
CA VAL H 29 -21.94 -35.32 -13.93
C VAL H 29 -23.38 -34.89 -13.67
N LEU H 30 -24.04 -35.50 -12.68
CA LEU H 30 -25.37 -35.04 -12.31
C LEU H 30 -25.35 -33.58 -11.90
N GLY H 31 -24.36 -33.19 -11.09
CA GLY H 31 -24.24 -31.79 -10.70
C GLY H 31 -24.04 -30.88 -11.89
N LEU H 32 -23.23 -31.30 -12.86
CA LEU H 32 -22.99 -30.47 -14.05
C LEU H 32 -24.27 -30.32 -14.85
N SER H 33 -25.04 -31.40 -14.95
CA SER H 33 -26.29 -31.36 -15.69
C SER H 33 -27.25 -30.38 -15.03
N GLN H 34 -27.37 -30.45 -13.71
CA GLN H 34 -28.31 -29.57 -13.03
C GLN H 34 -27.88 -28.11 -13.14
N HIS H 35 -26.56 -27.85 -13.07
CA HIS H 35 -26.10 -26.47 -13.26
C HIS H 35 -26.46 -25.97 -14.64
N PHE H 36 -26.24 -26.81 -15.66
CA PHE H 36 -26.57 -26.43 -17.04
C PHE H 36 -28.05 -26.09 -17.18
N ARG H 37 -28.92 -26.90 -16.57
CA ARG H 37 -30.35 -26.66 -16.70
C ARG H 37 -30.78 -25.42 -15.93
N ARG H 38 -30.30 -25.29 -14.69
CA ARG H 38 -30.71 -24.16 -13.85
C ARG H 38 -30.21 -22.84 -14.41
N GLU H 39 -28.94 -22.79 -14.81
CA GLU H 39 -28.28 -21.55 -15.13
C GLU H 39 -28.14 -21.32 -16.62
N GLY H 40 -28.48 -22.31 -17.44
CA GLY H 40 -28.32 -22.20 -18.88
C GLY H 40 -26.89 -22.27 -19.33
N TYR H 41 -25.98 -22.66 -18.42
CA TYR H 41 -24.55 -22.58 -18.61
C TYR H 41 -23.89 -23.52 -17.62
N VAL H 42 -22.84 -24.21 -18.07
CA VAL H 42 -21.98 -24.95 -17.15
C VAL H 42 -20.56 -24.94 -17.69
N LYS H 43 -19.59 -24.68 -16.82
CA LYS H 43 -18.19 -24.76 -17.17
C LYS H 43 -17.77 -26.22 -17.22
N LEU H 44 -17.08 -26.64 -18.29
CA LEU H 44 -16.68 -28.02 -18.48
C LEU H 44 -15.16 -28.12 -18.61
N PRO H 45 -14.43 -27.90 -17.52
CA PRO H 45 -12.96 -28.05 -17.58
C PRO H 45 -12.59 -29.47 -17.97
N GLY H 46 -11.71 -29.60 -18.95
CA GLY H 46 -11.29 -30.90 -19.39
C GLY H 46 -12.31 -31.65 -20.23
N LEU H 47 -13.27 -30.94 -20.85
CA LEU H 47 -14.18 -31.61 -21.78
C LEU H 47 -13.39 -32.32 -22.88
N VAL H 48 -12.34 -31.70 -23.38
CA VAL H 48 -11.32 -32.38 -24.17
C VAL H 48 -10.00 -32.26 -23.42
N SER H 49 -9.06 -33.13 -23.77
CA SER H 49 -7.74 -33.10 -23.16
C SER H 49 -6.98 -31.85 -23.60
N PRO H 50 -5.94 -31.46 -22.87
CA PRO H 50 -5.14 -30.31 -23.32
C PRO H 50 -4.51 -30.52 -24.69
N GLU H 51 -4.15 -31.76 -25.05
CA GLU H 51 -3.53 -32.00 -26.34
C GLU H 51 -4.53 -31.88 -27.48
N VAL H 52 -5.76 -32.35 -27.28
CA VAL H 52 -6.80 -32.12 -28.28
C VAL H 52 -7.12 -30.64 -28.37
N PHE H 53 -7.27 -29.98 -27.22
CA PHE H 53 -7.53 -28.55 -27.22
C PHE H 53 -6.43 -27.80 -27.98
N ASP H 54 -5.17 -28.10 -27.66
CA ASP H 54 -4.05 -27.38 -28.26
C ASP H 54 -3.99 -27.59 -29.76
N ALA H 55 -4.33 -28.79 -30.23
CA ALA H 55 -4.36 -29.04 -31.66
C ALA H 55 -5.50 -28.31 -32.33
N VAL H 56 -6.64 -28.21 -31.64
CA VAL H 56 -7.74 -27.40 -32.15
C VAL H 56 -7.36 -25.93 -32.15
N ALA H 57 -6.65 -25.49 -31.11
CA ALA H 57 -6.25 -24.08 -31.02
C ALA H 57 -5.32 -23.70 -32.15
N ALA H 58 -4.40 -24.59 -32.53
CA ALA H 58 -3.45 -24.28 -33.60
C ALA H 58 -4.17 -24.16 -34.94
N GLU H 59 -5.07 -25.10 -35.23
CA GLU H 59 -5.89 -25.00 -36.42
C GLU H 59 -6.72 -23.72 -36.42
N THR H 60 -7.22 -23.31 -35.25
CA THR H 60 -8.01 -22.08 -35.18
C THR H 60 -7.16 -20.86 -35.51
N HIS H 61 -5.95 -20.79 -34.98
CA HIS H 61 -5.06 -19.67 -35.27
C HIS H 61 -4.74 -19.60 -36.76
N GLN H 62 -4.52 -20.78 -37.38
CA GLN H 62 -4.24 -20.83 -38.81
C GLN H 62 -5.42 -20.29 -39.63
N LEU H 63 -6.65 -20.65 -39.25
CA LEU H 63 -7.81 -20.19 -40.02
C LEU H 63 -8.00 -18.69 -39.86
N ILE H 64 -7.71 -18.15 -38.68
CA ILE H 64 -7.80 -16.71 -38.45
C ILE H 64 -6.84 -15.97 -39.37
N ASP H 65 -5.62 -16.49 -39.52
CA ASP H 65 -4.61 -15.85 -40.35
C ASP H 65 -5.03 -15.81 -41.81
N THR H 66 -5.85 -16.75 -42.24
CA THR H 66 -6.25 -16.85 -43.63
C THR H 66 -7.58 -16.18 -43.93
N HIS H 67 -8.52 -16.18 -42.99
CA HIS H 67 -9.91 -15.88 -43.32
C HIS H 67 -10.59 -14.83 -42.46
N GLN H 68 -9.91 -14.28 -41.44
CA GLN H 68 -10.61 -13.39 -40.52
C GLN H 68 -11.11 -12.15 -41.26
N LYS H 69 -12.26 -11.66 -40.82
CA LYS H 69 -12.93 -10.52 -41.42
C LYS H 69 -13.50 -9.66 -40.30
N ARG H 70 -13.31 -8.36 -40.41
CA ARG H 70 -13.68 -7.43 -39.34
C ARG H 70 -15.15 -7.00 -39.51
N ILE H 71 -15.87 -6.95 -38.39
CA ILE H 71 -17.23 -6.42 -38.38
C ILE H 71 -17.37 -5.42 -37.25
N ASP H 72 -18.23 -4.42 -37.48
CA ASP H 72 -18.53 -3.37 -36.51
C ASP H 72 -20.00 -3.00 -36.73
N ILE H 73 -20.90 -3.88 -36.31
CA ILE H 73 -22.31 -3.77 -36.65
C ILE H 73 -23.15 -3.80 -35.37
N ARG H 74 -24.39 -3.35 -35.51
CA ARG H 74 -25.40 -3.47 -34.47
C ARG H 74 -26.62 -4.16 -35.08
N LEU H 75 -27.18 -5.12 -34.35
CA LEU H 75 -28.21 -5.99 -34.91
C LEU H 75 -29.57 -5.68 -34.30
N LYS H 76 -30.52 -5.25 -35.14
CA LYS H 76 -31.81 -4.86 -34.60
C LYS H 76 -32.57 -6.05 -34.01
N GLU H 77 -32.28 -7.27 -34.47
CA GLU H 77 -32.97 -8.43 -33.95
C GLU H 77 -32.61 -8.74 -32.50
N THR H 78 -31.49 -8.22 -32.00
CA THR H 78 -31.14 -8.33 -30.60
C THR H 78 -31.11 -6.95 -29.96
N GLY H 79 -32.04 -6.09 -30.38
CA GLY H 79 -32.17 -4.78 -29.79
C GLY H 79 -31.02 -3.84 -30.07
N ASP H 80 -30.39 -3.99 -31.24
CA ASP H 80 -29.27 -3.14 -31.66
C ASP H 80 -28.03 -3.32 -30.79
N SER H 81 -27.87 -4.48 -30.16
CA SER H 81 -26.62 -4.75 -29.46
C SER H 81 -25.46 -4.87 -30.46
N PRO H 82 -24.25 -4.52 -30.06
CA PRO H 82 -23.12 -4.50 -30.99
C PRO H 82 -22.49 -5.87 -31.23
N ARG H 83 -21.89 -6.02 -32.41
CA ARG H 83 -20.93 -7.10 -32.69
C ARG H 83 -19.67 -6.42 -33.23
N TYR H 84 -18.71 -6.18 -32.34
CA TYR H 84 -17.45 -5.53 -32.65
C TYR H 84 -16.35 -6.56 -32.46
N MET H 85 -15.84 -7.09 -33.56
CA MET H 85 -15.02 -8.30 -33.56
C MET H 85 -14.60 -8.63 -34.98
N SER H 86 -13.65 -9.55 -35.11
CA SER H 86 -13.36 -10.20 -36.38
C SER H 86 -13.80 -11.66 -36.30
N THR H 87 -14.19 -12.23 -37.44
CA THR H 87 -14.80 -13.55 -37.45
C THR H 87 -14.25 -14.37 -38.61
N VAL H 88 -14.38 -15.69 -38.45
CA VAL H 88 -14.16 -16.66 -39.52
C VAL H 88 -15.43 -17.50 -39.64
N GLY H 89 -15.95 -17.59 -40.85
CA GLY H 89 -17.21 -18.28 -41.07
C GLY H 89 -17.07 -19.78 -41.18
N GLN H 90 -18.22 -20.45 -41.11
CA GLN H 90 -18.23 -21.92 -41.12
C GLN H 90 -17.72 -22.48 -42.44
N LYS H 91 -18.12 -21.88 -43.56
CA LYS H 91 -17.67 -22.37 -44.86
C LYS H 91 -16.14 -22.39 -44.96
N ALA H 92 -15.50 -21.32 -44.48
CA ALA H 92 -14.04 -21.30 -44.45
C ALA H 92 -13.48 -22.45 -43.62
N ILE H 93 -14.01 -22.64 -42.41
CA ILE H 93 -13.51 -23.70 -41.53
C ILE H 93 -13.74 -25.06 -42.17
N ALA H 94 -14.88 -25.27 -42.82
CA ALA H 94 -15.15 -26.59 -43.41
C ALA H 94 -14.25 -26.86 -44.61
N THR H 95 -13.83 -25.80 -45.30
CA THR H 95 -13.01 -25.97 -46.49
C THR H 95 -11.53 -26.14 -46.12
N ASP H 96 -11.00 -25.22 -45.31
CA ASP H 96 -9.59 -25.22 -44.96
C ASP H 96 -9.28 -25.97 -43.68
N GLY H 97 -10.28 -26.26 -42.84
CA GLY H 97 -10.03 -26.92 -41.58
C GLY H 97 -10.04 -28.44 -41.70
N SER H 98 -9.70 -29.09 -40.59
CA SER H 98 -9.60 -30.53 -40.56
C SER H 98 -10.09 -31.07 -39.23
N LEU H 99 -9.41 -30.69 -38.14
CA LEU H 99 -9.76 -31.20 -36.82
C LEU H 99 -11.14 -30.71 -36.39
N ILE H 100 -11.46 -29.43 -36.64
CA ILE H 100 -12.72 -28.87 -36.14
C ILE H 100 -13.93 -29.56 -36.76
N PRO H 101 -14.02 -29.78 -38.07
CA PRO H 101 -15.16 -30.57 -38.58
C PRO H 101 -15.19 -32.00 -38.07
N ALA H 102 -14.02 -32.58 -37.72
CA ALA H 102 -14.01 -33.92 -37.15
C ALA H 102 -14.55 -33.92 -35.73
N VAL H 103 -14.03 -33.04 -34.89
CA VAL H 103 -14.52 -32.90 -33.53
C VAL H 103 -16.02 -32.61 -33.52
N TYR H 104 -16.50 -31.87 -34.51
CA TYR H 104 -17.93 -31.57 -34.55
C TYR H 104 -18.77 -32.83 -34.77
N GLU H 105 -18.23 -33.84 -35.44
CA GLU H 105 -18.97 -35.08 -35.69
C GLU H 105 -18.77 -36.11 -34.58
N SER H 106 -18.04 -35.76 -33.53
CA SER H 106 -17.66 -36.74 -32.51
C SER H 106 -18.89 -37.37 -31.87
N THR H 107 -19.03 -38.68 -32.03
CA THR H 107 -20.11 -39.40 -31.35
C THR H 107 -19.94 -39.33 -29.84
N ALA H 108 -18.70 -39.42 -29.36
CA ALA H 108 -18.48 -39.42 -27.91
C ALA H 108 -18.73 -38.06 -27.31
N LEU H 109 -18.31 -36.99 -28.01
CA LEU H 109 -18.54 -35.64 -27.48
C LEU H 109 -20.02 -35.31 -27.41
N LYS H 110 -20.77 -35.63 -28.47
CA LYS H 110 -22.21 -35.35 -28.44
C LYS H 110 -22.93 -36.25 -27.46
N GLY H 111 -22.42 -37.46 -27.24
CA GLY H 111 -23.05 -38.35 -26.26
C GLY H 111 -22.89 -37.85 -24.84
N PHE H 112 -21.72 -37.31 -24.49
CA PHE H 112 -21.57 -36.74 -23.17
C PHE H 112 -22.45 -35.51 -22.98
N LEU H 113 -22.51 -34.64 -24.00
CA LEU H 113 -23.38 -33.48 -23.91
C LEU H 113 -24.83 -33.90 -23.75
N SER H 114 -25.22 -35.04 -24.35
CA SER H 114 -26.59 -35.53 -24.22
C SER H 114 -26.90 -35.92 -22.78
N ARG H 115 -25.92 -36.47 -22.06
CA ARG H 115 -26.07 -36.75 -20.64
C ARG H 115 -26.40 -35.48 -19.87
N LEU H 116 -25.66 -34.40 -20.15
CA LEU H 116 -25.87 -33.13 -19.46
C LEU H 116 -27.22 -32.54 -19.82
N ALA H 117 -27.59 -32.60 -21.10
CA ALA H 117 -28.84 -32.01 -21.57
C ALA H 117 -30.06 -32.89 -21.34
N LYS H 118 -29.86 -34.18 -21.02
CA LYS H 118 -30.96 -35.13 -20.81
C LYS H 118 -31.82 -35.31 -22.05
N GLU H 119 -31.21 -35.12 -23.22
CA GLU H 119 -31.87 -35.36 -24.49
C GLU H 119 -30.77 -35.43 -25.54
N GLU H 120 -31.15 -35.82 -26.76
CA GLU H 120 -30.13 -36.04 -27.77
C GLU H 120 -29.57 -34.72 -28.26
N VAL H 121 -28.25 -34.59 -28.19
CA VAL H 121 -27.52 -33.49 -28.82
C VAL H 121 -27.05 -33.99 -30.19
N MET H 122 -27.37 -33.24 -31.24
CA MET H 122 -27.14 -33.74 -32.58
C MET H 122 -26.68 -32.60 -33.48
N GLY H 123 -26.48 -32.92 -34.76
CA GLY H 123 -25.92 -31.95 -35.67
C GLY H 123 -26.89 -30.82 -35.98
N CYS H 124 -26.33 -29.65 -36.22
CA CYS H 124 -27.15 -28.50 -36.57
C CYS H 124 -27.74 -28.68 -37.96
N PRO H 125 -29.05 -28.50 -38.14
CA PRO H 125 -29.66 -28.67 -39.47
C PRO H 125 -29.25 -27.61 -40.48
N TRP H 126 -28.58 -26.54 -40.05
CA TRP H 126 -28.14 -25.48 -40.94
C TRP H 126 -26.61 -25.45 -40.88
N ASP H 127 -25.97 -25.87 -41.98
CA ASP H 127 -24.53 -26.13 -41.97
C ASP H 127 -23.74 -24.92 -41.50
N GLU H 128 -24.17 -23.72 -41.88
CA GLU H 128 -23.35 -22.54 -41.64
C GLU H 128 -23.29 -22.14 -40.19
N GLU H 129 -24.05 -22.77 -39.29
CA GLU H 129 -23.92 -22.49 -37.86
C GLU H 129 -23.19 -23.60 -37.10
N LYS H 130 -22.73 -24.66 -37.78
CA LYS H 130 -22.08 -25.76 -37.06
C LYS H 130 -20.90 -25.26 -36.25
N TYR H 131 -20.05 -24.41 -36.83
CA TYR H 131 -18.92 -23.90 -36.10
C TYR H 131 -18.49 -22.57 -36.71
N ILE H 132 -18.07 -21.63 -35.85
CA ILE H 132 -17.52 -20.36 -36.25
C ILE H 132 -16.41 -19.98 -35.27
N ILE H 133 -15.61 -18.99 -35.66
CA ILE H 133 -14.54 -18.44 -34.82
C ILE H 133 -14.77 -16.94 -34.69
N THR H 134 -14.56 -16.41 -33.49
CA THR H 134 -14.55 -14.97 -33.31
C THR H 134 -13.24 -14.55 -32.67
N ARG H 135 -12.72 -13.41 -33.11
CA ARG H 135 -11.50 -12.83 -32.58
C ARG H 135 -11.79 -11.40 -32.15
N GLN H 136 -11.66 -11.13 -30.85
CA GLN H 136 -11.83 -9.80 -30.31
C GLN H 136 -10.44 -9.25 -30.00
N HIS H 137 -10.13 -8.05 -30.51
CA HIS H 137 -8.74 -7.60 -30.49
C HIS H 137 -8.56 -6.10 -30.32
N GLN H 138 -9.65 -5.34 -30.32
CA GLN H 138 -9.59 -3.89 -30.16
C GLN H 138 -10.34 -3.47 -28.90
N LYS H 139 -9.88 -2.38 -28.30
CA LYS H 139 -10.61 -1.77 -27.20
C LYS H 139 -12.06 -1.52 -27.61
N GLY H 140 -13.00 -2.00 -26.80
CA GLY H 140 -14.41 -1.88 -27.10
C GLY H 140 -15.02 -3.09 -27.76
N ASP H 141 -14.23 -4.11 -28.09
CA ASP H 141 -14.75 -5.28 -28.78
C ASP H 141 -15.65 -6.09 -27.87
N THR H 142 -16.71 -6.64 -28.45
CA THR H 142 -17.73 -7.30 -27.65
C THR H 142 -18.59 -8.15 -28.57
N HIS H 143 -19.06 -9.27 -28.02
CA HIS H 143 -20.17 -10.02 -28.58
C HIS H 143 -21.39 -9.61 -27.75
N GLY H 144 -22.17 -8.68 -28.27
CA GLY H 144 -23.23 -8.04 -27.50
C GLY H 144 -24.40 -8.98 -27.20
N TRP H 145 -25.32 -8.48 -26.38
CA TRP H 145 -26.45 -9.26 -25.90
C TRP H 145 -27.17 -9.96 -27.05
N HIS H 146 -27.41 -11.26 -26.89
CA HIS H 146 -27.99 -12.04 -27.98
C HIS H 146 -28.44 -13.40 -27.46
N TRP H 147 -29.25 -14.06 -28.26
CA TRP H 147 -29.55 -15.48 -28.16
C TRP H 147 -28.98 -16.19 -29.38
N GLY H 148 -29.02 -17.51 -29.35
CA GLY H 148 -28.68 -18.30 -30.52
C GLY H 148 -29.92 -18.93 -31.11
N ASP H 149 -29.85 -19.28 -32.40
CA ASP H 149 -30.94 -19.96 -33.08
C ASP H 149 -31.06 -21.43 -32.72
N PHE H 150 -30.05 -22.03 -32.09
CA PHE H 150 -30.05 -23.45 -31.77
C PHE H 150 -29.65 -23.66 -30.32
N SER H 151 -29.73 -24.91 -29.87
CA SER H 151 -29.85 -25.18 -28.44
C SER H 151 -28.52 -25.32 -27.70
N PHE H 152 -27.51 -25.97 -28.30
CA PHE H 152 -26.37 -26.48 -27.52
C PHE H 152 -25.05 -25.95 -28.06
N THR H 153 -24.52 -24.91 -27.42
CA THR H 153 -23.32 -24.23 -27.87
C THR H 153 -22.16 -24.53 -26.92
N VAL H 154 -21.04 -25.01 -27.46
CA VAL H 154 -19.82 -25.22 -26.68
C VAL H 154 -18.80 -24.18 -27.13
N ILE H 155 -18.30 -23.42 -26.17
CA ILE H 155 -17.33 -22.35 -26.44
C ILE H 155 -15.97 -22.82 -25.97
N TRP H 156 -14.96 -22.68 -26.84
CA TRP H 156 -13.58 -23.01 -26.58
C TRP H 156 -12.78 -21.71 -26.46
N LEU H 157 -12.09 -21.52 -25.34
CA LEU H 157 -11.34 -20.30 -25.08
C LEU H 157 -9.93 -20.48 -25.62
N ILE H 158 -9.75 -20.17 -26.91
CA ILE H 158 -8.45 -20.36 -27.56
C ILE H 158 -7.42 -19.37 -27.01
N GLU H 159 -7.82 -18.11 -26.84
CA GLU H 159 -7.02 -17.09 -26.17
C GLU H 159 -7.94 -16.23 -25.34
N ALA H 160 -7.42 -15.72 -24.22
CA ALA H 160 -8.20 -14.81 -23.40
C ALA H 160 -7.26 -13.95 -22.58
N PRO H 161 -7.53 -12.66 -22.44
CA PRO H 161 -6.76 -11.83 -21.52
C PRO H 161 -7.29 -12.00 -20.10
N SER H 162 -6.51 -11.53 -19.13
CA SER H 162 -7.00 -11.39 -17.77
C SER H 162 -8.33 -10.66 -17.78
N LEU H 163 -9.22 -11.06 -16.86
CA LEU H 163 -10.60 -10.60 -16.87
C LEU H 163 -10.73 -9.12 -16.55
N GLU H 164 -9.73 -8.53 -15.87
CA GLU H 164 -9.71 -7.09 -15.65
C GLU H 164 -9.71 -6.31 -16.96
N TYR H 165 -9.44 -6.96 -18.09
CA TYR H 165 -9.45 -6.30 -19.39
C TYR H 165 -10.73 -6.56 -20.18
N GLY H 166 -11.71 -7.27 -19.60
CA GLY H 166 -12.97 -7.57 -20.26
C GLY H 166 -13.06 -9.03 -20.67
N GLY H 167 -14.14 -9.34 -21.39
CA GLY H 167 -14.36 -10.67 -21.94
C GLY H 167 -15.24 -11.57 -21.09
N MET H 168 -15.58 -11.15 -19.88
CA MET H 168 -16.39 -11.97 -18.99
C MET H 168 -17.74 -12.29 -19.63
N LEU H 169 -18.18 -13.53 -19.46
CA LEU H 169 -19.49 -13.91 -19.98
C LEU H 169 -20.58 -13.48 -19.01
N GLN H 170 -21.74 -13.10 -19.55
CA GLN H 170 -22.89 -12.73 -18.74
C GLN H 170 -24.11 -13.44 -19.29
N CYS H 171 -24.98 -13.94 -18.40
CA CYS H 171 -26.09 -14.80 -18.80
C CYS H 171 -27.37 -14.47 -18.04
N ILE H 172 -28.50 -14.63 -18.74
CA ILE H 172 -29.83 -14.71 -18.13
C ILE H 172 -30.57 -15.91 -18.71
N PRO H 173 -30.76 -16.98 -17.93
CA PRO H 173 -31.40 -18.19 -18.47
C PRO H 173 -32.92 -18.08 -18.47
N HIS H 174 -33.56 -19.07 -19.10
CA HIS H 174 -35.02 -19.21 -19.14
C HIS H 174 -35.69 -17.96 -19.70
N THR H 175 -35.16 -17.48 -20.81
CA THR H 175 -35.73 -16.40 -21.61
C THR H 175 -35.98 -16.94 -23.01
N ASP H 176 -36.40 -16.08 -23.92
CA ASP H 176 -36.61 -16.50 -25.30
C ASP H 176 -36.26 -15.38 -26.26
N TRP H 177 -35.94 -15.75 -27.50
CA TRP H 177 -35.56 -14.81 -28.54
C TRP H 177 -36.78 -14.50 -29.40
N ASN H 178 -37.31 -13.28 -29.27
CA ASN H 178 -38.33 -12.76 -30.19
C ASN H 178 -37.66 -11.75 -31.11
N LYS H 179 -37.40 -12.14 -32.36
CA LYS H 179 -36.57 -11.29 -33.22
C LYS H 179 -37.29 -10.00 -33.63
N ASP H 180 -38.61 -9.99 -33.63
CA ASP H 180 -39.37 -8.78 -33.96
C ASP H 180 -39.45 -7.83 -32.78
N ASP H 181 -39.29 -8.33 -31.56
CA ASP H 181 -39.48 -7.54 -30.34
C ASP H 181 -38.63 -8.16 -29.24
N PRO H 182 -37.31 -7.99 -29.31
CA PRO H 182 -36.43 -8.76 -28.41
C PRO H 182 -36.54 -8.35 -26.95
N ARG H 183 -36.82 -7.09 -26.67
CA ARG H 183 -37.07 -6.61 -25.32
C ARG H 183 -35.92 -6.93 -24.37
N VAL H 184 -34.70 -6.62 -24.81
CA VAL H 184 -33.51 -7.01 -24.04
C VAL H 184 -33.48 -6.26 -22.71
N GLU H 185 -33.68 -4.95 -22.74
CA GLU H 185 -33.63 -4.16 -21.51
C GLU H 185 -34.65 -4.65 -20.49
N ASP H 186 -35.84 -5.09 -20.96
CA ASP H 186 -36.84 -5.64 -20.06
C ASP H 186 -36.34 -6.92 -19.37
N TYR H 187 -35.72 -7.82 -20.14
CA TYR H 187 -35.18 -9.04 -19.56
C TYR H 187 -34.15 -8.73 -18.48
N LEU H 188 -33.25 -7.76 -18.72
CA LEU H 188 -32.24 -7.42 -17.72
C LEU H 188 -32.88 -6.90 -16.44
N GLN H 189 -33.98 -6.14 -16.55
CA GLN H 189 -34.66 -5.60 -15.37
C GLN H 189 -35.45 -6.66 -14.61
N LYS H 190 -35.95 -7.69 -15.30
CA LYS H 190 -36.78 -8.69 -14.64
C LYS H 190 -35.99 -9.80 -13.98
N HIS H 191 -34.73 -9.98 -14.31
CA HIS H 191 -33.95 -11.14 -13.88
C HIS H 191 -32.54 -10.75 -13.50
N PRO H 192 -31.92 -11.47 -12.57
CA PRO H 192 -30.51 -11.23 -12.28
C PRO H 192 -29.61 -11.67 -13.42
N ILE H 193 -28.46 -10.99 -13.55
CA ILE H 193 -27.40 -11.38 -14.47
C ILE H 193 -26.35 -12.14 -13.68
N ARG H 194 -25.97 -13.31 -14.19
CA ARG H 194 -24.81 -14.03 -13.65
C ARG H 194 -23.60 -13.83 -14.56
N SER H 195 -22.43 -13.64 -13.96
CA SER H 195 -21.20 -13.41 -14.71
C SER H 195 -20.22 -14.56 -14.47
N TYR H 196 -19.61 -15.02 -15.56
CA TYR H 196 -18.72 -16.18 -15.55
C TYR H 196 -17.40 -15.83 -16.22
N GLY H 197 -16.29 -16.03 -15.51
CA GLY H 197 -14.99 -15.76 -16.07
C GLY H 197 -14.35 -17.00 -16.67
N HIS H 198 -13.54 -16.80 -17.70
CA HIS H 198 -12.88 -17.91 -18.35
C HIS H 198 -11.43 -17.56 -18.67
N ALA H 199 -10.60 -18.59 -18.76
CA ALA H 199 -9.20 -18.43 -19.13
C ALA H 199 -8.89 -19.35 -20.30
N LYS H 200 -7.75 -19.07 -20.95
CA LYS H 200 -7.28 -19.91 -22.04
C LYS H 200 -7.27 -21.38 -21.64
N GLY H 201 -7.81 -22.23 -22.52
CA GLY H 201 -7.95 -23.65 -22.25
C GLY H 201 -9.31 -24.07 -21.74
N ASP H 202 -10.14 -23.13 -21.26
CA ASP H 202 -11.47 -23.44 -20.77
C ASP H 202 -12.42 -23.82 -21.91
N LEU H 203 -13.40 -24.66 -21.57
CA LEU H 203 -14.56 -24.93 -22.40
C LEU H 203 -15.82 -24.77 -21.56
N TYR H 204 -16.91 -24.34 -22.18
CA TYR H 204 -18.15 -24.24 -21.45
C TYR H 204 -19.32 -24.49 -22.39
N LEU H 205 -20.41 -24.98 -21.80
CA LEU H 205 -21.62 -25.32 -22.53
C LEU H 205 -22.69 -24.30 -22.19
N LEU H 206 -23.40 -23.83 -23.22
CA LEU H 206 -24.43 -22.81 -23.03
C LEU H 206 -25.69 -23.22 -23.78
N ARG H 207 -26.84 -23.02 -23.14
CA ARG H 207 -28.13 -23.28 -23.77
C ARG H 207 -28.51 -21.99 -24.53
N SER H 208 -28.03 -21.88 -25.77
CA SER H 208 -27.99 -20.57 -26.41
C SER H 208 -29.37 -20.06 -26.83
N ASP H 209 -30.35 -20.94 -27.04
CA ASP H 209 -31.66 -20.47 -27.48
C ASP H 209 -32.48 -19.84 -26.37
N THR H 210 -32.24 -20.18 -25.10
CA THR H 210 -33.03 -19.65 -24.00
C THR H 210 -32.19 -18.89 -22.99
N THR H 211 -30.91 -18.67 -23.26
CA THR H 211 -30.06 -17.90 -22.36
C THR H 211 -29.61 -16.64 -23.08
N LEU H 212 -30.07 -15.50 -22.59
CA LEU H 212 -29.58 -14.22 -23.08
C LEU H 212 -28.14 -14.03 -22.59
N HIS H 213 -27.23 -13.74 -23.52
CA HIS H 213 -25.83 -13.73 -23.11
C HIS H 213 -25.01 -12.75 -23.95
N ARG H 214 -23.88 -12.34 -23.39
CA ARG H 214 -22.94 -11.43 -24.03
C ARG H 214 -21.56 -11.60 -23.39
N THR H 215 -20.55 -11.00 -24.00
CA THR H 215 -19.26 -10.82 -23.35
C THR H 215 -19.06 -9.34 -23.04
N VAL H 216 -18.47 -9.07 -21.88
CA VAL H 216 -18.23 -7.70 -21.46
C VAL H 216 -17.17 -7.08 -22.37
N PRO H 217 -17.37 -5.84 -22.86
CA PRO H 217 -16.42 -5.27 -23.82
C PRO H 217 -15.00 -5.24 -23.29
N LEU H 218 -14.04 -5.49 -24.18
CA LEU H 218 -12.65 -5.26 -23.82
C LEU H 218 -12.47 -3.78 -23.50
N ASN H 219 -11.68 -3.49 -22.46
CA ASN H 219 -11.34 -2.12 -22.10
C ASN H 219 -9.89 -1.79 -22.42
N ALA H 220 -9.20 -2.70 -23.11
CA ALA H 220 -7.84 -2.47 -23.57
C ALA H 220 -7.65 -3.29 -24.83
N ASP H 221 -6.57 -3.00 -25.56
CA ASP H 221 -6.29 -3.70 -26.82
C ASP H 221 -5.61 -5.05 -26.54
N ARG H 222 -6.40 -5.98 -26.04
CA ARG H 222 -5.98 -7.35 -25.78
C ARG H 222 -6.69 -8.28 -26.76
N THR H 223 -6.34 -9.57 -26.71
CA THR H 223 -6.84 -10.55 -27.68
C THR H 223 -7.64 -11.65 -26.98
N ARG H 224 -8.87 -11.86 -27.44
CA ARG H 224 -9.72 -12.94 -26.96
C ARG H 224 -10.27 -13.70 -28.16
N ILE H 225 -9.94 -14.99 -28.26
CA ILE H 225 -10.34 -15.81 -29.40
C ILE H 225 -11.15 -17.01 -28.89
N ILE H 226 -12.28 -17.29 -29.55
CA ILE H 226 -13.05 -18.48 -29.24
C ILE H 226 -13.40 -19.23 -30.51
N LEU H 227 -13.55 -20.54 -30.36
CA LEU H 227 -14.25 -21.39 -31.32
C LEU H 227 -15.63 -21.67 -30.76
N ASN H 228 -16.64 -21.54 -31.60
CA ASN H 228 -18.02 -21.84 -31.22
C ASN H 228 -18.44 -23.06 -32.03
N THR H 229 -18.65 -24.19 -31.36
CA THR H 229 -19.24 -25.37 -31.96
C THR H 229 -20.66 -25.51 -31.43
N CYS H 230 -21.63 -25.47 -32.34
CA CYS H 230 -23.04 -25.32 -31.99
C CYS H 230 -23.82 -26.53 -32.48
N TRP H 231 -24.36 -27.30 -31.55
CA TRP H 231 -25.18 -28.46 -31.86
C TRP H 231 -26.65 -28.14 -31.56
N ALA H 232 -27.52 -29.09 -31.85
CA ALA H 232 -28.95 -28.83 -31.90
C ALA H 232 -29.75 -29.98 -31.29
N SER H 233 -31.00 -29.68 -30.96
CA SER H 233 -31.93 -30.66 -30.41
C SER H 233 -32.74 -31.30 -31.53
N ARG H 234 -33.52 -32.33 -31.16
CA ARG H 234 -34.41 -32.97 -32.12
C ARG H 234 -35.44 -31.97 -32.65
N ALA H 235 -36.05 -31.18 -31.75
CA ALA H 235 -37.00 -30.15 -32.20
C ALA H 235 -36.35 -29.14 -33.12
N ASP H 236 -35.04 -28.85 -32.92
CA ASP H 236 -34.38 -27.88 -33.79
C ASP H 236 -34.35 -28.33 -35.25
N GLN H 237 -34.47 -29.63 -35.51
CA GLN H 237 -34.23 -30.14 -36.86
C GLN H 237 -35.27 -29.62 -37.85
N GLN H 238 -36.56 -29.66 -37.48
CA GLN H 238 -37.63 -29.22 -38.36
C GLN H 238 -38.09 -27.80 -38.08
N LYS H 239 -37.50 -27.13 -37.10
CA LYS H 239 -37.91 -25.79 -36.72
C LYS H 239 -37.62 -24.80 -37.84
N ALA H 240 -38.59 -23.93 -38.13
CA ALA H 240 -38.39 -22.86 -39.10
C ALA H 240 -37.47 -21.80 -38.53
N THR H 241 -36.33 -21.57 -39.18
CA THR H 241 -35.27 -20.71 -38.66
C THR H 241 -34.81 -19.73 -39.73
N THR H 242 -34.78 -18.44 -39.39
CA THR H 242 -34.12 -17.42 -40.20
C THR H 242 -32.72 -17.17 -39.65
N HIS H 243 -31.84 -16.67 -40.52
CA HIS H 243 -30.41 -16.66 -40.22
C HIS H 243 -29.78 -15.29 -40.38
N GLU H 244 -30.56 -14.23 -40.14
CA GLU H 244 -30.09 -12.86 -40.41
C GLU H 244 -28.83 -12.51 -39.61
N THR H 245 -28.79 -12.83 -38.31
CA THR H 245 -27.63 -12.48 -37.52
C THR H 245 -26.40 -13.25 -37.99
N MET H 246 -26.60 -14.51 -38.35
CA MET H 246 -25.50 -15.35 -38.83
C MET H 246 -24.93 -14.79 -40.13
N ASN H 247 -25.82 -14.38 -41.05
CA ASN H 247 -25.41 -13.82 -42.33
C ASN H 247 -24.71 -12.47 -42.17
N ALA H 248 -25.09 -11.70 -41.16
CA ALA H 248 -24.47 -10.40 -40.97
C ALA H 248 -23.09 -10.48 -40.35
N MET H 249 -22.78 -11.55 -39.60
CA MET H 249 -21.48 -11.58 -38.93
C MET H 249 -20.45 -12.53 -39.55
N PHE H 250 -20.84 -13.41 -40.47
CA PHE H 250 -19.90 -14.36 -41.05
C PHE H 250 -20.02 -14.44 -42.57
N ASP H 251 -18.88 -14.53 -43.24
CA ASP H 251 -18.84 -14.89 -44.66
C ASP H 251 -19.27 -16.34 -44.85
C1 SIN I . 6.65 16.30 -29.00
O1 SIN I . 7.88 16.20 -28.74
O2 SIN I . 6.28 16.92 -30.02
C2 SIN I . 5.58 15.68 -28.11
C3 SIN I . 4.21 15.94 -28.74
C4 SIN I . 3.11 15.63 -27.76
O3 SIN I . 2.18 14.83 -28.05
O4 SIN I . 3.09 16.19 -26.64
N LYS J . 13.17 20.09 -31.70
CA LYS J . 12.13 20.00 -30.68
C LYS J . 11.40 21.32 -30.58
O LYS J . 10.48 21.49 -29.76
CB LYS J . 12.72 19.63 -29.33
CG LYS J . 12.07 18.43 -28.67
CD LYS J . 12.31 17.16 -29.49
CE LYS J . 12.19 15.90 -28.63
NZ LYS J . 12.88 14.73 -29.25
OXT LYS J . 11.74 22.28 -31.30
C1 SIN K . 20.18 13.20 6.78
O1 SIN K . 19.47 12.49 6.04
O2 SIN K . 20.35 14.41 6.49
C2 SIN K . 20.78 12.60 8.02
C3 SIN K . 21.34 11.22 7.65
C4 SIN K . 21.85 10.51 8.87
O3 SIN K . 21.49 10.92 10.00
O4 SIN K . 22.65 9.54 8.78
N LYS L . 23.24 4.60 14.28
CA LYS L . 22.53 4.95 13.06
C LYS L . 21.03 4.88 13.31
O LYS L . 20.60 4.40 14.37
CB LYS L . 22.91 4.02 11.90
CG LYS L . 23.37 4.78 10.66
CD LYS L . 24.69 5.48 10.95
CE LYS L . 25.43 5.89 9.68
NZ LYS L . 26.78 6.44 10.01
OXT LYS L . 20.24 5.27 12.44
C1 SIN M . -3.17 19.87 22.32
O1 SIN M . -3.88 18.93 21.92
O2 SIN M . -2.42 19.67 23.30
C2 SIN M . -3.22 21.22 21.63
C3 SIN M . -4.65 21.41 21.14
C4 SIN M . -4.73 22.56 20.17
O3 SIN M . -5.80 23.19 19.99
O4 SIN M . -3.69 22.88 19.56
N LYS N . -6.74 27.46 14.16
CA LYS N . -6.81 26.08 14.64
C LYS N . -6.08 25.15 13.68
O LYS N . -5.93 23.95 13.95
CB LYS N . -8.27 25.62 14.80
CG LYS N . -8.58 25.03 16.17
CD LYS N . -8.30 26.08 17.24
CE LYS N . -9.04 25.77 18.55
NZ LYS N . -9.24 27.03 19.32
OXT LYS N . -5.61 25.61 12.63
C1 SIN O . 40.71 -4.85 -28.07
O1 SIN O . 40.86 -6.05 -27.73
O2 SIN O . 39.60 -4.29 -27.92
C2 SIN O . 41.87 -4.10 -28.66
C3 SIN O . 43.04 -5.03 -28.90
C4 SIN O . 44.31 -4.23 -29.11
O3 SIN O . 44.66 -3.39 -28.26
O4 SIN O . 45.01 -4.40 -30.12
N LYS P . 34.36 -7.75 -24.05
CA LYS P . 35.50 -6.86 -23.94
C LYS P . 36.45 -7.34 -22.84
O LYS P . 36.13 -8.25 -22.08
CB LYS P . 35.05 -5.42 -23.65
CG LYS P . 35.64 -4.37 -24.58
CD LYS P . 35.21 -4.62 -26.00
CE LYS P . 35.24 -3.34 -26.84
NZ LYS P . 34.48 -3.52 -28.11
OXT LYS P . 37.54 -6.82 -22.69
C1 SIN Q . -30.64 -23.72 16.62
O1 SIN Q . -31.07 -24.54 17.45
O2 SIN Q . -29.83 -24.13 15.74
C2 SIN Q . -31.11 -22.28 16.67
C3 SIN Q . -31.67 -22.03 18.06
C4 SIN Q . -32.23 -20.63 18.19
O3 SIN Q . -32.13 -19.99 19.26
O4 SIN Q . -32.82 -20.11 17.21
N LYS R . -37.23 -14.99 20.69
CA LYS R . -36.82 -16.39 20.75
C LYS R . -37.93 -17.29 20.25
O LYS R . -37.73 -18.51 20.12
CB LYS R . -36.43 -16.79 22.17
CG LYS R . -35.15 -17.58 22.24
CD LYS R . -33.98 -16.73 21.80
CE LYS R . -32.72 -17.12 22.54
NZ LYS R . -31.68 -16.06 22.42
OXT LYS R . -39.04 -16.81 19.97
C1 SIN S . -26.87 7.24 -11.28
O1 SIN S . -28.04 6.78 -11.28
O2 SIN S . -26.47 7.91 -12.27
C2 SIN S . -25.95 6.94 -10.12
C3 SIN S . -25.11 8.17 -9.78
C4 SIN S . -24.06 7.81 -8.76
O3 SIN S . -23.68 6.62 -8.65
O4 SIN S . -23.56 8.68 -8.01
N LYS T . -16.75 7.33 -4.94
CA LYS T . -17.55 7.75 -6.10
C LYS T . -16.98 7.21 -7.40
O LYS T . -15.98 6.49 -7.39
CB LYS T . -17.61 9.28 -6.19
CG LYS T . -19.01 9.82 -6.48
CD LYS T . -19.88 9.64 -5.25
CE LYS T . -20.98 10.69 -5.16
NZ LYS T . -21.55 10.69 -3.78
OXT LYS T . -17.54 7.47 -8.47
C1 SIN U . 7.86 -9.36 43.68
O1 SIN U . 7.16 -8.58 44.38
O2 SIN U . 7.35 -9.93 42.68
C2 SIN U . 9.30 -9.60 44.04
C3 SIN U . 9.70 -8.84 45.31
C4 SIN U . 11.22 -8.91 45.43
O3 SIN U . 11.77 -9.40 46.44
O4 SIN U . 11.95 -8.48 44.52
N LYS V . 0.76 -7.54 40.23
CA LYS V . 2.21 -7.40 40.16
C LYS V . 2.61 -5.94 40.23
O LYS V . 1.76 -5.04 40.24
CB LYS V . 2.76 -8.04 38.88
CG LYS V . 3.93 -8.98 39.09
CD LYS V . 3.47 -10.25 39.80
CE LYS V . 4.29 -11.48 39.40
NZ LYS V . 3.69 -12.73 39.97
OXT LYS V . 3.80 -5.63 40.30
C1 SIN W . -20.90 -16.46 -28.43
O1 SIN W . -22.12 -16.31 -28.14
O2 SIN W . -20.60 -17.18 -29.40
C2 SIN W . -19.84 -15.75 -27.63
C3 SIN W . -19.25 -16.69 -26.59
C4 SIN W . -17.96 -16.10 -26.07
O3 SIN W . -17.55 -16.42 -24.93
O4 SIN W . -17.29 -15.30 -26.77
N LYS X . -27.22 -15.29 -33.13
CA LYS X . -25.84 -14.90 -32.84
C LYS X . -25.74 -13.40 -32.53
O LYS X . -26.71 -12.65 -32.62
CB LYS X . -24.93 -15.26 -34.02
CG LYS X . -23.80 -16.22 -33.65
CD LYS X . -24.35 -17.59 -33.27
CE LYS X . -23.33 -18.70 -33.49
NZ LYS X . -23.80 -20.00 -32.92
OXT LYS X . -24.67 -12.90 -32.17
#